data_1PZF
#
_entry.id   1PZF
#
_cell.length_a   68.065
_cell.length_b   124.976
_cell.length_c   86.686
_cell.angle_alpha   90.00
_cell.angle_beta   106.09
_cell.angle_gamma   90.00
#
_symmetry.space_group_name_H-M   'P 1 21 1'
#
loop_
_entity.id
_entity.type
_entity.pdbx_description
1 polymer 'lactate dehydrogenase'
2 non-polymer 'OXALATE ION'
3 non-polymer '3-ACETYLPYRIDINE ADENINE DINUCLEOTIDE'
4 water water
#
_entity_poly.entity_id   1
_entity_poly.type   'polypeptide(L)'
_entity_poly.pdbx_seq_one_letter_code
;MAPALVQRRKKVAMIGSGMIGGTMGYLCALRELADVVLYDVVKGMPEGKALDLSHVTSVVDTNVSVRAEYSYEAALTGAD
CVIVTAGLTKVPGKPDSEWSRNDLLPFNSKIIREIGQNIKKYCPKTFIIVVTNPLDCMVKVMCEASGVPTNMICGMACML
DSGRFRRYVADALSVSPRDVQATVIGTHGDCMVPLVRYITVNGYPIQKFIKDGVVTEKQLEEIAEHTKVSGGEIVRFLGQ
GSAYYAPAASAVAMATSFLNDEKRVIPCSVYCNGEYGLKDMFIGLPAVIGGAGIERVIELELNEEEKKQFQKSVDDVMAL
NKAVAALQAPG
;
_entity_poly.pdbx_strand_id   A,B,C,D
#
loop_
_chem_comp.id
_chem_comp.type
_chem_comp.name
_chem_comp.formula
A3D non-polymer '3-ACETYLPYRIDINE ADENINE DINUCLEOTIDE' 'C22 H28 N6 O14 P2'
OXL non-polymer 'OXALATE ION' 'C2 O4 -2'
#
# COMPACT_ATOMS: atom_id res chain seq x y z
N PRO A 3 10.23 -27.91 -7.22
CA PRO A 3 10.42 -27.89 -8.70
C PRO A 3 10.98 -26.58 -9.27
N ALA A 4 10.99 -26.49 -10.60
CA ALA A 4 11.51 -25.34 -11.33
C ALA A 4 10.90 -23.96 -11.04
N LEU A 5 11.76 -22.99 -10.71
CA LEU A 5 11.34 -21.62 -10.42
C LEU A 5 10.87 -20.99 -11.72
N VAL A 6 9.67 -20.41 -11.70
CA VAL A 6 9.11 -19.80 -12.90
C VAL A 6 9.01 -18.29 -12.76
N GLN A 7 8.73 -17.83 -11.56
CA GLN A 7 8.62 -16.39 -11.30
C GLN A 7 9.72 -16.07 -10.28
N ARG A 8 10.79 -15.45 -10.76
CA ARG A 8 11.93 -15.07 -9.95
C ARG A 8 11.76 -13.62 -9.47
N ARG A 9 12.00 -13.36 -8.20
CA ARG A 9 11.89 -11.98 -7.72
C ARG A 9 12.86 -11.07 -8.46
N LYS A 10 12.55 -9.78 -8.47
CA LYS A 10 13.42 -8.80 -9.09
C LYS A 10 14.56 -8.64 -8.10
N LYS A 11 15.75 -8.30 -8.59
CA LYS A 11 16.91 -8.11 -7.73
C LYS A 11 17.51 -6.71 -7.95
N VAL A 12 17.68 -5.97 -6.86
CA VAL A 12 18.26 -4.65 -6.91
C VAL A 12 19.54 -4.65 -6.09
N ALA A 13 20.62 -4.16 -6.69
CA ALA A 13 21.89 -4.10 -5.98
C ALA A 13 22.26 -2.69 -5.57
N MET A 14 22.43 -2.49 -4.27
CA MET A 14 22.81 -1.19 -3.75
C MET A 14 24.34 -1.21 -3.68
N ILE A 15 25.02 -0.56 -4.62
CA ILE A 15 26.47 -0.52 -4.58
C ILE A 15 26.79 0.73 -3.78
N GLY A 16 27.13 0.52 -2.52
CA GLY A 16 27.36 1.62 -1.60
C GLY A 16 26.21 1.35 -0.63
N SER A 17 26.54 1.06 0.62
CA SER A 17 25.54 0.77 1.63
C SER A 17 25.59 1.77 2.76
N GLY A 18 25.79 3.03 2.43
CA GLY A 18 25.81 4.05 3.46
C GLY A 18 24.39 4.43 3.82
N MET A 19 24.16 5.70 4.11
CA MET A 19 22.83 6.17 4.47
C MET A 19 21.79 5.92 3.38
N ILE A 20 22.09 6.36 2.16
CA ILE A 20 21.13 6.20 1.07
C ILE A 20 20.98 4.74 0.65
N GLY A 21 22.10 4.02 0.52
CA GLY A 21 22.05 2.63 0.14
C GLY A 21 21.19 1.83 1.12
N GLY A 22 21.39 2.05 2.42
CA GLY A 22 20.60 1.34 3.41
C GLY A 22 19.13 1.74 3.37
N THR A 23 18.89 3.02 3.18
CA THR A 23 17.51 3.49 3.14
C THR A 23 16.73 2.93 1.94
N MET A 24 17.41 2.74 0.81
CA MET A 24 16.74 2.20 -0.38
C MET A 24 16.43 0.73 -0.13
N GLY A 25 17.29 0.05 0.61
CA GLY A 25 17.05 -1.34 0.93
C GLY A 25 15.78 -1.43 1.80
N TYR A 26 15.61 -0.45 2.69
CA TYR A 26 14.45 -0.39 3.58
C TYR A 26 13.16 -0.29 2.76
N LEU A 27 13.16 0.60 1.77
CA LEU A 27 12.00 0.77 0.92
C LEU A 27 11.67 -0.55 0.21
N CYS A 28 12.70 -1.24 -0.27
CA CYS A 28 12.52 -2.52 -0.97
C CYS A 28 11.91 -3.58 -0.05
N ALA A 29 12.38 -3.62 1.19
CA ALA A 29 11.87 -4.60 2.14
C ALA A 29 10.46 -4.22 2.58
N LEU A 30 10.24 -2.94 2.81
CA LEU A 30 8.93 -2.45 3.24
C LEU A 30 7.82 -2.71 2.24
N ARG A 31 8.16 -2.57 0.96
CA ARG A 31 7.20 -2.73 -0.12
C ARG A 31 7.30 -4.07 -0.85
N GLU A 32 8.18 -4.95 -0.37
CA GLU A 32 8.39 -6.24 -1.00
C GLU A 32 8.61 -6.04 -2.48
N LEU A 33 9.43 -5.04 -2.80
CA LEU A 33 9.73 -4.71 -4.17
C LEU A 33 10.75 -5.65 -4.83
N ALA A 34 11.73 -6.11 -4.06
CA ALA A 34 12.77 -6.97 -4.64
C ALA A 34 13.76 -7.52 -3.63
N ASP A 35 14.53 -8.50 -4.06
CA ASP A 35 15.58 -9.01 -3.19
C ASP A 35 16.63 -7.90 -3.21
N VAL A 36 17.37 -7.75 -2.13
CA VAL A 36 18.35 -6.68 -2.03
C VAL A 36 19.74 -7.18 -1.68
N VAL A 37 20.74 -6.60 -2.32
CA VAL A 37 22.12 -6.94 -2.01
C VAL A 37 22.75 -5.62 -1.56
N LEU A 38 23.41 -5.65 -0.41
CA LEU A 38 24.09 -4.47 0.10
C LEU A 38 25.58 -4.71 -0.10
N TYR A 39 26.19 -3.84 -0.89
CA TYR A 39 27.61 -3.95 -1.16
C TYR A 39 28.32 -2.67 -0.75
N ASP A 40 29.49 -2.83 -0.13
CA ASP A 40 30.30 -1.69 0.30
C ASP A 40 31.74 -2.14 0.47
N VAL A 41 32.65 -1.18 0.62
CA VAL A 41 34.04 -1.51 0.84
C VAL A 41 34.27 -1.57 2.35
N VAL A 42 33.38 -0.96 3.11
CA VAL A 42 33.50 -1.01 4.56
C VAL A 42 33.00 -2.39 4.99
N LYS A 43 33.84 -3.11 5.73
CA LYS A 43 33.49 -4.44 6.19
C LYS A 43 32.63 -4.45 7.44
N GLY A 44 31.74 -5.43 7.51
CA GLY A 44 30.87 -5.57 8.66
C GLY A 44 29.59 -4.76 8.61
N MET A 45 29.70 -3.47 8.37
CA MET A 45 28.54 -2.58 8.34
C MET A 45 27.39 -3.06 7.42
N PRO A 46 27.70 -3.49 6.18
CA PRO A 46 26.61 -3.96 5.31
C PRO A 46 25.86 -5.17 5.91
N GLU A 47 26.61 -6.06 6.56
CA GLU A 47 26.01 -7.25 7.19
C GLU A 47 25.08 -6.85 8.33
N GLY A 48 25.47 -5.82 9.08
CA GLY A 48 24.62 -5.36 10.17
C GLY A 48 23.32 -4.81 9.62
N LYS A 49 23.43 -4.01 8.57
CA LYS A 49 22.23 -3.43 7.95
C LYS A 49 21.37 -4.51 7.27
N ALA A 50 22.00 -5.50 6.63
CA ALA A 50 21.25 -6.54 5.94
C ALA A 50 20.43 -7.33 6.96
N LEU A 51 21.02 -7.63 8.11
CA LEU A 51 20.33 -8.35 9.16
C LEU A 51 19.13 -7.52 9.65
N ASP A 52 19.39 -6.26 9.96
CA ASP A 52 18.36 -5.35 10.44
C ASP A 52 17.21 -5.26 9.44
N LEU A 53 17.54 -5.18 8.14
CA LEU A 53 16.51 -5.09 7.09
C LEU A 53 15.77 -6.42 6.90
N SER A 54 16.47 -7.54 7.10
CA SER A 54 15.81 -8.83 6.96
C SER A 54 14.77 -8.92 8.07
N HIS A 55 15.10 -8.35 9.22
CA HIS A 55 14.20 -8.36 10.37
C HIS A 55 12.93 -7.57 10.05
N VAL A 56 13.08 -6.47 9.32
CA VAL A 56 11.94 -5.66 8.94
C VAL A 56 10.91 -6.49 8.17
N THR A 57 11.36 -7.39 7.30
CA THR A 57 10.42 -8.19 6.51
C THR A 57 9.41 -8.89 7.41
N SER A 58 9.86 -9.40 8.56
CA SER A 58 8.93 -10.07 9.46
C SER A 58 7.98 -9.04 10.06
N VAL A 59 8.53 -7.94 10.58
CA VAL A 59 7.70 -6.92 11.21
C VAL A 59 6.61 -6.42 10.28
N VAL A 60 6.90 -6.26 8.99
CA VAL A 60 5.89 -5.76 8.06
C VAL A 60 5.28 -6.83 7.15
N ASP A 61 5.51 -8.09 7.50
CA ASP A 61 4.93 -9.19 6.75
C ASP A 61 5.21 -9.24 5.26
N THR A 62 6.47 -9.08 4.87
CA THR A 62 6.80 -9.16 3.47
C THR A 62 7.84 -10.24 3.38
N ASN A 63 8.17 -10.65 2.17
CA ASN A 63 9.22 -11.63 2.02
C ASN A 63 10.10 -11.35 0.83
N VAL A 64 11.27 -10.81 1.12
CA VAL A 64 12.32 -10.56 0.12
C VAL A 64 13.60 -10.90 0.86
N SER A 65 14.62 -11.27 0.10
CA SER A 65 15.92 -11.60 0.64
C SER A 65 16.81 -10.35 0.66
N VAL A 66 17.40 -10.07 1.82
CA VAL A 66 18.30 -8.92 1.95
C VAL A 66 19.65 -9.48 2.40
N ARG A 67 20.68 -9.34 1.57
CA ARG A 67 21.99 -9.85 1.93
C ARG A 67 23.12 -8.88 1.65
N ALA A 68 24.21 -9.04 2.39
CA ALA A 68 25.38 -8.21 2.22
C ALA A 68 26.31 -9.06 1.35
N GLU A 69 26.98 -8.43 0.40
CA GLU A 69 27.92 -9.17 -0.46
C GLU A 69 29.21 -8.36 -0.51
N TYR A 70 30.36 -9.02 -0.40
CA TYR A 70 31.61 -8.26 -0.41
C TYR A 70 32.40 -8.29 -1.71
N SER A 71 31.96 -9.08 -2.69
CA SER A 71 32.62 -9.11 -4.00
C SER A 71 31.70 -8.43 -5.01
N TYR A 72 32.29 -7.82 -6.03
CA TYR A 72 31.50 -7.18 -7.06
C TYR A 72 30.66 -8.23 -7.79
N GLU A 73 31.24 -9.41 -7.99
CA GLU A 73 30.52 -10.46 -8.69
C GLU A 73 29.25 -10.89 -7.97
N ALA A 74 29.36 -11.19 -6.68
CA ALA A 74 28.19 -11.63 -5.93
C ALA A 74 27.11 -10.54 -5.90
N ALA A 75 27.54 -9.30 -5.71
CA ALA A 75 26.60 -8.19 -5.63
C ALA A 75 25.90 -7.89 -6.96
N LEU A 76 26.67 -7.88 -8.04
CA LEU A 76 26.14 -7.53 -9.35
C LEU A 76 25.48 -8.57 -10.22
N THR A 77 25.90 -9.83 -10.14
CA THR A 77 25.29 -10.87 -10.98
C THR A 77 23.77 -10.94 -10.81
N GLY A 78 23.05 -11.05 -11.92
CA GLY A 78 21.60 -11.13 -11.84
C GLY A 78 20.84 -9.88 -11.40
N ALA A 79 21.53 -8.75 -11.29
CA ALA A 79 20.88 -7.49 -10.88
C ALA A 79 20.02 -6.87 -11.98
N ASP A 80 18.72 -6.77 -11.74
CA ASP A 80 17.80 -6.15 -12.69
C ASP A 80 18.07 -4.65 -12.73
N CYS A 81 18.48 -4.12 -11.60
CA CYS A 81 18.77 -2.71 -11.45
C CYS A 81 19.91 -2.51 -10.46
N VAL A 82 20.81 -1.57 -10.76
CA VAL A 82 21.93 -1.28 -9.87
C VAL A 82 21.85 0.19 -9.48
N ILE A 83 21.84 0.47 -8.19
CA ILE A 83 21.75 1.86 -7.74
C ILE A 83 23.05 2.18 -7.02
N VAL A 84 23.82 3.09 -7.61
CA VAL A 84 25.13 3.44 -7.09
C VAL A 84 25.18 4.72 -6.26
N THR A 85 25.53 4.54 -4.99
CA THR A 85 25.64 5.67 -4.07
C THR A 85 27.05 5.69 -3.50
N ALA A 86 27.87 4.75 -3.94
CA ALA A 86 29.25 4.65 -3.45
C ALA A 86 30.00 5.96 -3.68
N GLY A 87 30.66 6.45 -2.63
CA GLY A 87 31.42 7.69 -2.73
C GLY A 87 31.37 8.57 -1.50
N LEU A 88 32.06 9.71 -1.55
CA LEU A 88 32.10 10.68 -0.45
C LEU A 88 30.92 11.65 -0.54
N THR A 89 30.57 12.25 0.60
CA THR A 89 29.47 13.22 0.65
C THR A 89 30.05 14.62 0.88
N LYS A 90 31.19 14.68 1.55
CA LYS A 90 31.81 15.96 1.85
C LYS A 90 33.33 15.80 1.82
N VAL A 91 34.04 16.88 1.52
CA VAL A 91 35.49 16.83 1.51
C VAL A 91 35.92 16.97 2.96
N PRO A 92 36.78 16.05 3.44
CA PRO A 92 37.23 16.11 4.84
C PRO A 92 37.91 17.45 5.14
N GLY A 93 37.68 17.95 6.36
CA GLY A 93 38.29 19.20 6.79
C GLY A 93 37.71 20.48 6.22
N LYS A 94 36.80 20.39 5.26
CA LYS A 94 36.22 21.59 4.69
C LYS A 94 34.98 21.98 5.50
N PRO A 95 34.81 23.28 5.78
CA PRO A 95 33.67 23.81 6.55
C PRO A 95 32.35 23.61 5.81
N ASP A 96 31.29 23.30 6.56
CA ASP A 96 29.98 23.08 5.97
C ASP A 96 29.53 24.29 5.17
N SER A 97 29.99 25.47 5.56
CA SER A 97 29.62 26.70 4.86
C SER A 97 30.23 26.71 3.46
N GLU A 98 31.23 25.85 3.25
CA GLU A 98 31.90 25.77 1.96
C GLU A 98 31.59 24.47 1.22
N TRP A 99 30.52 23.79 1.62
CA TRP A 99 30.15 22.54 0.96
C TRP A 99 29.80 22.75 -0.51
N SER A 100 30.42 21.97 -1.38
CA SER A 100 30.21 22.05 -2.82
C SER A 100 30.32 20.66 -3.43
N ARG A 101 29.28 20.25 -4.16
CA ARG A 101 29.26 18.93 -4.76
C ARG A 101 30.37 18.72 -5.78
N ASN A 102 30.74 19.77 -6.51
CA ASN A 102 31.79 19.64 -7.51
C ASN A 102 33.15 19.32 -6.89
N ASP A 103 33.32 19.69 -5.62
CA ASP A 103 34.58 19.41 -4.94
C ASP A 103 34.77 17.90 -4.81
N LEU A 104 33.67 17.16 -4.88
CA LEU A 104 33.74 15.70 -4.74
C LEU A 104 34.31 14.99 -5.96
N LEU A 105 34.35 15.69 -7.09
CA LEU A 105 34.84 15.10 -8.34
C LEU A 105 36.12 14.26 -8.28
N PRO A 106 37.21 14.81 -7.72
CA PRO A 106 38.43 13.98 -7.68
C PRO A 106 38.37 12.79 -6.73
N PHE A 107 37.46 12.82 -5.75
CA PHE A 107 37.34 11.71 -4.80
C PHE A 107 36.41 10.59 -5.30
N ASN A 108 35.41 10.94 -6.12
CA ASN A 108 34.43 9.94 -6.55
C ASN A 108 34.51 9.45 -7.99
N SER A 109 35.22 10.16 -8.85
CA SER A 109 35.29 9.74 -10.24
C SER A 109 35.86 8.34 -10.48
N LYS A 110 36.96 7.98 -9.81
CA LYS A 110 37.56 6.66 -10.05
C LYS A 110 36.67 5.54 -9.51
N ILE A 111 36.06 5.79 -8.36
CA ILE A 111 35.18 4.81 -7.75
C ILE A 111 34.05 4.49 -8.73
N ILE A 112 33.43 5.54 -9.25
CA ILE A 112 32.33 5.38 -10.19
C ILE A 112 32.78 4.61 -11.42
N ARG A 113 33.98 4.91 -11.91
CA ARG A 113 34.51 4.23 -13.10
C ARG A 113 34.72 2.73 -12.84
N GLU A 114 35.25 2.39 -11.67
CA GLU A 114 35.49 0.99 -11.33
C GLU A 114 34.20 0.19 -11.30
N ILE A 115 33.22 0.69 -10.57
CA ILE A 115 31.91 0.06 -10.46
C ILE A 115 31.35 -0.16 -11.88
N GLY A 116 31.51 0.83 -12.74
CA GLY A 116 31.04 0.73 -14.11
C GLY A 116 31.69 -0.45 -14.82
N GLN A 117 33.01 -0.58 -14.67
CA GLN A 117 33.78 -1.68 -15.28
C GLN A 117 33.30 -3.06 -14.81
N ASN A 118 32.87 -3.15 -13.55
CA ASN A 118 32.38 -4.41 -13.03
C ASN A 118 30.98 -4.75 -13.54
N ILE A 119 30.16 -3.74 -13.76
CA ILE A 119 28.79 -3.92 -14.28
C ILE A 119 28.87 -4.46 -15.71
N LYS A 120 29.73 -3.86 -16.52
CA LYS A 120 29.94 -4.27 -17.92
C LYS A 120 30.22 -5.77 -17.99
N LYS A 121 30.93 -6.27 -16.99
CA LYS A 121 31.29 -7.66 -16.90
C LYS A 121 30.22 -8.56 -16.26
N TYR A 122 29.65 -8.13 -15.13
CA TYR A 122 28.68 -8.94 -14.41
C TYR A 122 27.17 -8.79 -14.67
N CYS A 123 26.72 -7.65 -15.16
CA CYS A 123 25.29 -7.48 -15.44
C CYS A 123 25.12 -6.38 -16.47
N PRO A 124 25.59 -6.64 -17.70
CA PRO A 124 25.50 -5.66 -18.79
C PRO A 124 24.07 -5.30 -19.23
N LYS A 125 23.10 -6.09 -18.77
CA LYS A 125 21.70 -5.86 -19.12
C LYS A 125 20.91 -5.15 -18.02
N THR A 126 21.62 -4.67 -17.00
CA THR A 126 20.96 -4.00 -15.90
C THR A 126 20.59 -2.55 -16.21
N PHE A 127 19.69 -1.99 -15.40
CA PHE A 127 19.32 -0.59 -15.56
C PHE A 127 20.13 0.11 -14.46
N ILE A 128 20.99 1.04 -14.85
CA ILE A 128 21.81 1.73 -13.87
C ILE A 128 21.28 3.08 -13.43
N ILE A 129 21.15 3.28 -12.12
CA ILE A 129 20.70 4.55 -11.59
C ILE A 129 21.83 5.10 -10.71
N VAL A 130 22.50 6.16 -11.17
CA VAL A 130 23.59 6.75 -10.41
C VAL A 130 23.03 7.81 -9.46
N VAL A 131 23.59 7.87 -8.25
CA VAL A 131 23.19 8.83 -7.21
C VAL A 131 24.41 9.65 -6.77
N THR A 132 25.59 9.03 -6.74
CA THR A 132 26.84 9.67 -6.34
C THR A 132 27.09 11.05 -6.98
N ASN A 133 27.48 12.04 -6.17
CA ASN A 133 27.78 13.39 -6.69
C ASN A 133 29.25 13.51 -7.16
N PRO A 134 29.55 14.45 -8.08
CA PRO A 134 28.59 15.38 -8.70
C PRO A 134 27.86 14.55 -9.72
N LEU A 135 26.56 14.47 -9.55
CA LEU A 135 25.68 13.66 -10.34
C LEU A 135 25.83 13.55 -11.86
N ASP A 136 25.60 14.66 -12.56
CA ASP A 136 25.64 14.59 -14.02
C ASP A 136 26.98 14.13 -14.59
N CYS A 137 28.06 14.51 -13.93
CA CYS A 137 29.37 14.10 -14.41
C CYS A 137 29.58 12.61 -14.11
N MET A 138 29.11 12.13 -12.97
CA MET A 138 29.26 10.73 -12.64
C MET A 138 28.44 9.81 -13.55
N VAL A 139 27.25 10.26 -13.96
CA VAL A 139 26.42 9.44 -14.84
C VAL A 139 27.21 9.17 -16.13
N LYS A 140 27.87 10.21 -16.63
CA LYS A 140 28.66 10.08 -17.86
C LYS A 140 29.82 9.10 -17.64
N VAL A 141 30.52 9.23 -16.52
CA VAL A 141 31.63 8.32 -16.23
C VAL A 141 31.08 6.89 -16.16
N MET A 142 29.97 6.71 -15.46
CA MET A 142 29.36 5.39 -15.34
C MET A 142 29.01 4.81 -16.72
N CYS A 143 28.42 5.66 -17.56
CA CYS A 143 28.02 5.26 -18.91
C CYS A 143 29.20 4.76 -19.74
N GLU A 144 30.30 5.50 -19.69
CA GLU A 144 31.49 5.14 -20.43
C GLU A 144 32.13 3.88 -19.89
N ALA A 145 32.25 3.81 -18.56
CA ALA A 145 32.86 2.66 -17.94
C ALA A 145 32.01 1.40 -18.10
N SER A 146 30.70 1.53 -17.91
CA SER A 146 29.82 0.37 -18.00
C SER A 146 29.52 -0.14 -19.39
N GLY A 147 29.49 0.75 -20.36
CA GLY A 147 29.20 0.34 -21.73
C GLY A 147 27.76 -0.08 -22.03
N VAL A 148 26.81 0.21 -21.15
CA VAL A 148 25.42 -0.18 -21.41
C VAL A 148 24.76 0.75 -22.42
N PRO A 149 23.61 0.33 -22.99
CA PRO A 149 22.98 1.24 -23.95
C PRO A 149 22.62 2.53 -23.18
N THR A 150 22.68 3.67 -23.87
CA THR A 150 22.40 4.96 -23.23
C THR A 150 21.01 5.09 -22.64
N ASN A 151 20.07 4.26 -23.07
CA ASN A 151 18.73 4.32 -22.51
C ASN A 151 18.70 3.48 -21.23
N MET A 152 19.74 2.70 -20.97
CA MET A 152 19.76 1.85 -19.78
C MET A 152 20.51 2.43 -18.59
N ILE A 153 20.74 3.73 -18.64
CA ILE A 153 21.42 4.41 -17.56
C ILE A 153 20.93 5.83 -17.40
N CYS A 154 20.81 6.25 -16.15
CA CYS A 154 20.39 7.60 -15.83
C CYS A 154 20.89 7.94 -14.42
N GLY A 155 20.69 9.20 -14.03
CA GLY A 155 21.12 9.64 -12.72
C GLY A 155 19.94 10.19 -11.97
N MET A 156 19.87 9.93 -10.66
CA MET A 156 18.78 10.46 -9.86
C MET A 156 19.20 11.82 -9.31
N ALA A 157 18.36 12.83 -9.51
CA ALA A 157 18.63 14.16 -8.95
C ALA A 157 17.42 15.09 -9.10
N CYS A 158 17.03 15.36 -10.34
CA CYS A 158 15.92 16.26 -10.56
C CYS A 158 14.59 15.83 -9.95
N MET A 159 14.41 14.54 -9.65
CA MET A 159 13.14 14.15 -9.04
C MET A 159 13.20 14.63 -7.61
N LEU A 160 14.39 14.57 -7.02
CA LEU A 160 14.62 15.06 -5.65
C LEU A 160 14.46 16.59 -5.63
N ASP A 161 15.14 17.26 -6.54
CA ASP A 161 15.05 18.73 -6.59
C ASP A 161 13.62 19.14 -6.86
N SER A 162 12.96 18.44 -7.76
CA SER A 162 11.59 18.79 -8.09
C SER A 162 10.66 18.49 -6.91
N GLY A 163 11.01 17.47 -6.13
CA GLY A 163 10.21 17.12 -4.96
C GLY A 163 10.27 18.18 -3.88
N ARG A 164 11.44 18.76 -3.70
CA ARG A 164 11.61 19.83 -2.71
C ARG A 164 10.78 21.01 -3.22
N PHE A 165 10.95 21.31 -4.51
CA PHE A 165 10.26 22.39 -5.18
C PHE A 165 8.74 22.23 -4.97
N ARG A 166 8.24 21.01 -5.15
CA ARG A 166 6.81 20.71 -5.00
C ARG A 166 6.31 20.87 -3.56
N ARG A 167 7.11 20.44 -2.59
CA ARG A 167 6.73 20.55 -1.18
C ARG A 167 6.51 22.01 -0.77
N TYR A 168 7.44 22.88 -1.17
CA TYR A 168 7.37 24.30 -0.83
C TYR A 168 6.16 24.97 -1.47
N VAL A 169 5.90 24.64 -2.72
CA VAL A 169 4.76 25.18 -3.44
C VAL A 169 3.48 24.67 -2.79
N ALA A 170 3.44 23.36 -2.52
CA ALA A 170 2.28 22.74 -1.90
C ALA A 170 1.97 23.42 -0.58
N ASP A 171 3.00 23.72 0.21
CA ASP A 171 2.79 24.40 1.49
C ASP A 171 2.23 25.81 1.27
N ALA A 172 2.74 26.51 0.26
CA ALA A 172 2.27 27.85 0.00
C ALA A 172 0.81 27.84 -0.43
N LEU A 173 0.43 26.86 -1.24
CA LEU A 173 -0.94 26.77 -1.73
C LEU A 173 -1.87 26.00 -0.81
N SER A 174 -1.30 25.27 0.14
CA SER A 174 -2.12 24.51 1.06
C SER A 174 -2.86 23.39 0.31
N VAL A 175 -2.10 22.62 -0.49
CA VAL A 175 -2.65 21.48 -1.24
C VAL A 175 -1.65 20.36 -1.11
N SER A 176 -2.06 19.16 -1.51
CA SER A 176 -1.16 18.03 -1.46
C SER A 176 -0.09 18.15 -2.54
N PRO A 177 1.15 17.76 -2.22
CA PRO A 177 2.25 17.81 -3.19
C PRO A 177 1.95 16.93 -4.38
N ARG A 178 1.05 15.97 -4.16
CA ARG A 178 0.65 15.08 -5.24
C ARG A 178 0.07 15.90 -6.39
N ASP A 179 -0.56 17.02 -6.05
CA ASP A 179 -1.17 17.84 -7.07
C ASP A 179 -0.40 19.07 -7.51
N VAL A 180 0.89 19.09 -7.17
CA VAL A 180 1.74 20.17 -7.61
C VAL A 180 2.75 19.60 -8.63
N GLN A 181 2.73 20.14 -9.84
CA GLN A 181 3.71 19.69 -10.81
C GLN A 181 4.70 20.84 -10.92
N ALA A 182 5.88 20.65 -10.33
CA ALA A 182 6.95 21.63 -10.38
C ALA A 182 8.20 20.84 -10.79
N THR A 183 8.95 21.37 -11.74
CA THR A 183 10.13 20.67 -12.23
C THR A 183 11.43 21.48 -12.22
N VAL A 184 12.52 20.78 -11.95
CA VAL A 184 13.84 21.39 -11.98
C VAL A 184 14.60 20.61 -13.07
N ILE A 185 15.26 21.33 -13.98
CA ILE A 185 16.04 20.68 -15.04
C ILE A 185 17.46 21.27 -14.94
N GLY A 186 18.39 20.72 -15.72
CA GLY A 186 19.76 21.19 -15.68
C GLY A 186 20.64 20.29 -14.83
N THR A 187 21.74 20.82 -14.29
CA THR A 187 22.61 19.99 -13.46
C THR A 187 22.25 20.12 -12.01
N HIS A 188 22.49 19.04 -11.27
CA HIS A 188 22.21 19.02 -9.85
C HIS A 188 23.23 19.86 -9.10
N GLY A 189 22.99 21.16 -9.00
CA GLY A 189 23.91 22.04 -8.31
C GLY A 189 23.33 23.45 -8.25
N ASP A 190 24.17 24.44 -7.93
CA ASP A 190 23.72 25.83 -7.84
C ASP A 190 23.18 26.37 -9.16
N CYS A 191 23.53 25.73 -10.26
CA CYS A 191 23.03 26.16 -11.56
C CYS A 191 21.78 25.40 -12.00
N MET A 192 21.17 24.64 -11.09
CA MET A 192 19.94 23.91 -11.43
C MET A 192 18.84 24.94 -11.77
N VAL A 193 17.88 24.55 -12.58
CA VAL A 193 16.85 25.47 -13.01
C VAL A 193 15.42 25.18 -12.57
N PRO A 194 14.95 25.80 -11.47
CA PRO A 194 13.57 25.55 -11.04
C PRO A 194 12.66 26.32 -12.00
N LEU A 195 11.92 25.59 -12.83
CA LEU A 195 11.04 26.20 -13.82
C LEU A 195 9.76 26.79 -13.21
N VAL A 196 9.90 27.92 -12.52
CA VAL A 196 8.77 28.59 -11.90
C VAL A 196 7.60 28.82 -12.86
N ARG A 197 7.90 29.22 -14.09
CA ARG A 197 6.87 29.51 -15.09
C ARG A 197 6.03 28.30 -15.48
N TYR A 198 6.57 27.11 -15.31
CA TYR A 198 5.85 25.90 -15.67
C TYR A 198 5.07 25.26 -14.52
N ILE A 199 5.17 25.81 -13.32
CA ILE A 199 4.45 25.26 -12.17
C ILE A 199 2.95 25.19 -12.43
N THR A 200 2.37 24.03 -12.14
CA THR A 200 0.93 23.88 -12.29
C THR A 200 0.38 23.16 -11.06
N VAL A 201 -0.91 23.38 -10.82
CA VAL A 201 -1.62 22.77 -9.71
C VAL A 201 -2.66 21.95 -10.45
N ASN A 202 -2.42 20.64 -10.53
CA ASN A 202 -3.27 19.71 -11.26
C ASN A 202 -3.50 20.23 -12.66
N GLY A 203 -2.42 20.71 -13.29
CA GLY A 203 -2.52 21.22 -14.64
C GLY A 203 -2.86 22.69 -14.76
N TYR A 204 -3.39 23.29 -13.70
CA TYR A 204 -3.75 24.72 -13.68
C TYR A 204 -2.48 25.55 -13.45
N PRO A 205 -2.19 26.52 -14.34
CA PRO A 205 -0.99 27.37 -14.24
C PRO A 205 -0.90 28.23 -12.98
N ILE A 206 0.30 28.25 -12.39
CA ILE A 206 0.55 29.00 -11.16
C ILE A 206 0.20 30.51 -11.29
N GLN A 207 0.32 31.03 -12.51
CA GLN A 207 0.02 32.44 -12.80
C GLN A 207 -1.35 32.88 -12.29
N LYS A 208 -2.35 32.00 -12.42
CA LYS A 208 -3.69 32.34 -11.97
C LYS A 208 -3.74 32.50 -10.44
N PHE A 209 -2.91 31.75 -9.73
CA PHE A 209 -2.90 31.85 -8.27
C PHE A 209 -2.22 33.15 -7.86
N ILE A 210 -1.31 33.63 -8.72
CA ILE A 210 -0.63 34.88 -8.43
C ILE A 210 -1.68 35.97 -8.61
N LYS A 211 -2.33 35.98 -9.76
CA LYS A 211 -3.33 36.98 -10.05
C LYS A 211 -4.46 36.99 -9.02
N ASP A 212 -4.84 35.82 -8.52
CA ASP A 212 -5.90 35.74 -7.53
C ASP A 212 -5.41 36.03 -6.11
N GLY A 213 -4.16 36.48 -5.99
CA GLY A 213 -3.61 36.82 -4.68
C GLY A 213 -3.35 35.70 -3.68
N VAL A 214 -3.15 34.47 -4.15
CA VAL A 214 -2.88 33.37 -3.24
C VAL A 214 -1.38 33.33 -2.94
N VAL A 215 -0.59 33.65 -3.96
CA VAL A 215 0.86 33.68 -3.84
C VAL A 215 1.36 34.94 -4.52
N THR A 216 2.61 35.28 -4.28
CA THR A 216 3.22 36.45 -4.89
C THR A 216 4.41 36.03 -5.73
N GLU A 217 4.86 36.93 -6.59
CA GLU A 217 6.00 36.69 -7.44
C GLU A 217 7.26 36.45 -6.60
N LYS A 218 7.42 37.26 -5.56
CA LYS A 218 8.57 37.15 -4.67
C LYS A 218 8.56 35.79 -3.96
N GLN A 219 7.39 35.41 -3.48
CA GLN A 219 7.21 34.16 -2.78
C GLN A 219 7.69 32.97 -3.61
N LEU A 220 7.32 32.94 -4.88
CA LEU A 220 7.72 31.85 -5.77
C LEU A 220 9.22 31.93 -6.02
N GLU A 221 9.74 33.16 -6.10
CA GLU A 221 11.18 33.34 -6.31
C GLU A 221 11.96 32.78 -5.14
N GLU A 222 11.46 33.02 -3.93
CA GLU A 222 12.13 32.51 -2.74
C GLU A 222 12.03 30.99 -2.72
N ILE A 223 10.94 30.46 -3.28
CA ILE A 223 10.78 29.02 -3.32
C ILE A 223 11.80 28.39 -4.28
N ALA A 224 11.99 29.02 -5.44
CA ALA A 224 12.96 28.51 -6.40
C ALA A 224 14.35 28.56 -5.74
N GLU A 225 14.67 29.70 -5.11
CA GLU A 225 15.95 29.84 -4.42
C GLU A 225 16.11 28.79 -3.32
N HIS A 226 15.08 28.61 -2.50
CA HIS A 226 15.12 27.64 -1.42
C HIS A 226 15.37 26.25 -2.00
N THR A 227 14.84 26.01 -3.19
CA THR A 227 15.02 24.73 -3.85
C THR A 227 16.47 24.51 -4.21
N LYS A 228 17.11 25.51 -4.81
CA LYS A 228 18.50 25.39 -5.21
C LYS A 228 19.40 25.10 -4.01
N VAL A 229 19.17 25.79 -2.90
CA VAL A 229 20.03 25.61 -1.74
C VAL A 229 19.64 24.49 -0.75
N SER A 230 18.53 23.80 -1.01
CA SER A 230 18.06 22.74 -0.09
C SER A 230 19.11 21.70 0.32
N GLY A 231 19.91 21.24 -0.64
CA GLY A 231 20.93 20.26 -0.33
C GLY A 231 21.89 20.76 0.74
N GLY A 232 22.46 21.94 0.52
CA GLY A 232 23.41 22.50 1.48
C GLY A 232 22.75 22.80 2.82
N GLU A 233 21.50 23.26 2.75
CA GLU A 233 20.73 23.58 3.94
C GLU A 233 20.66 22.37 4.85
N ILE A 234 20.44 21.20 4.28
CA ILE A 234 20.37 20.00 5.10
C ILE A 234 21.77 19.60 5.55
N VAL A 235 22.76 19.75 4.68
CA VAL A 235 24.15 19.43 5.07
C VAL A 235 24.51 20.20 6.34
N ARG A 236 24.25 21.51 6.34
CA ARG A 236 24.54 22.36 7.48
C ARG A 236 23.74 22.01 8.73
N PHE A 237 22.47 21.67 8.56
CA PHE A 237 21.64 21.32 9.69
C PHE A 237 22.11 20.01 10.32
N LEU A 238 22.30 18.99 9.48
CA LEU A 238 22.72 17.66 9.95
C LEU A 238 24.08 17.63 10.64
N GLY A 239 25.04 18.39 10.14
CA GLY A 239 26.36 18.39 10.75
C GLY A 239 27.26 17.38 10.10
N GLN A 240 26.77 16.16 9.94
CA GLN A 240 27.54 15.13 9.25
C GLN A 240 26.68 14.55 8.14
N GLY A 241 27.31 14.12 7.05
CA GLY A 241 26.59 13.55 5.92
C GLY A 241 25.62 14.54 5.28
N SER A 242 24.79 14.03 4.38
CA SER A 242 23.80 14.83 3.67
C SER A 242 22.44 14.11 3.64
N ALA A 243 21.47 14.68 2.94
CA ALA A 243 20.12 14.10 2.87
C ALA A 243 20.08 12.66 2.36
N TYR A 244 19.18 11.85 2.90
CA TYR A 244 19.10 10.48 2.44
C TYR A 244 17.70 9.90 2.30
N TYR A 245 16.74 10.47 3.05
CA TYR A 245 15.38 9.97 3.00
C TYR A 245 14.73 10.24 1.66
N ALA A 246 14.73 11.48 1.21
CA ALA A 246 14.11 11.81 -0.07
C ALA A 246 14.96 11.25 -1.24
N PRO A 247 16.30 11.36 -1.14
CA PRO A 247 17.11 10.81 -2.24
C PRO A 247 16.77 9.33 -2.46
N ALA A 248 16.74 8.57 -1.37
CA ALA A 248 16.43 7.14 -1.46
C ALA A 248 15.07 6.89 -2.11
N ALA A 249 14.05 7.61 -1.66
CA ALA A 249 12.71 7.43 -2.21
C ALA A 249 12.65 7.80 -3.67
N SER A 250 13.41 8.83 -4.07
CA SER A 250 13.41 9.25 -5.47
C SER A 250 14.04 8.15 -6.32
N ALA A 251 15.17 7.62 -5.87
CA ALA A 251 15.85 6.58 -6.63
C ALA A 251 15.00 5.32 -6.77
N VAL A 252 14.37 4.91 -5.68
CA VAL A 252 13.55 3.71 -5.73
C VAL A 252 12.30 3.91 -6.60
N ALA A 253 11.79 5.15 -6.65
CA ALA A 253 10.61 5.46 -7.45
C ALA A 253 10.98 5.29 -8.92
N MET A 254 12.20 5.69 -9.28
CA MET A 254 12.69 5.56 -10.65
C MET A 254 12.89 4.07 -10.93
N ALA A 255 13.51 3.36 -9.99
CA ALA A 255 13.74 1.93 -10.18
C ALA A 255 12.43 1.19 -10.38
N THR A 256 11.40 1.61 -9.64
CA THR A 256 10.08 0.98 -9.72
C THR A 256 9.41 1.22 -11.07
N SER A 257 9.52 2.44 -11.60
CA SER A 257 8.93 2.79 -12.90
C SER A 257 9.55 1.87 -13.98
N PHE A 258 10.81 1.51 -13.80
CA PHE A 258 11.51 0.63 -14.74
C PHE A 258 11.07 -0.82 -14.55
N LEU A 259 11.18 -1.34 -13.34
CA LEU A 259 10.82 -2.72 -13.03
C LEU A 259 9.35 -3.07 -13.30
N ASN A 260 8.45 -2.11 -13.11
CA ASN A 260 7.02 -2.31 -13.34
C ASN A 260 6.57 -1.70 -14.68
N ASP A 261 7.51 -1.26 -15.50
CA ASP A 261 7.18 -0.63 -16.80
C ASP A 261 5.98 0.34 -16.62
N GLU A 262 6.08 1.24 -15.65
CA GLU A 262 4.98 2.19 -15.39
C GLU A 262 4.94 3.36 -16.37
N LYS A 263 6.10 3.72 -16.91
CA LYS A 263 6.21 4.84 -17.84
C LYS A 263 5.87 6.15 -17.14
N ARG A 264 6.41 6.35 -15.92
CA ARG A 264 6.18 7.61 -15.18
C ARG A 264 7.03 8.67 -15.88
N VAL A 265 6.61 9.93 -15.76
CA VAL A 265 7.37 11.05 -16.36
C VAL A 265 8.15 11.64 -15.20
N ILE A 266 9.43 11.32 -15.13
CA ILE A 266 10.27 11.77 -14.04
C ILE A 266 11.53 12.47 -14.54
N PRO A 267 11.77 13.71 -14.07
CA PRO A 267 13.00 14.35 -14.56
C PRO A 267 14.20 13.68 -13.91
N CYS A 268 15.20 13.34 -14.73
CA CYS A 268 16.40 12.69 -14.23
C CYS A 268 17.53 12.97 -15.20
N SER A 269 18.76 12.58 -14.80
CA SER A 269 19.92 12.81 -15.63
C SER A 269 19.93 11.78 -16.74
N VAL A 270 19.68 12.25 -17.96
CA VAL A 270 19.58 11.40 -19.12
C VAL A 270 20.52 11.75 -20.27
N TYR A 271 20.85 10.74 -21.07
CA TYR A 271 21.74 10.90 -22.21
C TYR A 271 21.09 11.83 -23.24
N CYS A 272 21.87 12.78 -23.75
CA CYS A 272 21.40 13.73 -24.73
C CYS A 272 21.86 13.40 -26.13
N ASN A 273 20.92 13.35 -27.06
CA ASN A 273 21.24 13.06 -28.45
C ASN A 273 20.62 14.12 -29.36
N GLY A 274 20.83 15.38 -29.01
CA GLY A 274 20.29 16.45 -29.81
C GLY A 274 19.42 17.40 -29.03
N GLU A 275 18.70 16.88 -28.04
CA GLU A 275 17.81 17.70 -27.21
C GLU A 275 18.54 18.97 -26.78
N TYR A 276 17.85 20.11 -26.94
CA TYR A 276 18.43 21.40 -26.57
C TYR A 276 19.82 21.61 -27.20
N GLY A 277 20.12 20.82 -28.23
CA GLY A 277 21.39 20.93 -28.92
C GLY A 277 22.57 20.24 -28.25
N LEU A 278 22.31 19.37 -27.28
CA LEU A 278 23.37 18.68 -26.57
C LEU A 278 23.66 17.29 -27.11
N LYS A 279 24.93 16.92 -27.12
CA LYS A 279 25.37 15.61 -27.60
C LYS A 279 26.38 15.01 -26.64
N ASP A 280 26.48 13.69 -26.66
CA ASP A 280 27.43 12.94 -25.85
C ASP A 280 27.61 13.47 -24.43
N MET A 281 26.51 13.54 -23.69
CA MET A 281 26.55 13.99 -22.31
C MET A 281 25.22 13.72 -21.62
N PHE A 282 25.22 13.84 -20.30
CA PHE A 282 24.02 13.62 -19.50
C PHE A 282 23.66 14.90 -18.73
N ILE A 283 22.39 15.18 -18.59
CA ILE A 283 21.98 16.36 -17.83
C ILE A 283 20.51 16.15 -17.45
N GLY A 284 20.09 16.78 -16.36
CA GLY A 284 18.72 16.63 -15.90
C GLY A 284 17.66 17.14 -16.86
N LEU A 285 16.75 16.26 -17.27
CA LEU A 285 15.67 16.63 -18.18
C LEU A 285 14.44 15.74 -17.91
N PRO A 286 13.24 16.22 -18.28
CA PRO A 286 12.13 15.32 -18.00
C PRO A 286 12.23 14.15 -18.98
N ALA A 287 11.91 12.95 -18.50
CA ALA A 287 11.96 11.77 -19.36
C ALA A 287 10.93 10.73 -18.90
N VAL A 288 10.68 9.73 -19.75
CA VAL A 288 9.74 8.68 -19.43
C VAL A 288 10.53 7.42 -19.10
N ILE A 289 10.28 6.88 -17.92
CA ILE A 289 10.99 5.68 -17.46
C ILE A 289 10.05 4.48 -17.48
N GLY A 290 10.44 3.47 -18.24
CA GLY A 290 9.62 2.27 -18.32
C GLY A 290 10.45 1.01 -18.47
N GLY A 291 9.80 -0.09 -18.83
CA GLY A 291 10.47 -1.36 -18.99
C GLY A 291 11.63 -1.38 -19.97
N ALA A 292 11.77 -0.33 -20.77
CA ALA A 292 12.87 -0.28 -21.73
C ALA A 292 13.84 0.83 -21.29
N GLY A 293 13.80 1.14 -19.99
CA GLY A 293 14.65 2.18 -19.43
C GLY A 293 14.12 3.56 -19.80
N ILE A 294 15.03 4.46 -20.18
CA ILE A 294 14.62 5.80 -20.59
C ILE A 294 13.97 5.64 -21.97
N GLU A 295 12.66 5.80 -22.04
CA GLU A 295 11.94 5.60 -23.31
C GLU A 295 11.66 6.88 -24.09
N ARG A 296 11.84 8.02 -23.44
CA ARG A 296 11.60 9.31 -24.09
C ARG A 296 12.21 10.43 -23.25
N VAL A 297 12.77 11.42 -23.91
CA VAL A 297 13.32 12.57 -23.21
C VAL A 297 12.53 13.75 -23.76
N ILE A 298 11.97 14.52 -22.84
CA ILE A 298 11.15 15.65 -23.19
C ILE A 298 11.91 16.96 -23.32
N GLU A 299 11.73 17.61 -24.46
CA GLU A 299 12.39 18.88 -24.71
C GLU A 299 11.34 19.96 -24.47
N LEU A 300 11.58 20.78 -23.45
CA LEU A 300 10.65 21.84 -23.12
C LEU A 300 11.10 23.12 -23.82
N GLU A 301 10.14 23.97 -24.17
CA GLU A 301 10.47 25.24 -24.79
C GLU A 301 10.90 26.12 -23.64
N LEU A 302 12.07 26.73 -23.77
CA LEU A 302 12.56 27.59 -22.71
C LEU A 302 12.57 29.02 -23.20
N ASN A 303 12.18 29.96 -22.33
CA ASN A 303 12.21 31.34 -22.75
C ASN A 303 13.61 31.86 -22.54
N GLU A 304 13.84 33.12 -22.90
CA GLU A 304 15.15 33.74 -22.77
C GLU A 304 15.86 33.47 -21.44
N GLU A 305 15.22 33.85 -20.35
CA GLU A 305 15.80 33.67 -19.03
C GLU A 305 16.08 32.20 -18.68
N GLU A 306 15.18 31.30 -19.08
CA GLU A 306 15.37 29.89 -18.79
C GLU A 306 16.58 29.37 -19.58
N LYS A 307 16.68 29.74 -20.85
CA LYS A 307 17.81 29.30 -21.67
C LYS A 307 19.11 29.81 -21.06
N LYS A 308 19.11 31.06 -20.60
CA LYS A 308 20.32 31.60 -20.03
C LYS A 308 20.75 30.75 -18.84
N GLN A 309 19.82 30.47 -17.94
CA GLN A 309 20.14 29.68 -16.78
C GLN A 309 20.51 28.25 -17.15
N PHE A 310 19.75 27.64 -18.06
CA PHE A 310 20.04 26.27 -18.48
C PHE A 310 21.40 26.20 -19.18
N GLN A 311 21.72 27.22 -19.98
CA GLN A 311 23.00 27.24 -20.68
C GLN A 311 24.15 27.26 -19.69
N LYS A 312 23.91 27.90 -18.56
CA LYS A 312 24.88 28.00 -17.49
C LYS A 312 25.15 26.62 -16.89
N SER A 313 24.10 25.83 -16.68
CA SER A 313 24.28 24.49 -16.11
C SER A 313 24.97 23.61 -17.14
N VAL A 314 24.59 23.78 -18.40
CA VAL A 314 25.21 23.02 -19.49
C VAL A 314 26.73 23.28 -19.49
N ASP A 315 27.11 24.54 -19.43
CA ASP A 315 28.53 24.90 -19.43
C ASP A 315 29.28 24.30 -18.25
N ASP A 316 28.64 24.23 -17.08
CA ASP A 316 29.29 23.67 -15.91
C ASP A 316 29.63 22.20 -16.12
N VAL A 317 28.63 21.41 -16.50
CA VAL A 317 28.83 19.98 -16.69
C VAL A 317 29.78 19.65 -17.85
N MET A 318 29.73 20.38 -18.95
CA MET A 318 30.61 20.08 -20.07
C MET A 318 32.06 20.34 -19.67
N ALA A 319 32.28 21.38 -18.87
CA ALA A 319 33.62 21.73 -18.40
C ALA A 319 34.17 20.58 -17.58
N LEU A 320 33.37 20.17 -16.60
CA LEU A 320 33.75 19.07 -15.72
C LEU A 320 33.97 17.77 -16.50
N ASN A 321 33.07 17.46 -17.43
CA ASN A 321 33.20 16.25 -18.20
C ASN A 321 34.51 16.26 -18.95
N LYS A 322 34.89 17.44 -19.42
CA LYS A 322 36.13 17.60 -20.16
C LYS A 322 37.32 17.34 -19.22
N ALA A 323 37.31 17.98 -18.05
CA ALA A 323 38.38 17.81 -17.08
C ALA A 323 38.51 16.36 -16.62
N VAL A 324 37.37 15.73 -16.34
CA VAL A 324 37.35 14.33 -15.90
C VAL A 324 38.04 13.41 -16.92
N ALA A 325 37.66 13.59 -18.18
CA ALA A 325 38.24 12.78 -19.25
C ALA A 325 39.74 13.02 -19.34
N ALA A 326 40.17 14.27 -19.14
CA ALA A 326 41.58 14.60 -19.23
C ALA A 326 42.39 13.93 -18.13
N LEU A 327 41.78 13.77 -16.95
CA LEU A 327 42.45 13.18 -15.79
C LEU A 327 42.22 11.68 -15.53
N GLN A 328 41.39 11.04 -16.35
CA GLN A 328 41.11 9.62 -16.16
C GLN A 328 42.33 8.73 -16.31
N ALA A 329 42.43 7.70 -15.47
CA ALA A 329 43.55 6.76 -15.51
C ALA A 329 43.35 5.77 -16.66
N PRO A 330 44.45 5.33 -17.29
CA PRO A 330 44.33 4.38 -18.40
C PRO A 330 43.97 2.99 -17.89
N PRO B 3 13.13 1.67 -27.08
CA PRO B 3 14.05 0.56 -27.42
C PRO B 3 13.44 -0.77 -26.99
N ALA B 4 14.28 -1.79 -26.79
CA ALA B 4 13.80 -3.11 -26.39
C ALA B 4 13.24 -3.11 -24.96
N LEU B 5 12.15 -3.83 -24.75
CA LEU B 5 11.55 -3.92 -23.45
C LEU B 5 12.38 -4.90 -22.65
N VAL B 6 12.89 -4.47 -21.51
CA VAL B 6 13.70 -5.36 -20.68
C VAL B 6 12.87 -5.91 -19.52
N GLN B 7 12.02 -5.08 -18.94
CA GLN B 7 11.16 -5.48 -17.82
C GLN B 7 9.72 -5.42 -18.30
N ARG B 8 9.10 -6.58 -18.45
CA ARG B 8 7.72 -6.63 -18.93
C ARG B 8 6.79 -6.83 -17.75
N ARG B 9 5.61 -6.24 -17.80
CA ARG B 9 4.67 -6.41 -16.70
C ARG B 9 4.14 -7.83 -16.72
N LYS B 10 3.73 -8.32 -15.56
CA LYS B 10 3.14 -9.65 -15.47
C LYS B 10 1.78 -9.53 -16.18
N LYS B 11 1.25 -10.67 -16.62
CA LYS B 11 -0.04 -10.69 -17.30
C LYS B 11 -0.90 -11.79 -16.65
N VAL B 12 -2.08 -11.41 -16.18
CA VAL B 12 -3.01 -12.36 -15.58
C VAL B 12 -4.26 -12.37 -16.44
N ALA B 13 -4.61 -13.54 -16.95
CA ALA B 13 -5.80 -13.68 -17.78
C ALA B 13 -6.99 -14.19 -16.98
N MET B 14 -8.06 -13.41 -16.95
CA MET B 14 -9.28 -13.79 -16.25
C MET B 14 -10.16 -14.51 -17.26
N ILE B 15 -10.22 -15.83 -17.19
CA ILE B 15 -11.05 -16.61 -18.10
C ILE B 15 -12.40 -16.69 -17.38
N GLY B 16 -13.30 -15.77 -17.77
CA GLY B 16 -14.60 -15.64 -17.15
C GLY B 16 -14.59 -14.21 -16.61
N SER B 17 -15.47 -13.35 -17.12
CA SER B 17 -15.49 -11.96 -16.67
C SER B 17 -16.73 -11.55 -15.90
N GLY B 18 -17.29 -12.47 -15.13
CA GLY B 18 -18.47 -12.15 -14.33
C GLY B 18 -18.09 -11.41 -13.05
N MET B 19 -18.82 -11.67 -11.97
CA MET B 19 -18.55 -11.01 -10.70
C MET B 19 -17.13 -11.13 -10.18
N ILE B 20 -16.63 -12.37 -10.11
CA ILE B 20 -15.30 -12.61 -9.60
C ILE B 20 -14.21 -12.17 -10.57
N GLY B 21 -14.36 -12.50 -11.85
CA GLY B 21 -13.38 -12.12 -12.84
C GLY B 21 -13.16 -10.61 -12.88
N GLY B 22 -14.26 -9.86 -12.89
CA GLY B 22 -14.16 -8.41 -12.92
C GLY B 22 -13.57 -7.87 -11.64
N THR B 23 -13.91 -8.50 -10.52
CA THR B 23 -13.41 -8.04 -9.23
C THR B 23 -11.91 -8.29 -9.08
N MET B 24 -11.43 -9.39 -9.63
CA MET B 24 -10.01 -9.71 -9.57
C MET B 24 -9.30 -8.72 -10.47
N GLY B 25 -9.97 -8.36 -11.57
CA GLY B 25 -9.38 -7.38 -12.49
C GLY B 25 -9.21 -6.07 -11.74
N TYR B 26 -10.18 -5.73 -10.90
CA TYR B 26 -10.15 -4.51 -10.11
C TYR B 26 -8.94 -4.50 -9.18
N LEU B 27 -8.72 -5.59 -8.44
CA LEU B 27 -7.57 -5.68 -7.52
C LEU B 27 -6.24 -5.46 -8.28
N CYS B 28 -6.07 -6.10 -9.43
CA CYS B 28 -4.87 -5.93 -10.22
C CYS B 28 -4.65 -4.45 -10.56
N ALA B 29 -5.73 -3.79 -10.97
CA ALA B 29 -5.66 -2.38 -11.33
C ALA B 29 -5.33 -1.50 -10.14
N LEU B 30 -6.00 -1.76 -9.02
CA LEU B 30 -5.80 -1.02 -7.78
C LEU B 30 -4.38 -1.12 -7.24
N ARG B 31 -3.75 -2.27 -7.41
CA ARG B 31 -2.41 -2.49 -6.88
C ARG B 31 -1.31 -2.48 -7.94
N GLU B 32 -1.70 -2.25 -9.19
CA GLU B 32 -0.74 -2.25 -10.28
C GLU B 32 0.01 -3.58 -10.26
N LEU B 33 -0.73 -4.64 -9.98
CA LEU B 33 -0.17 -5.99 -9.90
C LEU B 33 0.26 -6.55 -11.24
N ALA B 34 -0.53 -6.28 -12.28
CA ALA B 34 -0.22 -6.81 -13.61
C ALA B 34 -1.21 -6.35 -14.67
N ASP B 35 -0.87 -6.58 -15.94
CA ASP B 35 -1.78 -6.27 -17.02
C ASP B 35 -2.88 -7.30 -16.89
N VAL B 36 -4.10 -6.90 -17.21
CA VAL B 36 -5.26 -7.76 -17.11
C VAL B 36 -5.96 -7.97 -18.44
N VAL B 37 -6.40 -9.20 -18.66
CA VAL B 37 -7.15 -9.55 -19.86
C VAL B 37 -8.46 -10.14 -19.35
N LEU B 38 -9.57 -9.64 -19.89
CA LEU B 38 -10.87 -10.13 -19.51
C LEU B 38 -11.45 -10.95 -20.64
N TYR B 39 -11.77 -12.20 -20.35
CA TYR B 39 -12.31 -13.09 -21.35
C TYR B 39 -13.65 -13.68 -20.91
N ASP B 40 -14.57 -13.81 -21.86
CA ASP B 40 -15.89 -14.36 -21.57
C ASP B 40 -16.60 -14.76 -22.88
N VAL B 41 -17.57 -15.66 -22.78
CA VAL B 41 -18.33 -16.07 -23.95
C VAL B 41 -19.34 -14.98 -24.27
N VAL B 42 -19.76 -14.25 -23.25
CA VAL B 42 -20.69 -13.17 -23.42
C VAL B 42 -19.86 -12.03 -24.02
N LYS B 43 -20.27 -11.54 -25.17
CA LYS B 43 -19.54 -10.45 -25.79
C LYS B 43 -20.18 -9.13 -25.40
N GLY B 44 -19.37 -8.09 -25.36
CA GLY B 44 -19.87 -6.78 -24.98
C GLY B 44 -19.54 -6.45 -23.54
N MET B 45 -20.02 -7.28 -22.61
CA MET B 45 -19.80 -7.03 -21.19
C MET B 45 -18.34 -6.93 -20.75
N PRO B 46 -17.47 -7.89 -21.13
CA PRO B 46 -16.08 -7.73 -20.67
C PRO B 46 -15.41 -6.46 -21.21
N GLU B 47 -15.89 -5.98 -22.35
CA GLU B 47 -15.32 -4.76 -22.92
C GLU B 47 -15.74 -3.57 -22.04
N GLY B 48 -16.98 -3.59 -21.55
CA GLY B 48 -17.45 -2.52 -20.69
C GLY B 48 -16.67 -2.49 -19.40
N LYS B 49 -16.44 -3.66 -18.81
CA LYS B 49 -15.67 -3.76 -17.58
C LYS B 49 -14.21 -3.37 -17.83
N ALA B 50 -13.64 -3.76 -18.98
CA ALA B 50 -12.26 -3.42 -19.28
C ALA B 50 -12.08 -1.90 -19.30
N LEU B 51 -13.04 -1.21 -19.91
CA LEU B 51 -13.01 0.25 -19.99
C LEU B 51 -13.12 0.84 -18.58
N ASP B 52 -14.08 0.35 -17.81
CA ASP B 52 -14.31 0.82 -16.46
C ASP B 52 -13.01 0.66 -15.62
N LEU B 53 -12.43 -0.54 -15.71
CA LEU B 53 -11.20 -0.86 -15.01
C LEU B 53 -10.03 0.00 -15.50
N SER B 54 -9.97 0.26 -16.81
CA SER B 54 -8.87 1.08 -17.32
C SER B 54 -8.99 2.47 -16.70
N HIS B 55 -10.22 2.94 -16.47
CA HIS B 55 -10.46 4.26 -15.88
C HIS B 55 -9.98 4.28 -14.43
N VAL B 56 -10.10 3.15 -13.76
CA VAL B 56 -9.67 3.04 -12.37
C VAL B 56 -8.19 3.39 -12.27
N THR B 57 -7.37 2.88 -13.19
CA THR B 57 -5.92 3.15 -13.14
C THR B 57 -5.63 4.65 -13.02
N SER B 58 -6.40 5.46 -13.73
CA SER B 58 -6.20 6.90 -13.66
C SER B 58 -6.55 7.40 -12.27
N VAL B 59 -7.75 7.06 -11.81
CA VAL B 59 -8.21 7.49 -10.49
C VAL B 59 -7.26 7.13 -9.35
N VAL B 60 -6.63 5.95 -9.40
CA VAL B 60 -5.69 5.55 -8.34
C VAL B 60 -4.20 5.65 -8.72
N ASP B 61 -3.91 6.37 -9.78
CA ASP B 61 -2.54 6.59 -10.22
C ASP B 61 -1.68 5.36 -10.43
N THR B 62 -2.16 4.40 -11.19
CA THR B 62 -1.37 3.20 -11.46
C THR B 62 -1.34 3.04 -12.95
N ASN B 63 -0.49 2.15 -13.44
CA ASN B 63 -0.47 1.93 -14.87
C ASN B 63 -0.32 0.48 -15.29
N VAL B 64 -1.47 -0.13 -15.59
CA VAL B 64 -1.53 -1.49 -16.10
C VAL B 64 -2.54 -1.41 -17.24
N SER B 65 -2.40 -2.30 -18.20
CA SER B 65 -3.31 -2.33 -19.33
C SER B 65 -4.44 -3.28 -18.95
N VAL B 66 -5.67 -2.88 -19.19
CA VAL B 66 -6.80 -3.75 -18.89
C VAL B 66 -7.60 -3.86 -20.18
N ARG B 67 -7.69 -5.06 -20.74
CA ARG B 67 -8.47 -5.20 -21.96
C ARG B 67 -9.19 -6.50 -22.15
N ALA B 68 -10.21 -6.46 -22.99
CA ALA B 68 -11.00 -7.63 -23.28
C ALA B 68 -10.48 -8.31 -24.52
N GLU B 69 -10.54 -9.64 -24.52
CA GLU B 69 -10.11 -10.42 -25.67
C GLU B 69 -11.27 -11.38 -25.90
N TYR B 70 -11.57 -11.68 -27.15
CA TYR B 70 -12.68 -12.58 -27.36
C TYR B 70 -12.28 -13.98 -27.79
N SER B 71 -11.04 -14.13 -28.24
CA SER B 71 -10.55 -15.46 -28.62
C SER B 71 -9.71 -16.06 -27.50
N TYR B 72 -9.68 -17.38 -27.43
CA TYR B 72 -8.87 -18.07 -26.43
C TYR B 72 -7.41 -17.74 -26.67
N GLU B 73 -7.03 -17.71 -27.94
CA GLU B 73 -5.67 -17.41 -28.34
C GLU B 73 -5.21 -16.04 -27.84
N ALA B 74 -6.04 -15.02 -28.05
CA ALA B 74 -5.70 -13.67 -27.62
C ALA B 74 -5.76 -13.48 -26.09
N ALA B 75 -6.61 -14.27 -25.44
CA ALA B 75 -6.74 -14.15 -23.99
C ALA B 75 -5.60 -14.83 -23.24
N LEU B 76 -5.28 -16.05 -23.64
CA LEU B 76 -4.27 -16.88 -22.99
C LEU B 76 -2.81 -16.65 -23.33
N THR B 77 -2.54 -16.30 -24.58
CA THR B 77 -1.15 -16.11 -25.00
C THR B 77 -0.37 -15.14 -24.11
N GLY B 78 0.71 -15.64 -23.52
CA GLY B 78 1.56 -14.83 -22.66
C GLY B 78 1.12 -14.61 -21.22
N ALA B 79 0.10 -15.31 -20.76
CA ALA B 79 -0.36 -15.12 -19.39
C ALA B 79 0.51 -15.87 -18.38
N ASP B 80 1.08 -15.13 -17.43
CA ASP B 80 1.91 -15.73 -16.37
C ASP B 80 1.02 -16.55 -15.45
N CYS B 81 -0.23 -16.10 -15.29
CA CYS B 81 -1.18 -16.80 -14.44
C CYS B 81 -2.56 -16.67 -15.09
N VAL B 82 -3.33 -17.76 -15.03
CA VAL B 82 -4.67 -17.79 -15.61
C VAL B 82 -5.64 -18.14 -14.47
N ILE B 83 -6.62 -17.29 -14.22
CA ILE B 83 -7.58 -17.53 -13.14
C ILE B 83 -8.93 -17.81 -13.79
N VAL B 84 -9.41 -19.04 -13.61
CA VAL B 84 -10.65 -19.45 -14.23
C VAL B 84 -11.89 -19.40 -13.33
N THR B 85 -12.85 -18.56 -13.72
CA THR B 85 -14.11 -18.41 -13.01
C THR B 85 -15.29 -18.72 -13.95
N ALA B 86 -14.98 -19.10 -15.19
CA ALA B 86 -16.03 -19.41 -16.17
C ALA B 86 -16.98 -20.51 -15.71
N GLY B 87 -18.30 -20.26 -15.80
CA GLY B 87 -19.29 -21.24 -15.41
C GLY B 87 -20.50 -20.70 -14.66
N LEU B 88 -21.37 -21.61 -14.21
CA LEU B 88 -22.58 -21.22 -13.49
C LEU B 88 -22.39 -21.24 -11.97
N THR B 89 -23.09 -20.33 -11.31
CA THR B 89 -23.07 -20.19 -9.86
C THR B 89 -24.29 -20.90 -9.29
N LYS B 90 -25.39 -20.89 -10.05
CA LYS B 90 -26.63 -21.51 -9.58
C LYS B 90 -27.34 -22.26 -10.71
N VAL B 91 -28.02 -23.35 -10.34
CA VAL B 91 -28.78 -24.13 -11.30
C VAL B 91 -30.09 -23.40 -11.57
N PRO B 92 -30.46 -23.22 -12.84
CA PRO B 92 -31.70 -22.52 -13.21
C PRO B 92 -32.96 -23.09 -12.57
N GLY B 93 -33.87 -22.19 -12.20
CA GLY B 93 -35.13 -22.60 -11.59
C GLY B 93 -35.06 -23.44 -10.32
N LYS B 94 -34.04 -23.22 -9.50
CA LYS B 94 -33.94 -23.99 -8.26
C LYS B 94 -33.89 -23.07 -7.04
N PRO B 95 -34.74 -23.33 -6.04
CA PRO B 95 -34.84 -22.56 -4.79
C PRO B 95 -33.49 -22.35 -4.11
N ASP B 96 -33.27 -21.14 -3.60
CA ASP B 96 -32.01 -20.82 -2.93
C ASP B 96 -31.80 -21.74 -1.74
N SER B 97 -32.90 -22.19 -1.16
CA SER B 97 -32.84 -23.09 -0.02
C SER B 97 -32.16 -24.40 -0.40
N GLU B 98 -32.23 -24.76 -1.68
CA GLU B 98 -31.65 -26.00 -2.19
C GLU B 98 -30.33 -25.82 -2.93
N TRP B 99 -29.73 -24.63 -2.83
CA TRP B 99 -28.47 -24.38 -3.52
C TRP B 99 -27.39 -25.39 -3.11
N SER B 100 -26.74 -25.97 -4.10
CA SER B 100 -25.66 -26.95 -3.88
C SER B 100 -24.59 -26.83 -4.95
N ARG B 101 -23.33 -26.78 -4.51
CA ARG B 101 -22.24 -26.67 -5.46
C ARG B 101 -22.11 -27.91 -6.35
N ASN B 102 -22.39 -29.10 -5.79
CA ASN B 102 -22.27 -30.32 -6.59
C ASN B 102 -23.23 -30.37 -7.79
N ASP B 103 -24.39 -29.74 -7.64
CA ASP B 103 -25.38 -29.71 -8.73
C ASP B 103 -24.82 -29.02 -9.96
N LEU B 104 -23.78 -28.21 -9.80
CA LEU B 104 -23.20 -27.51 -10.94
C LEU B 104 -22.31 -28.41 -11.78
N LEU B 105 -21.94 -29.57 -11.22
CA LEU B 105 -21.05 -30.47 -11.92
C LEU B 105 -21.38 -30.70 -13.39
N PRO B 106 -22.65 -30.98 -13.72
CA PRO B 106 -23.06 -31.24 -15.11
C PRO B 106 -22.91 -30.05 -16.06
N PHE B 107 -22.97 -28.83 -15.52
CA PHE B 107 -22.87 -27.66 -16.38
C PHE B 107 -21.44 -27.13 -16.55
N ASN B 108 -20.66 -27.14 -15.47
CA ASN B 108 -19.31 -26.58 -15.53
C ASN B 108 -18.18 -27.51 -16.00
N SER B 109 -18.38 -28.82 -15.91
CA SER B 109 -17.34 -29.78 -16.31
C SER B 109 -16.81 -29.55 -17.70
N LYS B 110 -17.74 -29.50 -18.66
CA LYS B 110 -17.45 -29.31 -20.06
C LYS B 110 -16.67 -28.01 -20.33
N ILE B 111 -17.09 -26.94 -19.67
CA ILE B 111 -16.50 -25.63 -19.81
C ILE B 111 -15.06 -25.66 -19.30
N ILE B 112 -14.87 -26.17 -18.09
CA ILE B 112 -13.54 -26.25 -17.52
C ILE B 112 -12.59 -27.10 -18.40
N ARG B 113 -13.11 -28.19 -18.96
CA ARG B 113 -12.30 -29.06 -19.80
C ARG B 113 -11.87 -28.34 -21.07
N GLU B 114 -12.80 -27.62 -21.70
CA GLU B 114 -12.48 -26.89 -22.91
C GLU B 114 -11.39 -25.85 -22.64
N ILE B 115 -11.52 -25.16 -21.51
CA ILE B 115 -10.55 -24.14 -21.16
C ILE B 115 -9.16 -24.75 -20.97
N GLY B 116 -9.10 -25.90 -20.31
CA GLY B 116 -7.83 -26.57 -20.10
C GLY B 116 -7.18 -26.97 -21.42
N GLN B 117 -7.99 -27.37 -22.40
CA GLN B 117 -7.45 -27.75 -23.70
C GLN B 117 -6.85 -26.53 -24.40
N ASN B 118 -7.45 -25.36 -24.16
CA ASN B 118 -6.94 -24.15 -24.76
C ASN B 118 -5.68 -23.66 -24.06
N ILE B 119 -5.59 -23.88 -22.75
CA ILE B 119 -4.40 -23.47 -22.00
C ILE B 119 -3.22 -24.32 -22.49
N LYS B 120 -3.47 -25.61 -22.66
CA LYS B 120 -2.44 -26.53 -23.11
C LYS B 120 -1.93 -26.06 -24.47
N LYS B 121 -2.82 -25.48 -25.25
CA LYS B 121 -2.51 -24.99 -26.58
C LYS B 121 -1.85 -23.61 -26.61
N TYR B 122 -2.32 -22.69 -25.78
CA TYR B 122 -1.76 -21.33 -25.81
C TYR B 122 -0.81 -20.88 -24.69
N CYS B 123 -0.90 -21.46 -23.50
CA CYS B 123 0.04 -21.07 -22.44
C CYS B 123 0.28 -22.23 -21.49
N PRO B 124 0.91 -23.30 -22.00
CA PRO B 124 1.20 -24.48 -21.19
C PRO B 124 2.18 -24.27 -20.05
N LYS B 125 2.80 -23.10 -19.99
CA LYS B 125 3.74 -22.82 -18.90
C LYS B 125 3.12 -21.91 -17.86
N THR B 126 1.85 -21.61 -17.99
CA THR B 126 1.21 -20.70 -17.05
C THR B 126 0.92 -21.36 -15.72
N PHE B 127 0.60 -20.56 -14.71
CA PHE B 127 0.22 -21.09 -13.42
C PHE B 127 -1.31 -20.94 -13.44
N ILE B 128 -2.03 -22.04 -13.21
CA ILE B 128 -3.50 -22.01 -13.24
C ILE B 128 -4.16 -21.99 -11.88
N ILE B 129 -5.07 -21.04 -11.68
CA ILE B 129 -5.82 -20.94 -10.43
C ILE B 129 -7.28 -21.11 -10.81
N VAL B 130 -7.87 -22.20 -10.36
CA VAL B 130 -9.27 -22.49 -10.66
C VAL B 130 -10.12 -22.00 -9.51
N VAL B 131 -11.32 -21.51 -9.85
CA VAL B 131 -12.26 -21.00 -8.86
C VAL B 131 -13.63 -21.66 -9.08
N THR B 132 -14.00 -21.88 -10.34
CA THR B 132 -15.28 -22.49 -10.71
C THR B 132 -15.65 -23.72 -9.87
N ASN B 133 -16.91 -23.77 -9.40
CA ASN B 133 -17.40 -24.88 -8.59
C ASN B 133 -17.98 -26.00 -9.48
N PRO B 134 -18.03 -27.25 -8.98
CA PRO B 134 -17.57 -27.65 -7.64
C PRO B 134 -16.04 -27.69 -7.73
N LEU B 135 -15.44 -26.77 -6.98
CA LEU B 135 -14.00 -26.57 -7.01
C LEU B 135 -13.02 -27.73 -7.12
N ASP B 136 -13.02 -28.60 -6.12
CA ASP B 136 -12.07 -29.70 -6.15
C ASP B 136 -12.18 -30.62 -7.36
N CYS B 137 -13.40 -30.83 -7.87
CA CYS B 137 -13.58 -31.67 -9.05
C CYS B 137 -13.06 -30.94 -10.26
N MET B 138 -13.40 -29.66 -10.35
CA MET B 138 -12.97 -28.82 -11.48
C MET B 138 -11.45 -28.67 -11.58
N VAL B 139 -10.77 -28.62 -10.45
CA VAL B 139 -9.33 -28.48 -10.48
C VAL B 139 -8.75 -29.72 -11.18
N LYS B 140 -9.33 -30.88 -10.89
CA LYS B 140 -8.88 -32.12 -11.47
C LYS B 140 -9.19 -32.14 -12.97
N VAL B 141 -10.39 -31.73 -13.33
CA VAL B 141 -10.75 -31.69 -14.75
C VAL B 141 -9.74 -30.78 -15.45
N MET B 142 -9.51 -29.61 -14.86
CA MET B 142 -8.59 -28.64 -15.43
C MET B 142 -7.18 -29.24 -15.59
N CYS B 143 -6.71 -29.94 -14.57
CA CYS B 143 -5.38 -30.55 -14.61
C CYS B 143 -5.23 -31.54 -15.77
N GLU B 144 -6.21 -32.43 -15.91
CA GLU B 144 -6.18 -33.41 -16.98
C GLU B 144 -6.24 -32.78 -18.35
N ALA B 145 -7.14 -31.82 -18.54
CA ALA B 145 -7.28 -31.17 -19.83
C ALA B 145 -6.09 -30.27 -20.23
N SER B 146 -5.59 -29.47 -19.28
CA SER B 146 -4.47 -28.56 -19.56
C SER B 146 -3.13 -29.25 -19.69
N GLY B 147 -2.93 -30.32 -18.92
CA GLY B 147 -1.68 -31.05 -18.99
C GLY B 147 -0.49 -30.37 -18.33
N VAL B 148 -0.73 -29.31 -17.56
CA VAL B 148 0.37 -28.61 -16.89
C VAL B 148 0.96 -29.45 -15.75
N PRO B 149 2.21 -29.19 -15.36
CA PRO B 149 2.79 -29.98 -14.25
C PRO B 149 1.87 -29.80 -13.03
N THR B 150 1.77 -30.81 -12.17
CA THR B 150 0.88 -30.74 -11.02
C THR B 150 1.16 -29.65 -10.00
N ASN B 151 2.38 -29.14 -9.99
CA ASN B 151 2.73 -28.08 -9.05
C ASN B 151 2.33 -26.71 -9.63
N MET B 152 1.92 -26.69 -10.90
CA MET B 152 1.53 -25.46 -11.57
C MET B 152 0.02 -25.23 -11.68
N ILE B 153 -0.74 -25.87 -10.80
CA ILE B 153 -2.17 -25.71 -10.81
C ILE B 153 -2.77 -25.93 -9.43
N CYS B 154 -3.79 -25.15 -9.11
CA CYS B 154 -4.47 -25.28 -7.83
C CYS B 154 -5.87 -24.69 -7.89
N GLY B 155 -6.64 -24.94 -6.85
CA GLY B 155 -7.98 -24.40 -6.79
C GLY B 155 -8.09 -23.47 -5.60
N MET B 156 -8.79 -22.37 -5.79
CA MET B 156 -8.99 -21.41 -4.71
C MET B 156 -10.26 -21.77 -3.95
N ALA B 157 -10.14 -22.04 -2.66
CA ALA B 157 -11.32 -22.29 -1.85
C ALA B 157 -11.03 -22.19 -0.36
N CYS B 158 -10.08 -22.99 0.12
CA CYS B 158 -9.80 -22.99 1.54
C CYS B 158 -9.28 -21.65 2.10
N MET B 159 -8.67 -20.81 1.26
CA MET B 159 -8.24 -19.52 1.81
C MET B 159 -9.50 -18.70 2.11
N LEU B 160 -10.53 -18.87 1.29
CA LEU B 160 -11.80 -18.18 1.51
C LEU B 160 -12.49 -18.76 2.75
N ASP B 161 -12.54 -20.09 2.83
CA ASP B 161 -13.18 -20.76 3.96
C ASP B 161 -12.42 -20.46 5.26
N SER B 162 -11.09 -20.43 5.19
CA SER B 162 -10.30 -20.12 6.37
C SER B 162 -10.51 -18.65 6.69
N GLY B 163 -10.65 -17.84 5.62
CA GLY B 163 -10.89 -16.43 5.81
C GLY B 163 -12.17 -16.15 6.57
N ARG B 164 -13.23 -16.88 6.24
CA ARG B 164 -14.51 -16.71 6.92
C ARG B 164 -14.33 -17.16 8.38
N PHE B 165 -13.72 -18.34 8.54
CA PHE B 165 -13.43 -18.96 9.84
C PHE B 165 -12.71 -17.92 10.70
N ARG B 166 -11.68 -17.30 10.13
CA ARG B 166 -10.88 -16.28 10.82
C ARG B 166 -11.65 -15.03 11.23
N ARG B 167 -12.52 -14.54 10.35
CA ARG B 167 -13.30 -13.34 10.68
C ARG B 167 -14.22 -13.59 11.88
N TYR B 168 -14.83 -14.77 11.92
CA TYR B 168 -15.73 -15.10 13.02
C TYR B 168 -14.97 -15.24 14.34
N VAL B 169 -13.83 -15.91 14.30
CA VAL B 169 -13.01 -16.08 15.49
C VAL B 169 -12.50 -14.71 15.95
N ALA B 170 -12.08 -13.88 15.00
CA ALA B 170 -11.57 -12.54 15.32
C ALA B 170 -12.65 -11.68 15.98
N ASP B 171 -13.91 -11.88 15.57
CA ASP B 171 -15.00 -11.13 16.17
C ASP B 171 -15.27 -11.63 17.58
N ALA B 172 -15.13 -12.93 17.82
CA ALA B 172 -15.37 -13.48 19.16
C ALA B 172 -14.29 -13.08 20.16
N LEU B 173 -13.07 -12.91 19.67
CA LEU B 173 -11.94 -12.56 20.51
C LEU B 173 -11.58 -11.08 20.53
N SER B 174 -12.19 -10.30 19.65
CA SER B 174 -11.91 -8.87 19.56
C SER B 174 -10.44 -8.65 19.18
N VAL B 175 -9.97 -9.33 18.15
CA VAL B 175 -8.60 -9.15 17.71
C VAL B 175 -8.67 -9.04 16.19
N SER B 176 -7.59 -8.54 15.60
CA SER B 176 -7.51 -8.40 14.16
C SER B 176 -7.40 -9.78 13.52
N PRO B 177 -8.16 -10.03 12.44
CA PRO B 177 -8.07 -11.35 11.81
C PRO B 177 -6.66 -11.64 11.28
N ARG B 178 -5.83 -10.62 11.23
CA ARG B 178 -4.46 -10.82 10.78
C ARG B 178 -3.81 -11.79 11.77
N ASP B 179 -4.19 -11.69 13.04
CA ASP B 179 -3.60 -12.53 14.07
C ASP B 179 -4.34 -13.78 14.49
N VAL B 180 -5.29 -14.19 13.67
CA VAL B 180 -6.00 -15.41 13.92
C VAL B 180 -5.63 -16.36 12.79
N GLN B 181 -5.05 -17.49 13.16
CA GLN B 181 -4.70 -18.49 12.18
C GLN B 181 -5.71 -19.62 12.38
N ALA B 182 -6.72 -19.65 11.51
CA ALA B 182 -7.74 -20.67 11.59
C ALA B 182 -7.79 -21.27 10.19
N THR B 183 -7.73 -22.59 10.12
CA THR B 183 -7.69 -23.26 8.82
C THR B 183 -8.81 -24.23 8.54
N VAL B 184 -9.21 -24.28 7.29
CA VAL B 184 -10.23 -25.21 6.81
C VAL B 184 -9.56 -26.07 5.73
N ILE B 185 -9.69 -27.40 5.85
CA ILE B 185 -9.14 -28.33 4.86
C ILE B 185 -10.29 -29.22 4.36
N GLY B 186 -10.02 -30.01 3.32
CA GLY B 186 -11.04 -30.89 2.77
C GLY B 186 -11.58 -30.36 1.46
N THR B 187 -12.78 -30.80 1.08
CA THR B 187 -13.40 -30.34 -0.16
C THR B 187 -14.26 -29.13 0.16
N HIS B 188 -14.33 -28.20 -0.77
CA HIS B 188 -15.12 -26.99 -0.56
C HIS B 188 -16.61 -27.32 -0.65
N GLY B 189 -17.23 -27.57 0.50
CA GLY B 189 -18.64 -27.90 0.53
C GLY B 189 -19.08 -28.25 1.94
N ASP B 190 -20.24 -28.90 2.07
CA ASP B 190 -20.75 -29.26 3.39
C ASP B 190 -19.81 -30.19 4.17
N CYS B 191 -18.89 -30.84 3.46
CA CYS B 191 -17.96 -31.73 4.15
C CYS B 191 -16.59 -31.07 4.40
N MET B 192 -16.53 -29.74 4.32
CA MET B 192 -15.26 -29.05 4.56
C MET B 192 -14.97 -29.22 6.04
N VAL B 193 -13.69 -29.22 6.39
CA VAL B 193 -13.29 -29.46 7.76
C VAL B 193 -12.65 -28.29 8.49
N PRO B 194 -13.46 -27.52 9.24
CA PRO B 194 -12.86 -26.41 9.95
C PRO B 194 -12.07 -27.02 11.12
N LEU B 195 -10.74 -26.86 11.12
CA LEU B 195 -9.92 -27.42 12.18
C LEU B 195 -9.95 -26.60 13.46
N VAL B 196 -11.03 -26.74 14.23
CA VAL B 196 -11.20 -26.00 15.48
C VAL B 196 -10.08 -26.22 16.48
N ARG B 197 -9.56 -27.44 16.51
CA ARG B 197 -8.49 -27.78 17.46
C ARG B 197 -7.18 -27.03 17.20
N TYR B 198 -6.94 -26.69 15.93
CA TYR B 198 -5.73 -26.00 15.52
C TYR B 198 -5.75 -24.46 15.58
N ILE B 199 -6.89 -23.86 15.85
CA ILE B 199 -6.98 -22.41 15.91
C ILE B 199 -5.93 -21.76 16.83
N THR B 200 -5.20 -20.79 16.29
CA THR B 200 -4.24 -20.05 17.11
C THR B 200 -4.46 -18.53 16.94
N VAL B 201 -4.01 -17.80 17.96
CA VAL B 201 -4.07 -16.35 18.00
C VAL B 201 -2.58 -16.00 18.09
N ASN B 202 -2.03 -15.54 16.98
CA ASN B 202 -0.62 -15.26 16.88
C ASN B 202 0.19 -16.44 17.40
N GLY B 203 -0.21 -17.64 16.99
CA GLY B 203 0.50 -18.85 17.41
C GLY B 203 0.17 -19.35 18.79
N TYR B 204 -0.74 -18.67 19.50
CA TYR B 204 -1.12 -19.09 20.85
C TYR B 204 -2.36 -19.99 20.71
N PRO B 205 -2.34 -21.18 21.32
CA PRO B 205 -3.48 -22.09 21.23
C PRO B 205 -4.81 -21.48 21.69
N ILE B 206 -5.85 -21.72 20.90
CA ILE B 206 -7.18 -21.22 21.21
C ILE B 206 -7.62 -21.72 22.59
N GLN B 207 -7.17 -22.91 22.95
CA GLN B 207 -7.49 -23.51 24.24
C GLN B 207 -7.16 -22.57 25.40
N LYS B 208 -6.22 -21.65 25.19
CA LYS B 208 -5.85 -20.71 26.24
C LYS B 208 -6.95 -19.67 26.43
N PHE B 209 -7.60 -19.30 25.32
CA PHE B 209 -8.67 -18.33 25.39
C PHE B 209 -9.92 -18.98 25.94
N ILE B 210 -10.04 -20.29 25.74
CA ILE B 210 -11.17 -21.03 26.30
C ILE B 210 -11.01 -21.05 27.83
N LYS B 211 -9.81 -21.42 28.31
CA LYS B 211 -9.55 -21.48 29.75
C LYS B 211 -9.66 -20.13 30.43
N ASP B 212 -9.28 -19.09 29.71
CA ASP B 212 -9.34 -17.74 30.24
C ASP B 212 -10.77 -17.24 30.34
N GLY B 213 -11.70 -17.99 29.74
CA GLY B 213 -13.10 -17.65 29.77
C GLY B 213 -13.53 -16.63 28.73
N VAL B 214 -12.72 -16.45 27.70
CA VAL B 214 -13.05 -15.48 26.66
C VAL B 214 -13.96 -16.06 25.61
N VAL B 215 -13.86 -17.37 25.41
CA VAL B 215 -14.67 -18.06 24.41
C VAL B 215 -14.88 -19.51 24.87
N THR B 216 -15.99 -20.13 24.46
CA THR B 216 -16.26 -21.53 24.85
C THR B 216 -16.17 -22.44 23.65
N GLU B 217 -16.01 -23.73 23.91
CA GLU B 217 -15.91 -24.73 22.86
C GLU B 217 -17.19 -24.64 22.04
N LYS B 218 -18.31 -24.48 22.74
CA LYS B 218 -19.61 -24.36 22.10
C LYS B 218 -19.58 -23.23 21.07
N GLN B 219 -19.10 -22.06 21.47
CA GLN B 219 -19.02 -20.94 20.53
C GLN B 219 -18.18 -21.30 19.32
N LEU B 220 -17.03 -21.93 19.56
CA LEU B 220 -16.13 -22.31 18.47
C LEU B 220 -16.77 -23.27 17.48
N GLU B 221 -17.54 -24.23 17.97
CA GLU B 221 -18.19 -25.19 17.10
C GLU B 221 -19.30 -24.51 16.30
N GLU B 222 -19.97 -23.54 16.91
CA GLU B 222 -21.01 -22.82 16.19
C GLU B 222 -20.32 -22.02 15.08
N ILE B 223 -19.12 -21.54 15.37
CA ILE B 223 -18.38 -20.77 14.39
C ILE B 223 -17.95 -21.65 13.22
N ALA B 224 -17.58 -22.89 13.49
CA ALA B 224 -17.17 -23.81 12.43
C ALA B 224 -18.39 -24.10 11.55
N GLU B 225 -19.54 -24.25 12.19
CA GLU B 225 -20.77 -24.55 11.47
C GLU B 225 -21.13 -23.37 10.57
N HIS B 226 -20.94 -22.15 11.08
CA HIS B 226 -21.23 -20.95 10.31
C HIS B 226 -20.30 -20.96 9.11
N THR B 227 -19.02 -21.20 9.38
CA THR B 227 -18.02 -21.26 8.32
C THR B 227 -18.48 -22.16 7.15
N LYS B 228 -18.93 -23.37 7.49
CA LYS B 228 -19.41 -24.34 6.50
C LYS B 228 -20.59 -23.89 5.67
N VAL B 229 -21.53 -23.18 6.30
CA VAL B 229 -22.72 -22.75 5.58
C VAL B 229 -22.60 -21.30 5.16
N SER B 230 -21.41 -20.72 5.27
CA SER B 230 -21.25 -19.30 4.90
C SER B 230 -21.53 -18.99 3.42
N GLY B 231 -21.18 -19.91 2.52
CA GLY B 231 -21.43 -19.68 1.11
C GLY B 231 -22.91 -19.61 0.78
N GLY B 232 -23.66 -20.60 1.24
CA GLY B 232 -25.08 -20.64 0.97
C GLY B 232 -25.78 -19.46 1.62
N GLU B 233 -25.28 -19.07 2.80
CA GLU B 233 -25.86 -17.95 3.54
C GLU B 233 -25.83 -16.71 2.67
N ILE B 234 -24.70 -16.46 2.02
CA ILE B 234 -24.58 -15.28 1.18
C ILE B 234 -25.47 -15.44 -0.05
N VAL B 235 -25.50 -16.64 -0.63
CA VAL B 235 -26.36 -16.88 -1.80
C VAL B 235 -27.81 -16.53 -1.45
N ARG B 236 -28.26 -16.96 -0.28
CA ARG B 236 -29.63 -16.67 0.13
C ARG B 236 -29.85 -15.17 0.37
N PHE B 237 -28.91 -14.51 1.02
CA PHE B 237 -29.06 -13.07 1.25
C PHE B 237 -29.05 -12.25 -0.05
N LEU B 238 -28.11 -12.56 -0.95
CA LEU B 238 -28.00 -11.84 -2.21
C LEU B 238 -29.19 -11.97 -3.14
N GLY B 239 -29.77 -13.16 -3.21
CA GLY B 239 -30.91 -13.36 -4.08
C GLY B 239 -30.43 -13.84 -5.43
N GLN B 240 -29.41 -13.18 -5.98
CA GLN B 240 -28.84 -13.57 -7.26
C GLN B 240 -27.33 -13.74 -7.12
N GLY B 241 -26.79 -14.76 -7.79
CA GLY B 241 -25.36 -15.02 -7.75
C GLY B 241 -24.83 -15.41 -6.38
N SER B 242 -23.50 -15.42 -6.24
CA SER B 242 -22.88 -15.77 -4.96
C SER B 242 -21.74 -14.82 -4.61
N ALA B 243 -21.05 -15.11 -3.51
CA ALA B 243 -19.94 -14.28 -3.05
C ALA B 243 -18.87 -14.03 -4.10
N TYR B 244 -18.35 -12.80 -4.13
CA TYR B 244 -17.30 -12.46 -5.07
C TYR B 244 -16.19 -11.57 -4.50
N TYR B 245 -16.48 -10.74 -3.49
CA TYR B 245 -15.42 -9.88 -2.92
C TYR B 245 -14.30 -10.65 -2.23
N ALA B 246 -14.64 -11.57 -1.32
CA ALA B 246 -13.60 -12.34 -0.65
C ALA B 246 -13.01 -13.40 -1.61
N PRO B 247 -13.87 -14.02 -2.44
CA PRO B 247 -13.32 -15.02 -3.37
C PRO B 247 -12.26 -14.39 -4.27
N ALA B 248 -12.53 -13.18 -4.76
CA ALA B 248 -11.58 -12.51 -5.64
C ALA B 248 -10.28 -12.18 -4.91
N ALA B 249 -10.40 -11.66 -3.69
CA ALA B 249 -9.22 -11.30 -2.91
C ALA B 249 -8.36 -12.55 -2.63
N SER B 250 -9.01 -13.69 -2.41
CA SER B 250 -8.31 -14.95 -2.13
C SER B 250 -7.52 -15.42 -3.33
N ALA B 251 -8.17 -15.42 -4.49
CA ALA B 251 -7.50 -15.86 -5.71
C ALA B 251 -6.32 -14.96 -6.07
N VAL B 252 -6.48 -13.66 -5.88
CA VAL B 252 -5.40 -12.73 -6.20
C VAL B 252 -4.25 -12.84 -5.19
N ALA B 253 -4.56 -13.05 -3.92
CA ALA B 253 -3.52 -13.23 -2.91
C ALA B 253 -2.66 -14.44 -3.32
N MET B 254 -3.31 -15.52 -3.75
CA MET B 254 -2.58 -16.72 -4.17
C MET B 254 -1.73 -16.40 -5.41
N ALA B 255 -2.33 -15.69 -6.37
CA ALA B 255 -1.63 -15.34 -7.59
C ALA B 255 -0.42 -14.46 -7.29
N THR B 256 -0.58 -13.56 -6.32
CA THR B 256 0.49 -12.64 -5.93
C THR B 256 1.65 -13.37 -5.27
N SER B 257 1.33 -14.41 -4.50
CA SER B 257 2.33 -15.23 -3.82
C SER B 257 3.15 -15.96 -4.87
N PHE B 258 2.51 -16.27 -6.00
CA PHE B 258 3.19 -16.94 -7.09
C PHE B 258 4.06 -15.94 -7.86
N LEU B 259 3.43 -14.87 -8.35
CA LEU B 259 4.11 -13.84 -9.14
C LEU B 259 5.30 -13.17 -8.44
N ASN B 260 5.25 -13.07 -7.11
CA ASN B 260 6.30 -12.46 -6.31
C ASN B 260 7.13 -13.48 -5.54
N ASP B 261 6.86 -14.77 -5.76
CA ASP B 261 7.61 -15.81 -5.05
C ASP B 261 7.66 -15.47 -3.55
N GLU B 262 6.50 -15.26 -2.95
CA GLU B 262 6.42 -14.91 -1.54
C GLU B 262 6.56 -16.12 -0.61
N LYS B 263 6.12 -17.26 -1.12
CA LYS B 263 6.16 -18.51 -0.37
C LYS B 263 5.22 -18.43 0.82
N ARG B 264 4.07 -17.77 0.63
CA ARG B 264 3.09 -17.72 1.69
C ARG B 264 2.48 -19.10 1.86
N VAL B 265 2.01 -19.38 3.07
CA VAL B 265 1.40 -20.66 3.41
C VAL B 265 -0.11 -20.46 3.33
N ILE B 266 -0.70 -20.88 2.22
CA ILE B 266 -2.12 -20.71 1.96
C ILE B 266 -2.80 -22.03 1.63
N PRO B 267 -3.86 -22.39 2.37
CA PRO B 267 -4.50 -23.66 2.01
C PRO B 267 -5.30 -23.50 0.71
N CYS B 268 -5.17 -24.48 -0.16
CA CYS B 268 -5.88 -24.47 -1.43
C CYS B 268 -6.02 -25.90 -1.93
N SER B 269 -6.76 -26.09 -3.02
CA SER B 269 -6.93 -27.43 -3.56
C SER B 269 -5.68 -27.78 -4.33
N VAL B 270 -4.92 -28.75 -3.83
CA VAL B 270 -3.68 -29.12 -4.48
C VAL B 270 -3.52 -30.60 -4.82
N TYR B 271 -2.66 -30.87 -5.78
CA TYR B 271 -2.41 -32.23 -6.20
C TYR B 271 -1.83 -33.08 -5.07
N CYS B 272 -2.45 -34.23 -4.86
CA CYS B 272 -2.01 -35.15 -3.82
C CYS B 272 -1.30 -36.33 -4.42
N ASN B 273 -0.10 -36.58 -3.93
CA ASN B 273 0.70 -37.69 -4.40
C ASN B 273 1.25 -38.43 -3.20
N GLY B 274 0.35 -38.85 -2.31
CA GLY B 274 0.78 -39.58 -1.15
C GLY B 274 0.38 -38.93 0.16
N GLU B 275 0.08 -37.64 0.15
CA GLU B 275 -0.30 -36.95 1.36
C GLU B 275 -1.63 -37.47 1.91
N TYR B 276 -1.71 -37.63 3.23
CA TYR B 276 -2.91 -38.13 3.90
C TYR B 276 -3.35 -39.44 3.26
N GLY B 277 -2.46 -40.04 2.47
CA GLY B 277 -2.76 -41.30 1.81
C GLY B 277 -3.51 -41.14 0.50
N LEU B 278 -3.57 -39.91 -0.01
CA LEU B 278 -4.30 -39.63 -1.25
C LEU B 278 -3.41 -39.59 -2.50
N LYS B 279 -3.90 -40.15 -3.59
CA LYS B 279 -3.14 -40.16 -4.85
C LYS B 279 -4.03 -39.77 -6.03
N ASP B 280 -3.43 -39.13 -7.03
CA ASP B 280 -4.12 -38.70 -8.25
C ASP B 280 -5.42 -37.94 -8.02
N MET B 281 -5.35 -36.89 -7.22
CA MET B 281 -6.53 -36.09 -6.97
C MET B 281 -6.13 -34.79 -6.29
N PHE B 282 -7.06 -33.86 -6.26
CA PHE B 282 -6.85 -32.56 -5.67
C PHE B 282 -7.83 -32.36 -4.53
N ILE B 283 -7.37 -31.74 -3.43
CA ILE B 283 -8.24 -31.47 -2.30
C ILE B 283 -7.61 -30.37 -1.46
N GLY B 284 -8.45 -29.65 -0.72
CA GLY B 284 -7.98 -28.56 0.13
C GLY B 284 -7.05 -28.94 1.27
N LEU B 285 -5.82 -28.45 1.17
CA LEU B 285 -4.77 -28.73 2.15
C LEU B 285 -3.86 -27.50 2.29
N PRO B 286 -3.18 -27.38 3.45
CA PRO B 286 -2.30 -26.24 3.63
C PRO B 286 -1.12 -26.44 2.68
N ALA B 287 -0.74 -25.38 1.94
CA ALA B 287 0.36 -25.46 0.98
C ALA B 287 1.18 -24.17 0.91
N VAL B 288 2.38 -24.29 0.34
CA VAL B 288 3.25 -23.14 0.17
C VAL B 288 3.23 -22.75 -1.29
N ILE B 289 2.84 -21.52 -1.58
CA ILE B 289 2.80 -21.04 -2.95
C ILE B 289 3.99 -20.10 -3.21
N GLY B 290 4.87 -20.52 -4.11
CA GLY B 290 6.03 -19.69 -4.43
C GLY B 290 6.16 -19.50 -5.91
N GLY B 291 7.32 -18.99 -6.35
CA GLY B 291 7.57 -18.76 -7.75
C GLY B 291 7.70 -20.03 -8.55
N ALA B 292 7.71 -21.17 -7.86
CA ALA B 292 7.81 -22.46 -8.53
C ALA B 292 6.44 -23.13 -8.39
N GLY B 293 5.41 -22.31 -8.17
CA GLY B 293 4.05 -22.81 -8.01
C GLY B 293 3.79 -23.35 -6.61
N ILE B 294 3.13 -24.50 -6.53
CA ILE B 294 2.88 -25.14 -5.24
C ILE B 294 4.20 -25.79 -4.91
N GLU B 295 4.95 -25.18 -4.00
CA GLU B 295 6.25 -25.71 -3.66
C GLU B 295 6.24 -26.75 -2.53
N ARG B 296 5.18 -26.77 -1.73
CA ARG B 296 5.07 -27.73 -0.63
C ARG B 296 3.61 -27.96 -0.22
N VAL B 297 3.28 -29.21 0.08
CA VAL B 297 1.94 -29.58 0.56
C VAL B 297 2.12 -30.05 2.00
N ILE B 298 1.51 -29.33 2.92
CA ILE B 298 1.65 -29.64 4.33
C ILE B 298 0.68 -30.71 4.84
N GLU B 299 1.22 -31.70 5.53
CA GLU B 299 0.40 -32.76 6.08
C GLU B 299 0.30 -32.53 7.58
N LEU B 300 -0.93 -32.29 8.07
CA LEU B 300 -1.16 -32.05 9.49
C LEU B 300 -1.45 -33.37 10.19
N GLU B 301 -1.13 -33.43 11.48
CA GLU B 301 -1.34 -34.61 12.30
C GLU B 301 -2.77 -34.62 12.82
N LEU B 302 -3.70 -35.08 11.99
CA LEU B 302 -5.11 -35.12 12.36
C LEU B 302 -5.43 -36.16 13.43
N ASN B 303 -6.41 -35.86 14.27
CA ASN B 303 -6.81 -36.80 15.31
C ASN B 303 -8.01 -37.61 14.83
N GLU B 304 -8.38 -38.65 15.58
CA GLU B 304 -9.48 -39.52 15.17
C GLU B 304 -10.70 -38.80 14.60
N GLU B 305 -11.27 -37.87 15.35
CA GLU B 305 -12.44 -37.14 14.86
C GLU B 305 -12.12 -36.38 13.57
N GLU B 306 -10.98 -35.70 13.52
CA GLU B 306 -10.59 -34.92 12.35
C GLU B 306 -10.44 -35.80 11.12
N LYS B 307 -9.79 -36.95 11.29
CA LYS B 307 -9.60 -37.88 10.19
C LYS B 307 -10.93 -38.40 9.66
N LYS B 308 -11.90 -38.51 10.55
CA LYS B 308 -13.22 -39.00 10.18
C LYS B 308 -13.94 -37.99 9.32
N GLN B 309 -13.82 -36.72 9.68
CA GLN B 309 -14.47 -35.65 8.93
C GLN B 309 -13.74 -35.45 7.60
N PHE B 310 -12.42 -35.55 7.62
CA PHE B 310 -11.62 -35.40 6.40
C PHE B 310 -11.93 -36.55 5.45
N GLN B 311 -12.06 -37.75 6.03
CA GLN B 311 -12.32 -38.94 5.24
C GLN B 311 -13.64 -38.84 4.51
N LYS B 312 -14.61 -38.14 5.10
CA LYS B 312 -15.92 -37.95 4.46
C LYS B 312 -15.71 -36.97 3.30
N SER B 313 -14.81 -36.01 3.52
CA SER B 313 -14.52 -35.03 2.50
C SER B 313 -13.85 -35.74 1.34
N VAL B 314 -12.94 -36.66 1.65
CA VAL B 314 -12.24 -37.42 0.62
C VAL B 314 -13.21 -38.26 -0.21
N ASP B 315 -14.15 -38.92 0.45
CA ASP B 315 -15.11 -39.75 -0.28
C ASP B 315 -15.98 -38.94 -1.20
N ASP B 316 -16.40 -37.76 -0.77
CA ASP B 316 -17.24 -36.95 -1.64
C ASP B 316 -16.53 -36.59 -2.94
N VAL B 317 -15.30 -36.12 -2.85
CA VAL B 317 -14.60 -35.74 -4.05
C VAL B 317 -14.18 -36.95 -4.90
N MET B 318 -13.90 -38.08 -4.27
CA MET B 318 -13.50 -39.24 -5.07
C MET B 318 -14.70 -39.79 -5.85
N ALA B 319 -15.85 -39.82 -5.21
CA ALA B 319 -17.06 -40.30 -5.86
C ALA B 319 -17.38 -39.42 -7.06
N LEU B 320 -17.30 -38.10 -6.88
CA LEU B 320 -17.57 -37.17 -7.96
C LEU B 320 -16.55 -37.29 -9.10
N ASN B 321 -15.28 -37.44 -8.75
CA ASN B 321 -14.25 -37.56 -9.77
C ASN B 321 -14.50 -38.81 -10.58
N LYS B 322 -14.91 -39.90 -9.92
CA LYS B 322 -15.16 -41.13 -10.65
C LYS B 322 -16.36 -40.94 -11.58
N ALA B 323 -17.38 -40.25 -11.09
CA ALA B 323 -18.56 -40.00 -11.92
C ALA B 323 -18.16 -39.17 -13.14
N VAL B 324 -17.34 -38.14 -12.92
CA VAL B 324 -16.93 -37.28 -14.03
C VAL B 324 -16.15 -38.07 -15.08
N ALA B 325 -15.26 -38.94 -14.64
CA ALA B 325 -14.46 -39.74 -15.57
C ALA B 325 -15.38 -40.73 -16.29
N ALA B 326 -16.33 -41.29 -15.56
CA ALA B 326 -17.25 -42.24 -16.15
C ALA B 326 -18.09 -41.57 -17.25
N LEU B 327 -18.57 -40.37 -16.95
CA LEU B 327 -19.42 -39.61 -17.88
C LEU B 327 -18.73 -38.80 -18.98
N GLN B 328 -17.40 -38.73 -18.94
CA GLN B 328 -16.68 -37.92 -19.92
C GLN B 328 -16.69 -38.37 -21.37
N ALA B 329 -16.87 -37.40 -22.27
CA ALA B 329 -16.86 -37.68 -23.69
C ALA B 329 -15.47 -38.15 -24.10
N PRO B 330 -15.38 -39.07 -25.08
CA PRO B 330 -14.09 -39.58 -25.54
C PRO B 330 -13.24 -38.49 -26.18
N PRO C 3 -12.47 25.99 5.95
CA PRO C 3 -13.46 26.43 6.97
C PRO C 3 -13.18 25.82 8.35
N ALA C 4 -14.18 25.18 8.95
CA ALA C 4 -13.97 24.56 10.26
C ALA C 4 -13.32 23.19 10.02
N LEU C 5 -12.18 22.94 10.64
CA LEU C 5 -11.54 21.63 10.46
C LEU C 5 -12.39 20.59 11.18
N VAL C 6 -12.83 19.57 10.44
CA VAL C 6 -13.65 18.50 11.02
C VAL C 6 -12.80 17.24 11.26
N GLN C 7 -11.97 16.87 10.28
CA GLN C 7 -11.10 15.71 10.44
C GLN C 7 -9.68 16.24 10.53
N ARG C 8 -9.03 15.96 11.66
CA ARG C 8 -7.67 16.40 11.92
C ARG C 8 -6.75 15.19 11.75
N ARG C 9 -5.60 15.36 11.12
CA ARG C 9 -4.69 14.25 10.97
C ARG C 9 -4.21 13.83 12.36
N LYS C 10 -3.76 12.58 12.49
CA LYS C 10 -3.24 12.11 13.77
C LYS C 10 -1.89 12.77 13.89
N LYS C 11 -1.39 12.91 15.12
CA LYS C 11 -0.09 13.51 15.34
C LYS C 11 0.80 12.62 16.23
N VAL C 12 1.99 12.34 15.74
CA VAL C 12 2.94 11.52 16.45
C VAL C 12 4.20 12.32 16.77
N ALA C 13 4.52 12.44 18.06
CA ALA C 13 5.71 13.17 18.46
C ALA C 13 6.84 12.20 18.70
N MET C 14 7.95 12.39 17.98
CA MET C 14 9.12 11.53 18.15
C MET C 14 10.05 12.25 19.11
N ILE C 15 10.08 11.82 20.37
CA ILE C 15 10.96 12.45 21.36
C ILE C 15 12.28 11.73 21.28
N GLY C 16 13.20 12.35 20.55
CA GLY C 16 14.50 11.77 20.29
C GLY C 16 14.46 11.65 18.78
N SER C 17 15.37 12.34 18.10
CA SER C 17 15.39 12.33 16.64
C SER C 17 16.64 11.71 16.06
N GLY C 18 17.16 10.68 16.73
CA GLY C 18 18.34 10.01 16.22
C GLY C 18 17.95 9.08 15.07
N MET C 19 18.63 7.94 14.97
CA MET C 19 18.38 6.96 13.91
C MET C 19 16.96 6.43 13.92
N ILE C 20 16.49 6.00 15.08
CA ILE C 20 15.14 5.44 15.19
C ILE C 20 14.03 6.50 15.05
N GLY C 21 14.19 7.65 15.69
CA GLY C 21 13.19 8.69 15.59
C GLY C 21 13.01 9.12 14.13
N GLY C 22 14.12 9.38 13.44
CA GLY C 22 14.04 9.79 12.06
C GLY C 22 13.41 8.72 11.17
N THR C 23 13.79 7.48 11.40
CA THR C 23 13.28 6.36 10.63
C THR C 23 11.76 6.18 10.81
N MET C 24 11.28 6.35 12.03
CA MET C 24 9.85 6.25 12.31
C MET C 24 9.16 7.40 11.57
N GLY C 25 9.80 8.56 11.58
CA GLY C 25 9.24 9.71 10.88
C GLY C 25 9.11 9.36 9.39
N TYR C 26 10.10 8.65 8.87
CA TYR C 26 10.08 8.25 7.46
C TYR C 26 8.87 7.36 7.17
N LEU C 27 8.60 6.39 8.05
CA LEU C 27 7.45 5.51 7.83
C LEU C 27 6.14 6.30 7.82
N CYS C 28 6.04 7.31 8.70
CA CYS C 28 4.84 8.14 8.78
C CYS C 28 4.60 8.91 7.50
N ALA C 29 5.67 9.44 6.93
CA ALA C 29 5.60 10.21 5.70
C ALA C 29 5.31 9.30 4.51
N LEU C 30 5.98 8.15 4.50
CA LEU C 30 5.81 7.21 3.41
C LEU C 30 4.37 6.67 3.32
N ARG C 31 3.76 6.40 4.47
CA ARG C 31 2.40 5.87 4.54
C ARG C 31 1.31 6.90 4.79
N GLU C 32 1.70 8.15 4.98
CA GLU C 32 0.75 9.22 5.29
C GLU C 32 -0.05 8.84 6.54
N LEU C 33 0.64 8.30 7.53
CA LEU C 33 -0.01 7.87 8.77
C LEU C 33 -0.36 9.01 9.72
N ALA C 34 0.48 10.03 9.77
CA ALA C 34 0.24 11.13 10.69
C ALA C 34 1.21 12.29 10.48
N ASP C 35 0.89 13.43 11.07
CA ASP C 35 1.80 14.58 11.01
C ASP C 35 2.88 14.13 11.99
N VAL C 36 4.10 14.62 11.79
CA VAL C 36 5.23 14.24 12.62
C VAL C 36 5.95 15.40 13.25
N VAL C 37 6.32 15.24 14.52
CA VAL C 37 7.09 16.26 15.23
C VAL C 37 8.42 15.61 15.61
N LEU C 38 9.53 16.23 15.21
CA LEU C 38 10.83 15.69 15.57
C LEU C 38 11.43 16.58 16.64
N TYR C 39 11.69 15.96 17.79
CA TYR C 39 12.26 16.62 18.95
C TYR C 39 13.57 15.97 19.40
N ASP C 40 14.52 16.79 19.84
CA ASP C 40 15.81 16.29 20.30
C ASP C 40 16.50 17.41 21.04
N VAL C 41 17.55 17.09 21.79
CA VAL C 41 18.31 18.11 22.51
C VAL C 41 19.36 18.67 21.59
N VAL C 42 19.72 17.91 20.57
CA VAL C 42 20.73 18.35 19.62
C VAL C 42 20.07 19.33 18.64
N LYS C 43 20.58 20.56 18.65
CA LYS C 43 20.07 21.63 17.81
C LYS C 43 20.51 21.47 16.36
N GLY C 44 19.60 21.72 15.43
CA GLY C 44 19.94 21.63 14.02
C GLY C 44 19.60 20.33 13.33
N MET C 45 20.19 19.24 13.78
CA MET C 45 19.94 17.94 13.18
C MET C 45 18.43 17.68 12.93
N PRO C 46 17.58 17.90 13.94
CA PRO C 46 16.14 17.69 13.77
C PRO C 46 15.53 18.46 12.58
N GLU C 47 16.00 19.68 12.35
CA GLU C 47 15.49 20.48 11.25
C GLU C 47 15.94 19.90 9.91
N GLY C 48 17.15 19.37 9.85
CA GLY C 48 17.63 18.78 8.61
C GLY C 48 16.79 17.57 8.24
N LYS C 49 16.52 16.70 9.22
CA LYS C 49 15.72 15.51 8.97
C LYS C 49 14.27 15.85 8.64
N ALA C 50 13.71 16.86 9.31
CA ALA C 50 12.33 17.27 9.04
C ALA C 50 12.18 17.72 7.59
N LEU C 51 13.16 18.48 7.11
CA LEU C 51 13.14 18.97 5.73
C LEU C 51 13.22 17.79 4.76
N ASP C 52 14.19 16.91 5.02
CA ASP C 52 14.41 15.73 4.21
C ASP C 52 13.11 14.92 4.15
N LEU C 53 12.51 14.70 5.31
CA LEU C 53 11.24 13.95 5.35
C LEU C 53 10.11 14.70 4.66
N SER C 54 10.02 16.01 4.83
CA SER C 54 8.94 16.76 4.20
C SER C 54 9.12 16.58 2.69
N HIS C 55 10.37 16.49 2.25
CA HIS C 55 10.65 16.30 0.83
C HIS C 55 10.12 14.94 0.37
N VAL C 56 10.24 13.93 1.22
CA VAL C 56 9.75 12.61 0.89
C VAL C 56 8.25 12.64 0.51
N THR C 57 7.43 13.40 1.25
CA THR C 57 6.00 13.46 0.95
C THR C 57 5.72 13.83 -0.51
N SER C 58 6.51 14.72 -1.10
CA SER C 58 6.30 15.05 -2.51
C SER C 58 6.68 13.87 -3.39
N VAL C 59 7.85 13.29 -3.15
CA VAL C 59 8.33 12.17 -3.96
C VAL C 59 7.36 11.00 -3.95
N VAL C 60 6.77 10.69 -2.79
CA VAL C 60 5.84 9.57 -2.69
C VAL C 60 4.35 9.96 -2.74
N ASP C 61 4.07 11.19 -3.15
CA ASP C 61 2.69 11.71 -3.26
C ASP C 61 1.79 11.51 -2.04
N THR C 62 2.24 11.99 -0.89
CA THR C 62 1.45 11.92 0.33
C THR C 62 1.49 13.30 0.92
N ASN C 63 0.63 13.57 1.89
CA ASN C 63 0.63 14.87 2.51
C ASN C 63 0.46 14.88 4.03
N VAL C 64 1.59 14.93 4.74
CA VAL C 64 1.58 15.02 6.18
C VAL C 64 2.61 16.09 6.46
N SER C 65 2.52 16.70 7.63
CA SER C 65 3.45 17.72 8.02
C SER C 65 4.57 17.16 8.92
N VAL C 66 5.82 17.38 8.54
CA VAL C 66 6.92 16.94 9.38
C VAL C 66 7.62 18.22 9.81
N ARG C 67 7.77 18.41 11.12
CA ARG C 67 8.40 19.62 11.64
C ARG C 67 9.26 19.33 12.85
N ALA C 68 10.29 20.14 13.01
CA ALA C 68 11.18 20.03 14.15
C ALA C 68 10.65 21.01 15.19
N GLU C 69 10.81 20.65 16.47
CA GLU C 69 10.39 21.49 17.60
C GLU C 69 11.44 21.33 18.68
N TYR C 70 11.87 22.42 19.30
CA TYR C 70 12.89 22.32 20.34
C TYR C 70 12.37 22.52 21.76
N SER C 71 11.07 22.72 21.92
CA SER C 71 10.52 22.86 23.26
C SER C 71 9.58 21.69 23.51
N TYR C 72 9.51 21.24 24.76
CA TYR C 72 8.63 20.14 25.12
C TYR C 72 7.19 20.50 24.82
N GLU C 73 6.83 21.74 25.11
CA GLU C 73 5.46 22.18 24.89
C GLU C 73 5.01 22.10 23.43
N ALA C 74 5.84 22.58 22.50
CA ALA C 74 5.46 22.53 21.08
C ALA C 74 5.50 21.09 20.55
N ALA C 75 6.46 20.31 21.02
CA ALA C 75 6.61 18.93 20.57
C ALA C 75 5.45 18.03 21.03
N LEU C 76 5.13 18.09 22.31
CA LEU C 76 4.09 17.26 22.91
C LEU C 76 2.63 17.69 22.83
N THR C 77 2.37 18.99 22.78
CA THR C 77 0.97 19.43 22.74
C THR C 77 0.23 18.80 21.57
N GLY C 78 -0.94 18.24 21.87
CA GLY C 78 -1.78 17.61 20.86
C GLY C 78 -1.28 16.29 20.27
N ALA C 79 -0.25 15.68 20.86
CA ALA C 79 0.27 14.43 20.32
C ALA C 79 -0.62 13.25 20.67
N ASP C 80 -1.09 12.55 19.64
CA ASP C 80 -1.94 11.37 19.82
C ASP C 80 -1.13 10.21 20.37
N CYS C 81 0.14 10.17 20.00
CA CYS C 81 1.04 9.11 20.43
C CYS C 81 2.45 9.66 20.53
N VAL C 82 3.14 9.34 21.61
CA VAL C 82 4.48 9.81 21.80
C VAL C 82 5.43 8.62 21.79
N ILE C 83 6.42 8.67 20.90
CA ILE C 83 7.37 7.57 20.80
C ILE C 83 8.72 8.09 21.27
N VAL C 84 9.20 7.54 22.39
CA VAL C 84 10.46 7.97 22.99
C VAL C 84 11.69 7.13 22.67
N THR C 85 12.69 7.75 22.06
CA THR C 85 13.95 7.06 21.73
C THR C 85 15.15 7.82 22.34
N ALA C 86 14.88 8.93 23.02
CA ALA C 86 15.93 9.75 23.62
C ALA C 86 16.79 8.93 24.58
N GLY C 87 18.11 9.13 24.52
CA GLY C 87 19.01 8.40 25.39
C GLY C 87 20.20 7.85 24.64
N LEU C 88 21.10 7.14 25.32
CA LEU C 88 22.28 6.56 24.68
C LEU C 88 22.05 5.13 24.24
N THR C 89 22.85 4.67 23.27
CA THR C 89 22.76 3.31 22.74
C THR C 89 23.99 2.47 23.15
N LYS C 90 25.05 3.15 23.59
CA LYS C 90 26.27 2.48 24.00
C LYS C 90 26.96 3.32 25.08
N VAL C 91 27.62 2.65 26.03
CA VAL C 91 28.33 3.34 27.11
C VAL C 91 29.61 3.92 26.51
N PRO C 92 29.83 5.24 26.66
CA PRO C 92 31.03 5.87 26.11
C PRO C 92 32.32 5.21 26.63
N GLY C 93 33.27 4.95 25.72
CA GLY C 93 34.53 4.34 26.11
C GLY C 93 34.41 2.93 26.63
N LYS C 94 33.60 2.11 25.95
CA LYS C 94 33.38 0.72 26.32
C LYS C 94 33.37 -0.09 25.00
N PRO C 95 34.18 -1.17 24.92
CA PRO C 95 34.30 -2.05 23.74
C PRO C 95 32.97 -2.64 23.26
N ASP C 96 32.83 -2.85 21.94
CA ASP C 96 31.61 -3.41 21.37
C ASP C 96 31.31 -4.80 21.93
N SER C 97 32.36 -5.51 22.34
CA SER C 97 32.20 -6.85 22.90
C SER C 97 31.63 -6.78 24.31
N GLU C 98 31.75 -5.62 24.95
CA GLU C 98 31.21 -5.46 26.30
C GLU C 98 29.90 -4.68 26.30
N TRP C 99 29.27 -4.59 25.13
CA TRP C 99 28.01 -3.87 25.01
C TRP C 99 26.92 -4.53 25.87
N SER C 100 26.28 -3.72 26.71
CA SER C 100 25.21 -4.18 27.59
C SER C 100 24.11 -3.12 27.70
N ARG C 101 22.87 -3.51 27.45
CA ARG C 101 21.74 -2.60 27.53
C ARG C 101 21.55 -2.09 28.96
N ASN C 102 21.82 -2.96 29.94
CA ASN C 102 21.67 -2.60 31.34
C ASN C 102 22.64 -1.51 31.79
N ASP C 103 23.84 -1.47 31.20
CA ASP C 103 24.82 -0.45 31.58
C ASP C 103 24.34 0.95 31.22
N LEU C 104 23.35 1.03 30.34
CA LEU C 104 22.79 2.31 29.92
C LEU C 104 21.90 2.99 30.98
N LEU C 105 21.40 2.21 31.94
CA LEU C 105 20.53 2.73 33.00
C LEU C 105 20.88 4.08 33.65
N PRO C 106 22.11 4.24 34.17
CA PRO C 106 22.47 5.52 34.80
C PRO C 106 22.44 6.71 33.85
N PHE C 107 22.60 6.44 32.56
CA PHE C 107 22.60 7.52 31.57
C PHE C 107 21.20 7.94 31.11
N ASN C 108 20.34 6.97 30.82
CA ASN C 108 19.00 7.25 30.29
C ASN C 108 17.86 7.42 31.31
N SER C 109 18.08 6.99 32.53
CA SER C 109 17.06 7.10 33.57
C SER C 109 16.51 8.52 33.76
N LYS C 110 17.41 9.48 33.96
CA LYS C 110 16.98 10.86 34.17
C LYS C 110 16.33 11.50 32.92
N ILE C 111 16.73 11.05 31.75
CA ILE C 111 16.15 11.58 30.52
C ILE C 111 14.69 11.11 30.39
N ILE C 112 14.45 9.82 30.61
CA ILE C 112 13.10 9.28 30.53
C ILE C 112 12.20 9.96 31.56
N ARG C 113 12.72 10.17 32.76
CA ARG C 113 11.96 10.79 33.82
C ARG C 113 11.49 12.20 33.45
N GLU C 114 12.41 13.00 32.94
CA GLU C 114 12.08 14.37 32.55
C GLU C 114 11.04 14.40 31.45
N ILE C 115 11.21 13.53 30.45
CA ILE C 115 10.26 13.49 29.36
C ILE C 115 8.86 13.15 29.91
N GLY C 116 8.78 12.14 30.76
CA GLY C 116 7.49 11.78 31.34
C GLY C 116 6.82 12.91 32.11
N GLN C 117 7.60 13.69 32.86
CA GLN C 117 7.03 14.81 33.62
C GLN C 117 6.41 15.81 32.64
N ASN C 118 7.06 15.98 31.49
CA ASN C 118 6.58 16.89 30.46
C ASN C 118 5.36 16.34 29.75
N ILE C 119 5.31 15.03 29.55
CA ILE C 119 4.15 14.41 28.91
C ILE C 119 2.96 14.66 29.83
N LYS C 120 3.20 14.54 31.13
CA LYS C 120 2.13 14.73 32.12
C LYS C 120 1.58 16.14 31.99
N LYS C 121 2.48 17.09 31.83
CA LYS C 121 2.12 18.49 31.72
C LYS C 121 1.45 18.88 30.40
N TYR C 122 1.97 18.38 29.27
CA TYR C 122 1.45 18.76 27.96
C TYR C 122 0.52 17.81 27.18
N CYS C 123 0.59 16.50 27.43
CA CYS C 123 -0.31 15.59 26.73
C CYS C 123 -0.60 14.34 27.56
N PRO C 124 -1.28 14.53 28.71
CA PRO C 124 -1.63 13.44 29.63
C PRO C 124 -2.56 12.38 29.08
N LYS C 125 -3.18 12.64 27.92
CA LYS C 125 -4.09 11.66 27.31
C LYS C 125 -3.47 10.92 26.13
N THR C 126 -2.19 11.13 25.91
CA THR C 126 -1.52 10.50 24.78
C THR C 126 -1.22 9.03 25.06
N PHE C 127 -0.89 8.29 24.02
CA PHE C 127 -0.52 6.89 24.13
C PHE C 127 0.99 6.90 24.04
N ILE C 128 1.67 6.43 25.07
CA ILE C 128 3.12 6.44 25.07
C ILE C 128 3.76 5.11 24.69
N ILE C 129 4.73 5.16 23.78
CA ILE C 129 5.46 3.97 23.36
C ILE C 129 6.95 4.23 23.61
N VAL C 130 7.53 3.55 24.61
CA VAL C 130 8.94 3.76 24.93
C VAL C 130 9.82 2.81 24.14
N VAL C 131 11.01 3.30 23.75
CA VAL C 131 11.96 2.49 23.00
C VAL C 131 13.32 2.49 23.70
N THR C 132 13.63 3.58 24.39
CA THR C 132 14.90 3.73 25.10
C THR C 132 15.27 2.56 26.00
N ASN C 133 16.52 2.10 25.90
CA ASN C 133 17.04 1.01 26.73
C ASN C 133 17.58 1.57 28.05
N PRO C 134 17.58 0.77 29.14
CA PRO C 134 17.10 -0.62 29.22
C PRO C 134 15.58 -0.53 29.23
N LEU C 135 14.99 -1.03 28.16
CA LEU C 135 13.55 -0.92 27.96
C LEU C 135 12.53 -1.13 29.06
N ASP C 136 12.35 -2.36 29.53
CA ASP C 136 11.35 -2.65 30.54
C ASP C 136 11.47 -1.75 31.77
N CYS C 137 12.71 -1.38 32.11
CA CYS C 137 12.96 -0.50 33.23
C CYS C 137 12.50 0.92 32.87
N MET C 138 12.93 1.40 31.70
CA MET C 138 12.55 2.74 31.26
C MET C 138 11.04 2.92 31.14
N VAL C 139 10.31 1.85 30.81
CA VAL C 139 8.86 1.98 30.70
C VAL C 139 8.30 2.34 32.09
N LYS C 140 8.76 1.63 33.12
CA LYS C 140 8.28 1.91 34.48
C LYS C 140 8.60 3.36 34.89
N VAL C 141 9.84 3.76 34.71
CA VAL C 141 10.25 5.14 35.00
C VAL C 141 9.29 6.09 34.30
N MET C 142 9.04 5.84 33.02
CA MET C 142 8.15 6.68 32.23
C MET C 142 6.71 6.68 32.77
N CYS C 143 6.24 5.52 33.20
CA CYS C 143 4.88 5.39 33.74
C CYS C 143 4.74 6.23 35.00
N GLU C 144 5.67 6.05 35.92
CA GLU C 144 5.65 6.79 37.18
C GLU C 144 5.74 8.30 36.99
N ALA C 145 6.57 8.74 36.04
CA ALA C 145 6.73 10.17 35.80
C ALA C 145 5.59 10.81 34.97
N SER C 146 5.05 10.06 34.00
CA SER C 146 3.99 10.60 33.14
C SER C 146 2.63 10.62 33.81
N GLY C 147 2.34 9.62 34.64
CA GLY C 147 1.05 9.58 35.30
C GLY C 147 -0.11 9.11 34.43
N VAL C 148 0.19 8.68 33.21
CA VAL C 148 -0.90 8.20 32.35
C VAL C 148 -1.45 6.87 32.85
N PRO C 149 -2.69 6.52 32.47
CA PRO C 149 -3.27 5.24 32.91
C PRO C 149 -2.29 4.16 32.42
N THR C 150 -2.23 3.03 33.13
CA THR C 150 -1.31 1.95 32.77
C THR C 150 -1.59 1.25 31.44
N ASN C 151 -2.81 1.42 30.90
CA ASN C 151 -3.14 0.80 29.61
C ASN C 151 -2.71 1.75 28.50
N MET C 152 -2.25 2.95 28.86
CA MET C 152 -1.86 3.91 27.84
C MET C 152 -0.36 4.06 27.64
N ILE C 153 0.40 3.12 28.18
CA ILE C 153 1.84 3.15 27.99
C ILE C 153 2.39 1.75 27.85
N CYS C 154 3.37 1.59 26.96
CA CYS C 154 4.00 0.31 26.73
C CYS C 154 5.38 0.56 26.13
N GLY C 155 6.15 -0.50 25.99
CA GLY C 155 7.48 -0.34 25.42
C GLY C 155 7.67 -1.27 24.25
N MET C 156 8.33 -0.78 23.21
CA MET C 156 8.61 -1.60 22.03
C MET C 156 9.88 -2.41 22.28
N ALA C 157 9.77 -3.73 22.27
CA ALA C 157 10.93 -4.58 22.43
C ALA C 157 10.65 -5.95 21.84
N CYS C 158 9.69 -6.66 22.42
CA CYS C 158 9.37 -8.00 21.96
C CYS C 158 8.85 -8.16 20.54
N MET C 159 8.27 -7.13 19.95
CA MET C 159 7.83 -7.29 18.57
C MET C 159 9.07 -7.43 17.67
N LEU C 160 10.13 -6.71 18.05
CA LEU C 160 11.40 -6.72 17.31
C LEU C 160 12.07 -8.08 17.52
N ASP C 161 12.14 -8.51 18.77
CA ASP C 161 12.77 -9.79 19.05
C ASP C 161 12.01 -10.91 18.34
N SER C 162 10.67 -10.82 18.35
CA SER C 162 9.84 -11.82 17.68
C SER C 162 10.03 -11.77 16.16
N GLY C 163 10.26 -10.59 15.61
CA GLY C 163 10.45 -10.50 14.18
C GLY C 163 11.75 -11.16 13.77
N ARG C 164 12.76 -11.03 14.63
CA ARG C 164 14.06 -11.64 14.37
C ARG C 164 13.87 -13.16 14.38
N PHE C 165 13.20 -13.62 15.44
CA PHE C 165 12.88 -15.03 15.65
C PHE C 165 12.14 -15.54 14.40
N ARG C 166 11.14 -14.77 13.98
CA ARG C 166 10.33 -15.14 12.81
C ARG C 166 11.10 -15.24 11.50
N ARG C 167 12.00 -14.30 11.26
CA ARG C 167 12.80 -14.29 10.05
C ARG C 167 13.71 -15.53 9.96
N TYR C 168 14.34 -15.88 11.07
CA TYR C 168 15.23 -17.04 11.08
C TYR C 168 14.47 -18.33 10.81
N VAL C 169 13.31 -18.47 11.45
CA VAL C 169 12.46 -19.64 11.26
C VAL C 169 11.98 -19.66 9.82
N ALA C 170 11.58 -18.50 9.31
CA ALA C 170 11.07 -18.38 7.94
C ALA C 170 12.11 -18.89 6.96
N ASP C 171 13.36 -18.48 7.18
CA ASP C 171 14.44 -18.91 6.32
C ASP C 171 14.63 -20.42 6.40
N ALA C 172 14.61 -20.96 7.62
CA ALA C 172 14.79 -22.40 7.81
C ALA C 172 13.69 -23.17 7.09
N LEU C 173 12.47 -22.65 7.15
CA LEU C 173 11.33 -23.32 6.54
C LEU C 173 11.08 -22.95 5.10
N SER C 174 11.65 -21.85 4.65
CA SER C 174 11.45 -21.40 3.29
C SER C 174 9.99 -20.97 3.08
N VAL C 175 9.51 -20.11 3.96
CA VAL C 175 8.15 -19.58 3.86
C VAL C 175 8.24 -18.12 4.21
N SER C 176 7.18 -17.38 3.89
CA SER C 176 7.14 -15.97 4.19
C SER C 176 7.07 -15.82 5.71
N PRO C 177 7.77 -14.82 6.27
CA PRO C 177 7.69 -14.69 7.73
C PRO C 177 6.27 -14.25 8.12
N ARG C 178 5.44 -13.90 7.13
CA ARG C 178 4.06 -13.50 7.43
C ARG C 178 3.34 -14.71 8.02
N ASP C 179 3.75 -15.90 7.60
CA ASP C 179 3.10 -17.10 8.08
C ASP C 179 3.86 -17.85 9.18
N VAL C 180 4.77 -17.15 9.84
CA VAL C 180 5.49 -17.78 10.93
C VAL C 180 5.08 -16.98 12.15
N GLN C 181 4.48 -17.65 13.12
CA GLN C 181 4.11 -16.98 14.35
C GLN C 181 5.15 -17.51 15.34
N ALA C 182 6.00 -16.62 15.82
CA ALA C 182 7.01 -16.99 16.79
C ALA C 182 7.09 -15.82 17.74
N THR C 183 7.04 -16.13 19.03
CA THR C 183 7.06 -15.10 20.04
C THR C 183 8.23 -15.14 21.04
N VAL C 184 8.64 -13.95 21.44
CA VAL C 184 9.67 -13.78 22.45
C VAL C 184 8.98 -12.99 23.57
N ILE C 185 9.09 -13.46 24.81
CA ILE C 185 8.49 -12.73 25.94
C ILE C 185 9.58 -12.49 26.96
N GLY C 186 9.29 -11.69 27.98
CA GLY C 186 10.27 -11.42 29.01
C GLY C 186 10.96 -10.07 28.87
N THR C 187 12.10 -9.91 29.55
CA THR C 187 12.83 -8.65 29.50
C THR C 187 13.74 -8.57 28.27
N HIS C 188 13.68 -7.43 27.59
CA HIS C 188 14.50 -7.22 26.41
C HIS C 188 16.00 -7.24 26.79
N GLY C 189 16.63 -8.38 26.58
CA GLY C 189 18.04 -8.51 26.90
C GLY C 189 18.49 -9.96 26.79
N ASP C 190 19.65 -10.27 27.36
CA ASP C 190 20.18 -11.63 27.30
C ASP C 190 19.27 -12.64 28.01
N CYS C 191 18.35 -12.14 28.84
CA CYS C 191 17.45 -13.05 29.54
C CYS C 191 16.09 -13.21 28.86
N MET C 192 15.92 -12.62 27.68
CA MET C 192 14.65 -12.73 26.95
C MET C 192 14.34 -14.22 26.69
N VAL C 193 13.06 -14.52 26.57
CA VAL C 193 12.61 -15.89 26.38
C VAL C 193 11.95 -16.24 25.05
N PRO C 194 12.72 -16.81 24.11
CA PRO C 194 12.13 -17.17 22.82
C PRO C 194 11.25 -18.39 23.07
N LEU C 195 9.98 -18.33 22.67
CA LEU C 195 9.07 -19.45 22.91
C LEU C 195 9.09 -20.43 21.76
N VAL C 196 10.13 -21.28 21.74
CA VAL C 196 10.29 -22.27 20.68
C VAL C 196 9.08 -23.20 20.59
N ARG C 197 8.55 -23.59 21.74
CA ARG C 197 7.42 -24.48 21.83
C ARG C 197 6.14 -23.93 21.17
N TYR C 198 6.00 -22.60 21.17
CA TYR C 198 4.81 -21.97 20.60
C TYR C 198 4.90 -21.61 19.12
N ILE C 199 6.03 -21.94 18.48
CA ILE C 199 6.20 -21.63 17.06
C ILE C 199 5.15 -22.33 16.20
N THR C 200 4.46 -21.55 15.37
CA THR C 200 3.50 -22.13 14.45
C THR C 200 3.78 -21.60 13.06
N VAL C 201 3.29 -22.33 12.06
CA VAL C 201 3.44 -21.97 10.66
C VAL C 201 1.97 -21.88 10.24
N ASN C 202 1.46 -20.66 10.18
CA ASN C 202 0.06 -20.42 9.89
C ASN C 202 -0.80 -21.25 10.84
N GLY C 203 -0.43 -21.26 12.12
CA GLY C 203 -1.17 -22.00 13.11
C GLY C 203 -0.90 -23.48 13.20
N TYR C 204 -0.04 -24.00 12.34
CA TYR C 204 0.32 -25.43 12.36
C TYR C 204 1.53 -25.58 13.28
N PRO C 205 1.44 -26.49 14.25
CA PRO C 205 2.51 -26.77 15.22
C PRO C 205 3.84 -27.02 14.55
N ILE C 206 4.89 -26.40 15.08
CA ILE C 206 6.22 -26.57 14.52
C ILE C 206 6.67 -28.03 14.67
N GLN C 207 6.18 -28.71 15.70
CA GLN C 207 6.54 -30.10 15.98
C GLN C 207 6.39 -30.99 14.75
N LYS C 208 5.31 -30.82 14.00
CA LYS C 208 5.10 -31.63 12.80
C LYS C 208 6.19 -31.38 11.76
N PHE C 209 6.65 -30.13 11.68
CA PHE C 209 7.69 -29.81 10.70
C PHE C 209 9.00 -30.45 11.12
N ILE C 210 9.14 -30.73 12.41
CA ILE C 210 10.35 -31.37 12.88
C ILE C 210 10.28 -32.85 12.52
N LYS C 211 9.12 -33.45 12.70
CA LYS C 211 8.95 -34.86 12.39
C LYS C 211 9.12 -35.11 10.89
N ASP C 212 8.66 -34.16 10.08
CA ASP C 212 8.77 -34.27 8.63
C ASP C 212 10.16 -33.86 8.16
N GLY C 213 11.06 -33.63 9.13
CA GLY C 213 12.43 -33.28 8.80
C GLY C 213 12.73 -31.98 8.08
N VAL C 214 11.79 -31.05 8.07
CA VAL C 214 12.02 -29.77 7.41
C VAL C 214 13.02 -28.97 8.26
N VAL C 215 12.94 -29.16 9.58
CA VAL C 215 13.83 -28.49 10.51
C VAL C 215 14.12 -29.44 11.68
N THR C 216 15.29 -29.31 12.30
CA THR C 216 15.66 -30.16 13.43
C THR C 216 15.50 -29.42 14.75
N GLU C 217 15.43 -30.18 15.84
CA GLU C 217 15.28 -29.57 17.16
C GLU C 217 16.51 -28.74 17.49
N LYS C 218 17.68 -29.25 17.13
CA LYS C 218 18.94 -28.56 17.39
C LYS C 218 18.92 -27.20 16.67
N GLN C 219 18.50 -27.24 15.41
CA GLN C 219 18.41 -26.06 14.56
C GLN C 219 17.48 -25.00 15.15
N LEU C 220 16.35 -25.41 15.72
CA LEU C 220 15.41 -24.44 16.32
C LEU C 220 16.04 -23.83 17.58
N GLU C 221 16.78 -24.64 18.31
CA GLU C 221 17.43 -24.15 19.53
C GLU C 221 18.49 -23.13 19.15
N GLU C 222 19.20 -23.37 18.06
CA GLU C 222 20.23 -22.45 17.59
C GLU C 222 19.56 -21.13 17.18
N ILE C 223 18.39 -21.23 16.56
CA ILE C 223 17.66 -20.05 16.15
C ILE C 223 17.23 -19.22 17.36
N ALA C 224 16.81 -19.89 18.42
CA ALA C 224 16.41 -19.18 19.63
C ALA C 224 17.62 -18.42 20.16
N GLU C 225 18.77 -19.08 20.14
CA GLU C 225 20.02 -18.47 20.61
C GLU C 225 20.41 -17.28 19.76
N HIS C 226 20.29 -17.43 18.44
CA HIS C 226 20.62 -16.34 17.53
C HIS C 226 19.69 -15.16 17.84
N THR C 227 18.44 -15.48 18.15
CA THR C 227 17.46 -14.45 18.45
C THR C 227 17.88 -13.61 19.67
N LYS C 228 18.36 -14.27 20.71
CA LYS C 228 18.77 -13.59 21.94
C LYS C 228 19.96 -12.64 21.73
N VAL C 229 20.90 -13.04 20.88
CA VAL C 229 22.08 -12.22 20.64
C VAL C 229 22.05 -11.38 19.35
N SER C 230 20.89 -11.28 18.71
CA SER C 230 20.77 -10.54 17.46
C SER C 230 21.09 -9.05 17.57
N GLY C 231 20.71 -8.43 18.69
CA GLY C 231 20.96 -7.01 18.88
C GLY C 231 22.44 -6.71 18.98
N GLY C 232 23.13 -7.51 19.78
CA GLY C 232 24.56 -7.35 19.95
C GLY C 232 25.27 -7.69 18.66
N GLU C 233 24.69 -8.59 17.87
CA GLU C 233 25.32 -8.97 16.62
C GLU C 233 25.34 -7.78 15.67
N ILE C 234 24.24 -7.03 15.63
CA ILE C 234 24.16 -5.87 14.76
C ILE C 234 25.07 -4.77 15.29
N VAL C 235 25.08 -4.59 16.60
CA VAL C 235 25.94 -3.59 17.22
C VAL C 235 27.38 -3.82 16.76
N ARG C 236 27.81 -5.09 16.83
CA ARG C 236 29.17 -5.44 16.44
C ARG C 236 29.43 -5.21 14.94
N PHE C 237 28.50 -5.64 14.09
CA PHE C 237 28.69 -5.43 12.66
C PHE C 237 28.67 -3.94 12.31
N LEU C 238 27.73 -3.17 12.84
CA LEU C 238 27.64 -1.74 12.51
C LEU C 238 28.85 -0.91 12.95
N GLY C 239 29.43 -1.23 14.12
CA GLY C 239 30.57 -0.47 14.58
C GLY C 239 30.14 0.76 15.36
N GLN C 240 29.06 1.40 14.92
CA GLN C 240 28.55 2.57 15.63
C GLN C 240 27.04 2.43 15.76
N GLY C 241 26.50 2.91 16.89
CA GLY C 241 25.07 2.81 17.12
C GLY C 241 24.55 1.38 17.12
N SER C 242 23.24 1.25 17.00
CA SER C 242 22.61 -0.08 16.97
C SER C 242 21.51 -0.17 15.92
N ALA C 243 20.74 -1.26 15.96
CA ALA C 243 19.67 -1.49 15.00
C ALA C 243 18.63 -0.38 15.00
N TYR C 244 18.11 -0.05 13.82
CA TYR C 244 17.09 1.00 13.74
C TYR C 244 15.97 0.80 12.74
N TYR C 245 16.21 0.03 11.69
CA TYR C 245 15.16 -0.20 10.70
C TYR C 245 14.01 -1.00 11.27
N ALA C 246 14.32 -2.18 11.82
CA ALA C 246 13.30 -3.06 12.40
C ALA C 246 12.70 -2.44 13.67
N PRO C 247 13.55 -1.85 14.52
CA PRO C 247 13.00 -1.23 15.75
C PRO C 247 11.98 -0.14 15.35
N ALA C 248 12.30 0.65 14.34
CA ALA C 248 11.40 1.71 13.89
C ALA C 248 10.10 1.11 13.33
N ALA C 249 10.23 0.06 12.54
CA ALA C 249 9.06 -0.57 11.94
C ALA C 249 8.15 -1.19 13.02
N SER C 250 8.77 -1.77 14.04
CA SER C 250 7.98 -2.38 15.11
C SER C 250 7.18 -1.32 15.86
N ALA C 251 7.87 -0.26 16.27
CA ALA C 251 7.24 0.84 17.01
C ALA C 251 6.07 1.48 16.28
N VAL C 252 6.22 1.67 14.97
CA VAL C 252 5.18 2.29 14.18
C VAL C 252 4.00 1.33 14.00
N ALA C 253 4.31 0.03 13.93
CA ALA C 253 3.25 -0.97 13.80
C ALA C 253 2.36 -0.88 15.04
N MET C 254 2.98 -0.70 16.20
CA MET C 254 2.25 -0.60 17.46
C MET C 254 1.45 0.72 17.50
N ALA C 255 2.08 1.79 17.04
CA ALA C 255 1.42 3.08 17.00
C ALA C 255 0.19 2.97 16.11
N THR C 256 0.37 2.31 14.98
CA THR C 256 -0.71 2.14 14.03
C THR C 256 -1.88 1.32 14.54
N SER C 257 -1.58 0.23 15.23
CA SER C 257 -2.63 -0.63 15.79
C SER C 257 -3.42 0.24 16.76
N PHE C 258 -2.74 1.15 17.44
CA PHE C 258 -3.42 2.05 18.36
C PHE C 258 -4.26 3.08 17.61
N LEU C 259 -3.62 3.84 16.72
CA LEU C 259 -4.32 4.88 15.98
C LEU C 259 -5.50 4.41 15.14
N ASN C 260 -5.40 3.21 14.58
CA ASN C 260 -6.48 2.64 13.77
C ASN C 260 -7.32 1.61 14.53
N ASP C 261 -7.10 1.49 15.83
CA ASP C 261 -7.84 0.53 16.65
C ASP C 261 -7.94 -0.81 15.92
N GLU C 262 -6.79 -1.32 15.47
CA GLU C 262 -6.73 -2.58 14.72
C GLU C 262 -6.87 -3.79 15.62
N LYS C 263 -6.37 -3.66 16.84
CA LYS C 263 -6.43 -4.76 17.80
C LYS C 263 -5.49 -5.89 17.39
N ARG C 264 -4.28 -5.53 16.97
CA ARG C 264 -3.26 -6.52 16.60
C ARG C 264 -2.79 -7.18 17.90
N VAL C 265 -2.34 -8.42 17.80
CA VAL C 265 -1.79 -9.15 18.95
C VAL C 265 -0.28 -8.98 18.81
N ILE C 266 0.27 -8.12 19.65
CA ILE C 266 1.68 -7.79 19.60
C ILE C 266 2.40 -7.87 20.94
N PRO C 267 3.45 -8.70 21.03
CA PRO C 267 4.10 -8.71 22.34
C PRO C 267 4.87 -7.40 22.53
N CYS C 268 4.79 -6.85 23.74
CA CYS C 268 5.46 -5.61 24.09
C CYS C 268 5.55 -5.50 25.62
N SER C 269 6.29 -4.52 26.12
CA SER C 269 6.44 -4.36 27.56
C SER C 269 5.19 -3.71 28.11
N VAL C 270 4.41 -4.49 28.85
CA VAL C 270 3.15 -3.99 29.39
C VAL C 270 3.05 -4.02 30.92
N TYR C 271 2.13 -3.22 31.46
CA TYR C 271 1.95 -3.17 32.90
C TYR C 271 1.37 -4.49 33.41
N CYS C 272 1.95 -5.01 34.49
CA CYS C 272 1.50 -6.27 35.08
C CYS C 272 0.48 -6.06 36.19
N ASN C 273 -0.69 -6.67 36.03
CA ASN C 273 -1.76 -6.56 37.01
C ASN C 273 -1.95 -7.84 37.80
N GLY C 274 -0.87 -8.59 38.01
CA GLY C 274 -1.00 -9.84 38.74
C GLY C 274 -0.64 -11.05 37.89
N GLU C 275 -0.46 -10.85 36.58
CA GLU C 275 -0.10 -11.96 35.72
C GLU C 275 1.20 -12.60 36.22
N TYR C 276 1.21 -13.92 36.33
CA TYR C 276 2.39 -14.64 36.81
C TYR C 276 2.77 -14.22 38.22
N GLY C 277 1.85 -13.52 38.89
CA GLY C 277 2.10 -13.04 40.23
C GLY C 277 2.90 -11.75 40.24
N LEU C 278 2.98 -11.08 39.10
CA LEU C 278 3.75 -9.83 39.01
C LEU C 278 2.85 -8.62 39.16
N LYS C 279 3.35 -7.62 39.87
CA LYS C 279 2.61 -6.39 40.06
C LYS C 279 3.53 -5.18 40.08
N ASP C 280 2.95 -4.01 39.79
CA ASP C 280 3.67 -2.74 39.77
C ASP C 280 4.99 -2.77 39.00
N MET C 281 4.95 -3.35 37.80
CA MET C 281 6.13 -3.42 36.96
C MET C 281 5.73 -3.69 35.52
N PHE C 282 6.67 -3.48 34.60
CA PHE C 282 6.46 -3.73 33.18
C PHE C 282 7.39 -4.84 32.69
N ILE C 283 6.85 -5.75 31.87
CA ILE C 283 7.66 -6.80 31.28
C ILE C 283 7.04 -7.19 29.93
N GLY C 284 7.84 -7.80 29.06
CA GLY C 284 7.37 -8.19 27.76
C GLY C 284 6.42 -9.38 27.76
N LEU C 285 5.18 -9.13 27.31
CA LEU C 285 4.14 -10.16 27.23
C LEU C 285 3.30 -9.95 25.98
N PRO C 286 2.65 -11.00 25.47
CA PRO C 286 1.84 -10.79 24.26
C PRO C 286 0.67 -9.89 24.67
N ALA C 287 0.31 -8.92 23.84
CA ALA C 287 -0.79 -8.03 24.18
C ALA C 287 -1.61 -7.67 22.95
N VAL C 288 -2.76 -7.06 23.18
CA VAL C 288 -3.61 -6.61 22.10
C VAL C 288 -3.58 -5.10 22.17
N ILE C 289 -3.22 -4.46 21.07
CA ILE C 289 -3.18 -3.00 21.06
C ILE C 289 -4.34 -2.51 20.23
N GLY C 290 -5.15 -1.65 20.82
CA GLY C 290 -6.30 -1.08 20.13
C GLY C 290 -6.47 0.39 20.46
N GLY C 291 -7.63 0.93 20.09
CA GLY C 291 -7.94 2.33 20.35
C GLY C 291 -7.98 2.72 21.82
N ALA C 292 -8.12 1.74 22.71
CA ALA C 292 -8.15 2.01 24.15
C ALA C 292 -6.77 1.65 24.72
N GLY C 293 -5.79 1.54 23.84
CA GLY C 293 -4.45 1.20 24.28
C GLY C 293 -4.28 -0.30 24.44
N ILE C 294 -3.60 -0.71 25.52
CA ILE C 294 -3.38 -2.13 25.78
C ILE C 294 -4.74 -2.63 26.26
N GLU C 295 -5.37 -3.52 25.49
CA GLU C 295 -6.69 -4.02 25.85
C GLU C 295 -6.68 -5.44 26.40
N ARG C 296 -5.56 -6.13 26.25
CA ARG C 296 -5.46 -7.51 26.71
C ARG C 296 -3.99 -7.87 26.90
N VAL C 297 -3.71 -8.69 27.89
CA VAL C 297 -2.36 -9.15 28.16
C VAL C 297 -2.52 -10.64 28.34
N ILE C 298 -1.84 -11.40 27.48
CA ILE C 298 -1.91 -12.84 27.48
C ILE C 298 -0.93 -13.52 28.44
N GLU C 299 -1.48 -14.40 29.26
CA GLU C 299 -0.69 -15.11 30.27
C GLU C 299 -0.52 -16.56 29.82
N LEU C 300 0.40 -16.75 28.89
CA LEU C 300 0.69 -18.06 28.34
C LEU C 300 1.16 -19.06 29.38
N GLU C 301 0.80 -20.32 29.18
CA GLU C 301 1.22 -21.40 30.05
C GLU C 301 2.68 -21.69 29.69
N LEU C 302 3.58 -21.67 30.66
CA LEU C 302 4.98 -21.92 30.38
C LEU C 302 5.40 -23.32 30.80
N ASN C 303 6.31 -23.95 30.05
CA ASN C 303 6.80 -25.26 30.44
C ASN C 303 7.95 -24.99 31.42
N GLU C 304 8.54 -26.03 32.00
CA GLU C 304 9.62 -25.86 32.98
C GLU C 304 10.75 -24.97 32.52
N GLU C 305 11.32 -25.27 31.36
CA GLU C 305 12.42 -24.47 30.83
C GLU C 305 12.02 -23.01 30.68
N GLU C 306 10.80 -22.77 30.20
CA GLU C 306 10.33 -21.41 29.98
C GLU C 306 10.16 -20.64 31.29
N LYS C 307 9.57 -21.28 32.29
CA LYS C 307 9.38 -20.63 33.59
C LYS C 307 10.74 -20.23 34.14
N LYS C 308 11.71 -21.11 33.94
CA LYS C 308 13.05 -20.88 34.44
C LYS C 308 13.61 -19.64 33.78
N GLN C 309 13.52 -19.59 32.46
CA GLN C 309 14.04 -18.44 31.73
C GLN C 309 13.26 -17.17 32.08
N PHE C 310 11.94 -17.30 32.18
CA PHE C 310 11.11 -16.13 32.49
C PHE C 310 11.40 -15.56 33.88
N GLN C 311 11.62 -16.45 34.84
CA GLN C 311 11.93 -16.00 36.20
C GLN C 311 13.23 -15.18 36.16
N LYS C 312 14.22 -15.66 35.40
CA LYS C 312 15.48 -14.92 35.30
C LYS C 312 15.21 -13.58 34.63
N SER C 313 14.31 -13.58 33.67
CA SER C 313 13.95 -12.34 32.98
C SER C 313 13.37 -11.39 34.02
N VAL C 314 12.48 -11.92 34.84
CA VAL C 314 11.84 -11.13 35.89
C VAL C 314 12.85 -10.58 36.90
N ASP C 315 13.78 -11.43 37.33
CA ASP C 315 14.80 -10.99 38.28
C ASP C 315 15.57 -9.82 37.70
N ASP C 316 16.01 -9.97 36.45
CA ASP C 316 16.77 -8.92 35.76
C ASP C 316 16.02 -7.59 35.81
N VAL C 317 14.74 -7.61 35.49
CA VAL C 317 13.93 -6.40 35.50
C VAL C 317 13.77 -5.82 36.90
N MET C 318 13.37 -6.66 37.85
CA MET C 318 13.19 -6.17 39.20
C MET C 318 14.49 -5.59 39.77
N ALA C 319 15.62 -6.19 39.42
CA ALA C 319 16.92 -5.70 39.89
C ALA C 319 17.20 -4.32 39.28
N LEU C 320 16.81 -4.14 38.01
CA LEU C 320 17.03 -2.85 37.35
C LEU C 320 16.15 -1.77 37.96
N ASN C 321 14.92 -2.14 38.32
CA ASN C 321 13.98 -1.18 38.90
C ASN C 321 14.42 -0.82 40.32
N LYS C 322 15.06 -1.77 40.99
CA LYS C 322 15.57 -1.53 42.34
C LYS C 322 16.67 -0.49 42.16
N ALA C 323 17.56 -0.77 41.22
CA ALA C 323 18.68 0.11 40.90
C ALA C 323 18.23 1.54 40.60
N VAL C 324 17.19 1.71 39.79
CA VAL C 324 16.73 3.06 39.46
C VAL C 324 16.16 3.74 40.70
N ALA C 325 15.46 2.97 41.52
CA ALA C 325 14.88 3.50 42.76
C ALA C 325 15.99 4.03 43.66
N ALA C 326 17.17 3.42 43.58
CA ALA C 326 18.29 3.86 44.39
C ALA C 326 18.94 5.13 43.82
N LEU C 327 18.76 5.38 42.52
CA LEU C 327 19.34 6.56 41.89
C LEU C 327 18.48 7.81 42.15
N GLN C 328 17.16 7.61 42.14
CA GLN C 328 16.17 8.66 42.41
C GLN C 328 14.84 8.35 41.73
N PRO D 3 -9.54 0.27 28.48
CA PRO D 3 -11.00 0.37 28.64
C PRO D 3 -11.62 1.47 27.78
N ALA D 4 -11.51 2.72 28.24
CA ALA D 4 -12.06 3.86 27.50
C ALA D 4 -11.46 3.97 26.09
N LEU D 5 -12.29 3.96 25.06
CA LEU D 5 -11.80 4.07 23.70
C LEU D 5 -11.29 5.50 23.44
N VAL D 6 -10.05 5.63 22.99
CA VAL D 6 -9.49 6.95 22.72
C VAL D 6 -9.36 7.22 21.21
N GLN D 7 -8.92 6.23 20.45
CA GLN D 7 -8.81 6.39 19.00
C GLN D 7 -9.91 5.54 18.39
N ARG D 8 -10.86 6.20 17.74
CA ARG D 8 -11.99 5.50 17.15
C ARG D 8 -11.81 5.41 15.64
N ARG D 9 -12.12 4.27 15.04
CA ARG D 9 -11.98 4.18 13.59
C ARG D 9 -12.96 5.16 12.97
N LYS D 10 -12.68 5.54 11.74
CA LYS D 10 -13.56 6.43 11.02
C LYS D 10 -14.73 5.55 10.58
N LYS D 11 -15.90 6.15 10.35
CA LYS D 11 -17.04 5.37 9.89
C LYS D 11 -17.62 6.03 8.63
N VAL D 12 -17.79 5.24 7.58
CA VAL D 12 -18.36 5.73 6.33
C VAL D 12 -19.63 4.94 6.04
N ALA D 13 -20.75 5.64 5.90
CA ALA D 13 -22.03 4.98 5.60
C ALA D 13 -22.29 4.98 4.12
N MET D 14 -22.60 3.82 3.55
CA MET D 14 -22.91 3.74 2.13
C MET D 14 -24.43 3.69 2.05
N ILE D 15 -25.07 4.80 1.68
CA ILE D 15 -26.53 4.81 1.57
C ILE D 15 -26.82 4.41 0.14
N GLY D 16 -27.18 3.14 -0.01
CA GLY D 16 -27.41 2.55 -1.31
C GLY D 16 -26.35 1.46 -1.37
N SER D 17 -26.74 0.19 -1.49
CA SER D 17 -25.75 -0.90 -1.50
C SER D 17 -25.71 -1.72 -2.77
N GLY D 18 -25.94 -1.08 -3.90
CA GLY D 18 -25.91 -1.76 -5.18
C GLY D 18 -24.48 -1.88 -5.64
N MET D 19 -24.27 -1.92 -6.95
CA MET D 19 -22.93 -2.05 -7.51
C MET D 19 -21.89 -1.11 -6.91
N ILE D 20 -22.18 0.19 -6.86
CA ILE D 20 -21.21 1.14 -6.34
C ILE D 20 -21.05 1.13 -4.81
N GLY D 21 -22.15 1.05 -4.07
CA GLY D 21 -22.04 1.02 -2.62
C GLY D 21 -21.21 -0.18 -2.16
N GLY D 22 -21.41 -1.33 -2.79
CA GLY D 22 -20.65 -2.50 -2.40
C GLY D 22 -19.18 -2.35 -2.77
N THR D 23 -18.90 -1.79 -3.94
CA THR D 23 -17.52 -1.61 -4.36
C THR D 23 -16.75 -0.65 -3.45
N MET D 24 -17.41 0.41 -2.99
CA MET D 24 -16.75 1.36 -2.10
C MET D 24 -16.47 0.69 -0.76
N GLY D 25 -17.39 -0.19 -0.36
CA GLY D 25 -17.21 -0.92 0.88
C GLY D 25 -15.97 -1.77 0.71
N TYR D 26 -15.84 -2.36 -0.47
CA TYR D 26 -14.71 -3.21 -0.79
C TYR D 26 -13.42 -2.42 -0.61
N LEU D 27 -13.38 -1.20 -1.15
CA LEU D 27 -12.19 -0.36 -1.04
C LEU D 27 -11.89 -0.04 0.43
N CYS D 28 -12.92 0.24 1.23
CA CYS D 28 -12.70 0.54 2.65
C CYS D 28 -12.06 -0.64 3.40
N ALA D 29 -12.57 -1.83 3.15
CA ALA D 29 -12.06 -3.04 3.80
C ALA D 29 -10.64 -3.39 3.34
N LEU D 30 -10.39 -3.29 2.03
CA LEU D 30 -9.07 -3.60 1.45
C LEU D 30 -7.96 -2.70 1.99
N ARG D 31 -8.27 -1.44 2.22
CA ARG D 31 -7.32 -0.43 2.68
C ARG D 31 -7.40 -0.13 4.17
N GLU D 32 -8.30 -0.81 4.87
CA GLU D 32 -8.52 -0.57 6.29
C GLU D 32 -8.79 0.91 6.48
N LEU D 33 -9.56 1.49 5.57
CA LEU D 33 -9.88 2.92 5.61
C LEU D 33 -10.89 3.32 6.70
N ALA D 34 -11.87 2.47 6.95
CA ALA D 34 -12.91 2.81 7.94
C ALA D 34 -13.92 1.70 8.14
N ASP D 35 -14.66 1.79 9.24
CA ASP D 35 -15.73 0.83 9.48
C ASP D 35 -16.75 1.18 8.41
N VAL D 36 -17.47 0.18 7.94
CA VAL D 36 -18.46 0.38 6.89
C VAL D 36 -19.87 -0.05 7.26
N VAL D 37 -20.83 0.75 6.83
CA VAL D 37 -22.23 0.42 7.03
C VAL D 37 -22.86 0.39 5.64
N LEU D 38 -23.61 -0.68 5.35
CA LEU D 38 -24.28 -0.83 4.07
C LEU D 38 -25.79 -0.68 4.33
N TYR D 39 -26.40 0.28 3.66
CA TYR D 39 -27.83 0.51 3.82
C TYR D 39 -28.46 0.47 2.45
N ASP D 40 -29.70 0.02 2.42
CA ASP D 40 -30.44 -0.07 1.18
C ASP D 40 -31.90 -0.32 1.50
N VAL D 41 -32.76 -0.15 0.50
CA VAL D 41 -34.17 -0.39 0.71
C VAL D 41 -34.40 -1.90 0.50
N VAL D 42 -33.56 -2.53 -0.30
CA VAL D 42 -33.67 -3.96 -0.53
C VAL D 42 -33.16 -4.69 0.70
N LYS D 43 -33.91 -5.67 1.17
CA LYS D 43 -33.49 -6.41 2.35
C LYS D 43 -32.73 -7.67 1.96
N GLY D 44 -31.88 -8.13 2.86
CA GLY D 44 -31.11 -9.34 2.61
C GLY D 44 -29.81 -9.09 1.86
N MET D 45 -29.92 -8.48 0.70
CA MET D 45 -28.77 -8.21 -0.12
C MET D 45 -27.61 -7.49 0.61
N PRO D 46 -27.89 -6.39 1.33
CA PRO D 46 -26.81 -5.69 2.05
C PRO D 46 -26.13 -6.59 3.08
N GLU D 47 -26.90 -7.46 3.74
CA GLU D 47 -26.33 -8.37 4.72
C GLU D 47 -25.44 -9.36 3.99
N GLY D 48 -25.81 -9.72 2.77
CA GLY D 48 -25.00 -10.66 2.00
C GLY D 48 -23.66 -10.06 1.63
N LYS D 49 -23.68 -8.81 1.20
CA LYS D 49 -22.44 -8.15 0.84
C LYS D 49 -21.61 -7.82 2.08
N ALA D 50 -22.27 -7.43 3.17
CA ALA D 50 -21.54 -7.13 4.42
C ALA D 50 -20.74 -8.36 4.88
N LEU D 51 -21.35 -9.54 4.79
CA LEU D 51 -20.70 -10.78 5.19
C LEU D 51 -19.51 -11.03 4.27
N ASP D 52 -19.75 -10.93 2.97
CA ASP D 52 -18.71 -11.14 1.97
C ASP D 52 -17.52 -10.19 2.22
N LEU D 53 -17.83 -8.91 2.47
CA LEU D 53 -16.82 -7.89 2.72
C LEU D 53 -16.10 -8.10 4.06
N SER D 54 -16.81 -8.57 5.08
CA SER D 54 -16.15 -8.80 6.36
C SER D 54 -15.13 -9.94 6.13
N HIS D 55 -15.51 -10.92 5.32
CA HIS D 55 -14.60 -12.03 5.05
C HIS D 55 -13.31 -11.50 4.37
N VAL D 56 -13.46 -10.44 3.58
CA VAL D 56 -12.32 -9.85 2.89
C VAL D 56 -11.26 -9.37 3.90
N THR D 57 -11.68 -8.74 4.98
CA THR D 57 -10.74 -8.24 5.96
C THR D 57 -9.75 -9.33 6.39
N SER D 58 -10.27 -10.55 6.61
CA SER D 58 -9.39 -11.65 6.99
C SER D 58 -8.39 -11.95 5.88
N VAL D 59 -8.91 -12.16 4.68
CA VAL D 59 -8.06 -12.49 3.55
C VAL D 59 -6.94 -11.47 3.32
N VAL D 60 -7.23 -10.17 3.44
CA VAL D 60 -6.18 -9.16 3.24
C VAL D 60 -5.58 -8.60 4.55
N ASP D 61 -5.77 -9.33 5.64
CA ASP D 61 -5.24 -8.92 6.94
C ASP D 61 -5.51 -7.47 7.38
N THR D 62 -6.75 -7.04 7.32
CA THR D 62 -7.08 -5.71 7.80
C THR D 62 -8.19 -5.93 8.82
N ASN D 63 -8.51 -4.88 9.58
CA ASN D 63 -9.56 -5.01 10.57
C ASN D 63 -10.47 -3.80 10.64
N VAL D 64 -11.58 -3.89 9.93
CA VAL D 64 -12.61 -2.86 9.98
C VAL D 64 -13.92 -3.63 10.07
N SER D 65 -14.90 -3.00 10.67
CA SER D 65 -16.22 -3.58 10.83
C SER D 65 -17.08 -3.24 9.63
N VAL D 66 -17.65 -4.26 9.00
CA VAL D 66 -18.54 -4.03 7.87
C VAL D 66 -19.89 -4.64 8.20
N ARG D 67 -20.93 -3.82 8.18
CA ARG D 67 -22.24 -4.36 8.49
C ARG D 67 -23.39 -3.66 7.81
N ALA D 68 -24.49 -4.42 7.68
CA ALA D 68 -25.70 -3.89 7.09
C ALA D 68 -26.58 -3.31 8.21
N GLU D 69 -27.33 -2.27 7.89
CA GLU D 69 -28.23 -1.62 8.83
C GLU D 69 -29.48 -1.29 8.02
N TYR D 70 -30.66 -1.54 8.58
CA TYR D 70 -31.87 -1.24 7.83
C TYR D 70 -32.54 0.08 8.15
N SER D 71 -32.27 0.63 9.31
CA SER D 71 -32.86 1.90 9.67
C SER D 71 -31.89 3.04 9.33
N TYR D 72 -32.43 4.22 9.08
CA TYR D 72 -31.59 5.37 8.79
C TYR D 72 -30.79 5.69 10.06
N GLU D 73 -31.46 5.65 11.20
CA GLU D 73 -30.80 5.94 12.47
C GLU D 73 -29.56 5.07 12.69
N ALA D 74 -29.68 3.77 12.45
CA ALA D 74 -28.54 2.88 12.64
C ALA D 74 -27.40 3.12 11.62
N ALA D 75 -27.76 3.29 10.35
CA ALA D 75 -26.79 3.50 9.29
C ALA D 75 -26.06 4.85 9.32
N LEU D 76 -26.77 5.91 9.68
CA LEU D 76 -26.23 7.25 9.68
C LEU D 76 -25.55 7.72 10.98
N THR D 77 -26.04 7.28 12.13
CA THR D 77 -25.47 7.73 13.39
C THR D 77 -23.98 7.44 13.49
N GLY D 78 -23.21 8.50 13.74
CA GLY D 78 -21.77 8.37 13.87
C GLY D 78 -20.97 8.39 12.57
N ALA D 79 -21.64 8.51 11.42
CA ALA D 79 -20.97 8.51 10.14
C ALA D 79 -20.13 9.77 9.88
N ASP D 80 -18.81 9.59 9.78
CA ASP D 80 -17.90 10.67 9.49
C ASP D 80 -18.10 11.12 8.06
N CYS D 81 -18.62 10.22 7.22
CA CYS D 81 -18.84 10.53 5.83
C CYS D 81 -19.93 9.63 5.29
N VAL D 82 -20.83 10.21 4.51
CA VAL D 82 -21.94 9.46 3.93
C VAL D 82 -21.83 9.57 2.41
N ILE D 83 -21.84 8.42 1.71
CA ILE D 83 -21.73 8.42 0.25
C ILE D 83 -23.06 7.85 -0.24
N VAL D 84 -23.79 8.65 -0.99
CA VAL D 84 -25.11 8.28 -1.45
C VAL D 84 -25.20 7.82 -2.89
N THR D 85 -25.53 6.54 -3.09
CA THR D 85 -25.67 6.00 -4.44
C THR D 85 -27.11 5.49 -4.65
N ALA D 86 -27.94 5.68 -3.65
CA ALA D 86 -29.32 5.23 -3.71
C ALA D 86 -30.03 5.78 -4.94
N GLY D 87 -30.68 4.91 -5.70
CA GLY D 87 -31.42 5.34 -6.88
C GLY D 87 -31.35 4.41 -8.08
N LEU D 88 -31.91 4.84 -9.20
CA LEU D 88 -31.90 4.04 -10.43
C LEU D 88 -30.75 4.46 -11.34
N THR D 89 -30.32 3.54 -12.20
CA THR D 89 -29.23 3.81 -13.14
C THR D 89 -29.79 3.96 -14.55
N LYS D 90 -30.94 3.34 -14.78
CA LYS D 90 -31.62 3.39 -16.08
C LYS D 90 -33.11 3.57 -15.89
N VAL D 91 -33.78 4.08 -16.92
CA VAL D 91 -35.23 4.24 -16.88
C VAL D 91 -35.85 2.92 -17.34
N PRO D 92 -36.72 2.34 -16.51
CA PRO D 92 -37.35 1.07 -16.88
C PRO D 92 -38.03 1.13 -18.24
N GLY D 93 -37.80 0.10 -19.06
CA GLY D 93 -38.40 0.03 -20.38
C GLY D 93 -37.70 0.78 -21.50
N LYS D 94 -36.94 1.81 -21.15
CA LYS D 94 -36.22 2.63 -22.13
C LYS D 94 -35.09 1.82 -22.81
N PRO D 95 -34.85 2.05 -24.11
CA PRO D 95 -33.78 1.33 -24.84
C PRO D 95 -32.40 1.84 -24.45
N ASP D 96 -31.42 0.95 -24.37
CA ASP D 96 -30.05 1.36 -24.02
C ASP D 96 -29.57 2.50 -24.90
N SER D 97 -29.94 2.46 -26.17
CA SER D 97 -29.54 3.48 -27.12
C SER D 97 -30.10 4.85 -26.76
N GLU D 98 -31.11 4.86 -25.90
CA GLU D 98 -31.75 6.10 -25.46
C GLU D 98 -31.45 6.41 -23.99
N TRP D 99 -30.36 5.87 -23.48
CA TRP D 99 -29.97 6.09 -22.09
C TRP D 99 -29.65 7.54 -21.82
N SER D 100 -30.22 8.10 -20.76
CA SER D 100 -29.98 9.48 -20.36
C SER D 100 -30.02 9.65 -18.85
N ARG D 101 -29.03 10.33 -18.30
CA ARG D 101 -28.98 10.57 -16.86
C ARG D 101 -30.12 11.52 -16.44
N ASN D 102 -30.41 12.49 -17.28
CA ASN D 102 -31.47 13.47 -17.00
C ASN D 102 -32.85 12.84 -16.79
N ASP D 103 -33.13 11.73 -17.48
CA ASP D 103 -34.42 11.06 -17.34
C ASP D 103 -34.61 10.43 -15.96
N LEU D 104 -33.51 10.23 -15.24
CA LEU D 104 -33.57 9.61 -13.93
C LEU D 104 -34.11 10.56 -12.85
N LEU D 105 -34.16 11.85 -13.18
CA LEU D 105 -34.63 12.88 -12.24
C LEU D 105 -35.95 12.63 -11.51
N PRO D 106 -37.01 12.24 -12.23
CA PRO D 106 -38.29 12.00 -11.57
C PRO D 106 -38.20 10.85 -10.56
N PHE D 107 -37.38 9.85 -10.85
CA PHE D 107 -37.24 8.69 -9.99
C PHE D 107 -36.37 8.90 -8.75
N ASN D 108 -35.22 9.54 -8.92
CA ASN D 108 -34.28 9.74 -7.83
C ASN D 108 -34.38 10.99 -6.95
N SER D 109 -35.07 12.01 -7.41
CA SER D 109 -35.20 13.25 -6.63
C SER D 109 -35.82 13.04 -5.24
N LYS D 110 -36.84 12.19 -5.17
CA LYS D 110 -37.51 11.92 -3.91
C LYS D 110 -36.65 11.08 -2.97
N ILE D 111 -35.90 10.15 -3.55
CA ILE D 111 -35.03 9.29 -2.77
C ILE D 111 -33.93 10.14 -2.11
N ILE D 112 -33.34 11.05 -2.89
CA ILE D 112 -32.28 11.90 -2.37
C ILE D 112 -32.79 12.87 -1.30
N ARG D 113 -33.96 13.47 -1.54
CA ARG D 113 -34.51 14.40 -0.54
C ARG D 113 -34.71 13.72 0.80
N GLU D 114 -35.27 12.51 0.77
CA GLU D 114 -35.51 11.76 2.01
C GLU D 114 -34.18 11.44 2.73
N ILE D 115 -33.17 11.04 1.97
CA ILE D 115 -31.88 10.73 2.60
C ILE D 115 -31.32 12.01 3.22
N GLY D 116 -31.51 13.13 2.56
CA GLY D 116 -31.03 14.39 3.09
C GLY D 116 -31.65 14.73 4.43
N GLN D 117 -32.96 14.55 4.54
CA GLN D 117 -33.65 14.84 5.79
C GLN D 117 -33.16 13.93 6.91
N ASN D 118 -32.86 12.68 6.57
CA ASN D 118 -32.39 11.74 7.59
C ASN D 118 -30.97 12.07 8.01
N ILE D 119 -30.19 12.65 7.11
CA ILE D 119 -28.81 13.05 7.46
C ILE D 119 -28.91 14.24 8.43
N LYS D 120 -29.81 15.17 8.15
CA LYS D 120 -29.99 16.33 9.03
C LYS D 120 -30.28 15.83 10.43
N LYS D 121 -31.12 14.81 10.50
CA LYS D 121 -31.51 14.23 11.77
C LYS D 121 -30.46 13.43 12.53
N TYR D 122 -29.79 12.51 11.85
CA TYR D 122 -28.83 11.64 12.52
C TYR D 122 -27.33 11.96 12.45
N CYS D 123 -26.88 12.64 11.41
CA CYS D 123 -25.47 12.98 11.34
C CYS D 123 -25.25 14.31 10.62
N PRO D 124 -25.82 15.39 11.17
CA PRO D 124 -25.68 16.72 10.56
C PRO D 124 -24.24 17.21 10.40
N LYS D 125 -23.31 16.61 11.13
CA LYS D 125 -21.91 17.01 11.05
C LYS D 125 -21.07 16.16 10.11
N THR D 126 -21.71 15.30 9.31
CA THR D 126 -20.99 14.41 8.38
C THR D 126 -20.59 15.12 7.09
N PHE D 127 -19.75 14.46 6.30
CA PHE D 127 -19.33 15.01 5.00
C PHE D 127 -20.12 14.18 3.99
N ILE D 128 -20.92 14.84 3.16
CA ILE D 128 -21.77 14.15 2.18
C ILE D 128 -21.18 14.11 0.78
N ILE D 129 -21.08 12.91 0.21
CA ILE D 129 -20.61 12.74 -1.15
C ILE D 129 -21.74 12.07 -1.91
N VAL D 130 -22.36 12.81 -2.81
CA VAL D 130 -23.47 12.29 -3.61
C VAL D 130 -22.95 11.67 -4.91
N VAL D 131 -23.56 10.55 -5.33
CA VAL D 131 -23.16 9.89 -6.58
C VAL D 131 -24.36 9.74 -7.51
N THR D 132 -25.53 9.56 -6.91
CA THR D 132 -26.79 9.40 -7.64
C THR D 132 -27.00 10.45 -8.72
N ASN D 133 -27.35 9.98 -9.92
CA ASN D 133 -27.61 10.84 -11.09
C ASN D 133 -29.08 11.28 -11.12
N PRO D 134 -29.37 12.41 -11.79
CA PRO D 134 -28.44 13.29 -12.49
C PRO D 134 -27.66 14.02 -11.40
N LEU D 135 -26.39 13.69 -11.28
CA LEU D 135 -25.51 14.22 -10.24
C LEU D 135 -25.63 15.65 -9.73
N ASP D 136 -25.26 16.62 -10.57
CA ASP D 136 -25.29 18.02 -10.16
C ASP D 136 -26.64 18.47 -9.61
N CYS D 137 -27.71 17.96 -10.19
CA CYS D 137 -29.05 18.29 -9.76
C CYS D 137 -29.28 17.64 -8.41
N MET D 138 -28.95 16.35 -8.31
CA MET D 138 -29.14 15.64 -7.05
C MET D 138 -28.37 16.23 -5.87
N VAL D 139 -27.18 16.80 -6.11
CA VAL D 139 -26.45 17.37 -4.98
C VAL D 139 -27.23 18.56 -4.42
N LYS D 140 -27.81 19.34 -5.32
CA LYS D 140 -28.63 20.50 -4.97
C LYS D 140 -29.76 20.02 -4.07
N VAL D 141 -30.46 18.97 -4.52
CA VAL D 141 -31.56 18.41 -3.76
C VAL D 141 -31.07 18.00 -2.37
N MET D 142 -29.92 17.33 -2.32
CA MET D 142 -29.34 16.88 -1.06
C MET D 142 -28.98 18.06 -0.16
N CYS D 143 -28.47 19.14 -0.77
CA CYS D 143 -28.10 20.34 -0.01
C CYS D 143 -29.31 20.93 0.70
N GLU D 144 -30.36 21.21 -0.06
CA GLU D 144 -31.54 21.81 0.52
C GLU D 144 -32.17 20.93 1.61
N ALA D 145 -32.30 19.63 1.36
CA ALA D 145 -32.88 18.70 2.33
C ALA D 145 -32.00 18.44 3.55
N SER D 146 -30.68 18.41 3.37
CA SER D 146 -29.78 18.11 4.48
C SER D 146 -29.46 19.30 5.38
N GLY D 147 -29.37 20.49 4.80
CA GLY D 147 -29.08 21.68 5.60
C GLY D 147 -27.66 21.79 6.14
N VAL D 148 -26.73 20.95 5.69
CA VAL D 148 -25.34 21.01 6.18
C VAL D 148 -24.56 22.22 5.64
N PRO D 149 -23.41 22.54 6.26
CA PRO D 149 -22.58 23.67 5.80
C PRO D 149 -22.28 23.46 4.31
N THR D 150 -22.22 24.53 3.54
CA THR D 150 -21.98 24.42 2.11
C THR D 150 -20.64 23.81 1.75
N ASN D 151 -19.73 23.77 2.71
CA ASN D 151 -18.41 23.19 2.46
C ASN D 151 -18.41 21.72 2.83
N MET D 152 -19.52 21.21 3.36
CA MET D 152 -19.59 19.80 3.77
C MET D 152 -20.40 18.87 2.88
N ILE D 153 -20.63 19.30 1.64
CA ILE D 153 -21.36 18.50 0.67
C ILE D 153 -20.81 18.72 -0.73
N CYS D 154 -20.77 17.66 -1.52
CA CYS D 154 -20.27 17.74 -2.89
C CYS D 154 -20.71 16.51 -3.66
N GLY D 155 -20.54 16.54 -4.97
CA GLY D 155 -20.93 15.40 -5.78
C GLY D 155 -19.74 14.82 -6.51
N MET D 156 -19.69 13.50 -6.60
CA MET D 156 -18.62 12.83 -7.32
C MET D 156 -19.06 12.66 -8.76
N ALA D 157 -18.25 13.13 -9.70
CA ALA D 157 -18.51 12.96 -11.12
C ALA D 157 -17.27 13.35 -11.93
N CYS D 158 -16.88 14.61 -11.83
CA CYS D 158 -15.74 15.07 -12.59
C CYS D 158 -14.41 14.37 -12.34
N MET D 159 -14.21 13.82 -11.16
CA MET D 159 -12.95 13.11 -10.94
C MET D 159 -12.97 11.87 -11.83
N LEU D 160 -14.16 11.29 -11.98
CA LEU D 160 -14.33 10.11 -12.83
C LEU D 160 -14.19 10.52 -14.29
N ASP D 161 -14.86 11.60 -14.66
CA ASP D 161 -14.76 12.06 -16.03
C ASP D 161 -13.32 12.39 -16.37
N SER D 162 -12.64 13.05 -15.43
CA SER D 162 -11.25 13.43 -15.63
C SER D 162 -10.38 12.18 -15.70
N GLY D 163 -10.75 11.16 -14.92
CA GLY D 163 -9.99 9.93 -14.89
C GLY D 163 -9.99 9.27 -16.25
N ARG D 164 -11.17 9.28 -16.88
CA ARG D 164 -11.35 8.70 -18.20
C ARG D 164 -10.52 9.50 -19.19
N PHE D 165 -10.60 10.81 -19.05
CA PHE D 165 -9.90 11.78 -19.90
C PHE D 165 -8.40 11.49 -19.83
N ARG D 166 -7.89 11.33 -18.61
CA ARG D 166 -6.48 11.05 -18.38
C ARG D 166 -6.04 9.67 -18.93
N ARG D 167 -6.89 8.66 -18.79
CA ARG D 167 -6.53 7.32 -19.30
C ARG D 167 -6.33 7.32 -20.81
N TYR D 168 -7.25 7.97 -21.53
CA TYR D 168 -7.16 8.05 -22.98
C TYR D 168 -5.93 8.85 -23.40
N VAL D 169 -5.66 9.95 -22.70
CA VAL D 169 -4.49 10.76 -23.02
C VAL D 169 -3.24 9.94 -22.68
N ALA D 170 -3.28 9.27 -21.53
CA ALA D 170 -2.14 8.45 -21.08
C ALA D 170 -1.79 7.41 -22.15
N ASP D 171 -2.80 6.79 -22.75
CA ASP D 171 -2.55 5.79 -23.79
C ASP D 171 -1.98 6.40 -25.07
N ALA D 172 -2.46 7.58 -25.45
CA ALA D 172 -1.97 8.23 -26.67
C ALA D 172 -0.48 8.59 -26.56
N LEU D 173 -0.07 8.96 -25.35
CA LEU D 173 1.32 9.38 -25.10
C LEU D 173 2.25 8.31 -24.57
N SER D 174 1.70 7.14 -24.22
CA SER D 174 2.52 6.07 -23.66
C SER D 174 3.19 6.47 -22.35
N VAL D 175 2.40 7.00 -21.41
CA VAL D 175 2.91 7.39 -20.09
C VAL D 175 1.90 6.98 -19.04
N SER D 176 2.32 6.94 -17.78
CA SER D 176 1.42 6.59 -16.71
C SER D 176 0.36 7.67 -16.52
N PRO D 177 -0.91 7.28 -16.31
CA PRO D 177 -2.00 8.25 -16.11
C PRO D 177 -1.67 9.11 -14.89
N ARG D 178 -0.82 8.59 -14.01
CA ARG D 178 -0.40 9.32 -12.82
C ARG D 178 0.15 10.68 -13.25
N ASP D 179 0.89 10.69 -14.35
CA ASP D 179 1.46 11.94 -14.82
C ASP D 179 0.71 12.71 -15.90
N VAL D 180 -0.60 12.49 -16.00
CA VAL D 180 -1.39 13.26 -16.93
C VAL D 180 -2.39 14.06 -16.10
N GLN D 181 -2.37 15.37 -16.25
CA GLN D 181 -3.34 16.20 -15.55
C GLN D 181 -4.34 16.63 -16.61
N ALA D 182 -5.55 16.08 -16.54
CA ALA D 182 -6.61 16.41 -17.49
C ALA D 182 -7.84 16.65 -16.63
N THR D 183 -8.56 17.71 -16.94
CA THR D 183 -9.72 18.08 -16.16
C THR D 183 -10.98 18.26 -16.98
N VAL D 184 -12.10 17.77 -16.43
CA VAL D 184 -13.39 17.94 -17.07
C VAL D 184 -14.18 18.76 -16.03
N ILE D 185 -14.80 19.85 -16.47
CA ILE D 185 -15.61 20.65 -15.53
C ILE D 185 -17.01 20.73 -16.10
N GLY D 186 -17.91 21.33 -15.34
CA GLY D 186 -19.27 21.45 -15.82
C GLY D 186 -20.20 20.39 -15.26
N THR D 187 -21.30 20.17 -15.98
CA THR D 187 -22.32 19.21 -15.60
C THR D 187 -22.01 17.81 -16.11
N HIS D 188 -22.07 16.84 -15.21
CA HIS D 188 -21.79 15.47 -15.58
C HIS D 188 -22.88 15.01 -16.55
N GLY D 189 -22.58 15.06 -17.85
CA GLY D 189 -23.51 14.66 -18.88
C GLY D 189 -22.94 14.94 -20.25
N ASP D 190 -23.79 14.95 -21.28
CA ASP D 190 -23.35 15.19 -22.66
C ASP D 190 -22.78 16.59 -22.83
N CYS D 191 -23.06 17.48 -21.88
CA CYS D 191 -22.57 18.84 -21.94
C CYS D 191 -21.31 19.06 -21.09
N MET D 192 -20.78 17.99 -20.50
CA MET D 192 -19.57 18.12 -19.68
C MET D 192 -18.49 18.78 -20.55
N VAL D 193 -17.55 19.47 -19.91
CA VAL D 193 -16.51 20.15 -20.65
C VAL D 193 -15.09 19.66 -20.41
N PRO D 194 -14.56 18.79 -21.28
CA PRO D 194 -13.19 18.30 -21.09
C PRO D 194 -12.29 19.48 -21.48
N LEU D 195 -11.44 19.95 -20.58
CA LEU D 195 -10.57 21.09 -20.92
C LEU D 195 -9.29 20.70 -21.65
N VAL D 196 -9.43 20.43 -22.95
CA VAL D 196 -8.29 20.04 -23.78
C VAL D 196 -7.10 20.97 -23.61
N ARG D 197 -7.35 22.27 -23.65
CA ARG D 197 -6.29 23.26 -23.52
C ARG D 197 -5.50 23.17 -22.21
N TYR D 198 -6.13 22.64 -21.17
CA TYR D 198 -5.49 22.52 -19.86
C TYR D 198 -4.78 21.19 -19.57
N ILE D 199 -4.65 20.34 -20.58
CA ILE D 199 -3.98 19.05 -20.42
C ILE D 199 -2.48 19.27 -20.23
N THR D 200 -1.91 18.69 -19.17
CA THR D 200 -0.46 18.80 -18.96
C THR D 200 0.10 17.42 -18.65
N VAL D 201 1.38 17.23 -19.00
CA VAL D 201 2.08 15.98 -18.75
C VAL D 201 3.12 16.40 -17.73
N ASN D 202 2.91 15.99 -16.48
CA ASN D 202 3.75 16.39 -15.35
C ASN D 202 3.98 17.88 -15.40
N GLY D 203 2.91 18.64 -15.60
CA GLY D 203 3.02 20.08 -15.64
C GLY D 203 3.49 20.70 -16.96
N TYR D 204 3.88 19.87 -17.93
CA TYR D 204 4.34 20.36 -19.24
C TYR D 204 3.16 20.47 -20.19
N PRO D 205 3.01 21.63 -20.85
CA PRO D 205 1.92 21.90 -21.80
C PRO D 205 1.75 20.80 -22.83
N ILE D 206 0.49 20.41 -23.06
CA ILE D 206 0.21 19.38 -24.04
C ILE D 206 0.63 19.85 -25.45
N GLN D 207 0.63 21.16 -25.65
CA GLN D 207 0.99 21.75 -26.94
C GLN D 207 2.36 21.30 -27.44
N LYS D 208 3.33 21.19 -26.53
CA LYS D 208 4.67 20.78 -26.91
C LYS D 208 4.64 19.36 -27.48
N PHE D 209 3.83 18.50 -26.87
CA PHE D 209 3.71 17.13 -27.35
C PHE D 209 3.03 17.13 -28.71
N ILE D 210 2.16 18.09 -28.94
CA ILE D 210 1.52 18.16 -30.23
C ILE D 210 2.60 18.53 -31.24
N LYS D 211 3.40 19.54 -30.90
CA LYS D 211 4.48 19.96 -31.81
C LYS D 211 5.49 18.86 -32.05
N ASP D 212 5.73 18.04 -31.04
CA ASP D 212 6.68 16.94 -31.16
C ASP D 212 6.05 15.75 -31.90
N GLY D 213 4.80 15.91 -32.33
CA GLY D 213 4.13 14.84 -33.05
C GLY D 213 3.78 13.60 -32.25
N VAL D 214 3.74 13.71 -30.93
CA VAL D 214 3.40 12.54 -30.13
C VAL D 214 1.90 12.28 -30.26
N VAL D 215 1.13 13.36 -30.48
CA VAL D 215 -0.31 13.26 -30.62
C VAL D 215 -0.78 14.46 -31.47
N THR D 216 -1.86 14.28 -32.22
CA THR D 216 -2.35 15.39 -33.04
C THR D 216 -3.48 16.12 -32.37
N GLU D 217 -3.72 17.34 -32.83
CA GLU D 217 -4.81 18.11 -32.27
C GLU D 217 -6.10 17.36 -32.52
N LYS D 218 -6.22 16.78 -33.71
CA LYS D 218 -7.41 16.03 -34.05
C LYS D 218 -7.59 14.85 -33.08
N GLN D 219 -6.46 14.25 -32.67
CA GLN D 219 -6.53 13.13 -31.73
C GLN D 219 -7.06 13.58 -30.38
N LEU D 220 -6.54 14.69 -29.90
CA LEU D 220 -6.96 15.22 -28.62
C LEU D 220 -8.45 15.50 -28.65
N GLU D 221 -8.92 16.06 -29.76
CA GLU D 221 -10.34 16.37 -29.84
C GLU D 221 -11.19 15.09 -29.82
N GLU D 222 -10.69 14.02 -30.42
CA GLU D 222 -11.44 12.76 -30.41
C GLU D 222 -11.45 12.16 -29.00
N ILE D 223 -10.38 12.39 -28.25
CA ILE D 223 -10.29 11.91 -26.89
C ILE D 223 -11.30 12.67 -26.04
N ALA D 224 -11.40 13.97 -26.29
CA ALA D 224 -12.35 14.81 -25.56
C ALA D 224 -13.76 14.27 -25.78
N GLU D 225 -14.03 13.88 -27.03
CA GLU D 225 -15.33 13.33 -27.39
C GLU D 225 -15.56 11.99 -26.71
N HIS D 226 -14.56 11.10 -26.79
CA HIS D 226 -14.68 9.80 -26.16
C HIS D 226 -15.00 10.00 -24.69
N THR D 227 -14.30 10.95 -24.07
CA THR D 227 -14.52 11.24 -22.66
C THR D 227 -16.01 11.52 -22.41
N LYS D 228 -16.57 12.45 -23.17
CA LYS D 228 -17.97 12.81 -23.00
C LYS D 228 -18.93 11.62 -23.03
N VAL D 229 -18.73 10.73 -24.00
CA VAL D 229 -19.63 9.60 -24.14
C VAL D 229 -19.20 8.33 -23.43
N SER D 230 -18.21 8.38 -22.55
CA SER D 230 -17.75 7.16 -21.86
C SER D 230 -18.78 6.45 -20.98
N GLY D 231 -19.59 7.20 -20.23
CA GLY D 231 -20.59 6.57 -19.39
C GLY D 231 -21.57 5.71 -20.18
N GLY D 232 -22.03 6.24 -21.31
CA GLY D 232 -22.96 5.51 -22.15
C GLY D 232 -22.29 4.37 -22.89
N GLU D 233 -21.03 4.56 -23.24
CA GLU D 233 -20.32 3.50 -23.93
C GLU D 233 -20.28 2.26 -23.05
N ILE D 234 -20.10 2.47 -21.75
CA ILE D 234 -20.06 1.35 -20.82
C ILE D 234 -21.46 0.78 -20.61
N VAL D 235 -22.45 1.66 -20.53
CA VAL D 235 -23.84 1.23 -20.37
C VAL D 235 -24.17 0.27 -21.51
N ARG D 236 -23.83 0.68 -22.72
CA ARG D 236 -24.12 -0.13 -23.90
C ARG D 236 -23.39 -1.47 -23.93
N PHE D 237 -22.14 -1.47 -23.47
CA PHE D 237 -21.36 -2.72 -23.45
C PHE D 237 -21.81 -3.66 -22.34
N LEU D 238 -22.17 -3.09 -21.19
CA LEU D 238 -22.59 -3.92 -20.07
C LEU D 238 -23.95 -4.57 -20.28
N GLY D 239 -24.88 -3.86 -20.92
CA GLY D 239 -26.21 -4.43 -21.14
C GLY D 239 -27.11 -4.15 -19.94
N GLN D 240 -26.59 -4.34 -18.74
CA GLN D 240 -27.33 -4.07 -17.52
C GLN D 240 -26.53 -3.11 -16.64
N GLY D 241 -27.22 -2.18 -15.98
CA GLY D 241 -26.55 -1.21 -15.12
C GLY D 241 -25.52 -0.33 -15.81
N SER D 242 -24.70 0.38 -15.02
CA SER D 242 -23.66 1.26 -15.54
C SER D 242 -22.31 1.07 -14.79
N ALA D 243 -21.33 1.92 -15.10
CA ALA D 243 -20.00 1.83 -14.49
C ALA D 243 -20.02 1.87 -12.96
N TYR D 244 -19.11 1.13 -12.33
CA TYR D 244 -19.04 1.14 -10.86
C TYR D 244 -17.66 1.04 -10.23
N TYR D 245 -16.68 0.51 -10.98
CA TYR D 245 -15.32 0.37 -10.42
C TYR D 245 -14.64 1.72 -10.28
N ALA D 246 -14.60 2.50 -11.37
CA ALA D 246 -13.95 3.81 -11.34
C ALA D 246 -14.82 4.78 -10.54
N PRO D 247 -16.15 4.68 -10.67
CA PRO D 247 -16.98 5.60 -9.89
C PRO D 247 -16.72 5.43 -8.40
N ALA D 248 -16.63 4.17 -7.97
CA ALA D 248 -16.38 3.86 -6.57
C ALA D 248 -15.01 4.37 -6.13
N ALA D 249 -14.00 4.11 -6.95
CA ALA D 249 -12.64 4.54 -6.63
C ALA D 249 -12.59 6.05 -6.52
N SER D 250 -13.29 6.75 -7.41
CA SER D 250 -13.33 8.20 -7.39
C SER D 250 -13.94 8.74 -6.09
N ALA D 251 -15.09 8.18 -5.68
CA ALA D 251 -15.73 8.66 -4.45
C ALA D 251 -14.93 8.37 -3.18
N VAL D 252 -14.24 7.24 -3.14
CA VAL D 252 -13.46 6.88 -1.96
C VAL D 252 -12.21 7.76 -1.90
N ALA D 253 -11.66 8.11 -3.07
CA ALA D 253 -10.49 8.97 -3.13
C ALA D 253 -10.92 10.31 -2.53
N MET D 254 -12.13 10.74 -2.88
CA MET D 254 -12.64 12.02 -2.36
C MET D 254 -12.82 11.94 -0.85
N ALA D 255 -13.43 10.85 -0.39
CA ALA D 255 -13.67 10.69 1.03
C ALA D 255 -12.35 10.60 1.81
N THR D 256 -11.35 9.95 1.21
CA THR D 256 -10.04 9.79 1.83
C THR D 256 -9.34 11.14 1.98
N SER D 257 -9.44 11.98 0.95
CA SER D 257 -8.83 13.31 1.00
C SER D 257 -9.49 14.09 2.13
N PHE D 258 -10.73 13.76 2.44
CA PHE D 258 -11.45 14.40 3.54
C PHE D 258 -11.04 13.82 4.90
N LEU D 259 -11.07 12.49 5.01
CA LEU D 259 -10.76 11.82 6.26
C LEU D 259 -9.32 11.98 6.73
N ASN D 260 -8.39 12.13 5.80
CA ASN D 260 -7.01 12.31 6.18
C ASN D 260 -6.53 13.73 5.94
N ASP D 261 -7.46 14.62 5.61
CA ASP D 261 -7.13 16.03 5.37
C ASP D 261 -5.91 16.10 4.43
N GLU D 262 -6.02 15.44 3.29
CA GLU D 262 -4.93 15.42 2.31
C GLU D 262 -4.82 16.69 1.48
N LYS D 263 -5.93 17.38 1.33
CA LYS D 263 -5.98 18.60 0.54
C LYS D 263 -5.65 18.33 -0.92
N ARG D 264 -6.20 17.25 -1.46
CA ARG D 264 -6.00 16.92 -2.87
C ARG D 264 -6.83 17.91 -3.69
N VAL D 265 -6.41 18.13 -4.92
CA VAL D 265 -7.14 19.02 -5.82
C VAL D 265 -7.91 18.08 -6.71
N ILE D 266 -9.19 17.91 -6.41
CA ILE D 266 -10.07 17.02 -7.12
C ILE D 266 -11.30 17.72 -7.69
N PRO D 267 -11.52 17.63 -8.99
CA PRO D 267 -12.69 18.29 -9.55
C PRO D 267 -13.94 17.55 -9.07
N CYS D 268 -14.92 18.27 -8.57
CA CYS D 268 -16.15 17.66 -8.12
C CYS D 268 -17.28 18.67 -8.15
N SER D 269 -18.51 18.21 -7.91
CA SER D 269 -19.66 19.09 -7.94
C SER D 269 -19.73 19.84 -6.61
N VAL D 270 -19.54 21.15 -6.65
CA VAL D 270 -19.53 21.94 -5.43
C VAL D 270 -20.49 23.12 -5.44
N TYR D 271 -20.73 23.63 -4.23
CA TYR D 271 -21.63 24.75 -4.01
C TYR D 271 -21.00 26.03 -4.52
N CYS D 272 -21.72 26.72 -5.41
CA CYS D 272 -21.23 27.95 -6.00
C CYS D 272 -21.68 29.20 -5.25
N ASN D 273 -20.72 30.08 -5.03
CA ASN D 273 -20.91 31.33 -4.31
C ASN D 273 -20.63 32.52 -5.23
N GLY D 274 -20.69 32.30 -6.55
CA GLY D 274 -20.42 33.38 -7.49
C GLY D 274 -19.46 33.02 -8.61
N GLU D 275 -18.76 31.90 -8.49
CA GLU D 275 -17.84 31.49 -9.55
C GLU D 275 -18.61 31.48 -10.88
N TYR D 276 -18.05 32.10 -11.90
CA TYR D 276 -18.72 32.14 -13.19
C TYR D 276 -20.09 32.77 -13.10
N GLY D 277 -20.31 33.53 -12.04
CA GLY D 277 -21.60 34.16 -11.86
C GLY D 277 -22.65 33.17 -11.42
N LEU D 278 -22.20 31.97 -11.01
CA LEU D 278 -23.13 30.95 -10.56
C LEU D 278 -23.42 31.09 -9.06
N LYS D 279 -24.68 31.00 -8.70
CA LYS D 279 -25.08 31.12 -7.31
C LYS D 279 -26.16 30.12 -6.95
N ASP D 280 -26.24 29.80 -5.66
CA ASP D 280 -27.25 28.87 -5.14
C ASP D 280 -27.37 27.59 -5.97
N MET D 281 -26.26 27.06 -6.45
CA MET D 281 -26.32 25.82 -7.22
C MET D 281 -25.02 25.04 -7.16
N PHE D 282 -25.07 23.81 -7.63
CA PHE D 282 -23.90 22.92 -7.67
C PHE D 282 -23.54 22.58 -9.11
N ILE D 283 -22.24 22.51 -9.38
CA ILE D 283 -21.74 22.16 -10.70
C ILE D 283 -20.28 21.74 -10.53
N GLY D 284 -19.79 20.91 -11.43
CA GLY D 284 -18.42 20.43 -11.36
C GLY D 284 -17.33 21.46 -11.62
N LEU D 285 -16.46 21.66 -10.62
CA LEU D 285 -15.33 22.59 -10.71
C LEU D 285 -14.12 22.03 -9.94
N PRO D 286 -12.89 22.44 -10.30
CA PRO D 286 -11.78 21.89 -9.52
C PRO D 286 -11.87 22.44 -8.11
N ALA D 287 -11.64 21.57 -7.13
CA ALA D 287 -11.69 21.99 -5.73
C ALA D 287 -10.63 21.31 -4.88
N VAL D 288 -10.38 21.87 -3.70
CA VAL D 288 -9.42 21.31 -2.76
C VAL D 288 -10.25 20.69 -1.62
N ILE D 289 -10.11 19.38 -1.44
CA ILE D 289 -10.85 18.67 -0.42
C ILE D 289 -9.89 18.31 0.69
N GLY D 290 -10.25 18.73 1.91
CA GLY D 290 -9.43 18.43 3.07
C GLY D 290 -10.26 18.21 4.32
N GLY D 291 -9.59 18.24 5.47
CA GLY D 291 -10.27 18.03 6.73
C GLY D 291 -11.44 18.95 6.99
N ALA D 292 -11.55 20.06 6.26
CA ALA D 292 -12.67 20.98 6.45
C ALA D 292 -13.61 20.92 5.26
N GLY D 293 -13.61 19.79 4.56
CA GLY D 293 -14.46 19.62 3.41
C GLY D 293 -13.93 20.39 2.21
N ILE D 294 -14.84 20.99 1.45
CA ILE D 294 -14.42 21.75 0.28
C ILE D 294 -13.71 22.96 0.84
N GLU D 295 -12.40 23.01 0.67
CA GLU D 295 -11.60 24.10 1.21
C GLU D 295 -11.27 25.22 0.24
N ARG D 296 -11.47 24.95 -1.04
CA ARG D 296 -11.22 25.96 -2.06
C ARG D 296 -11.87 25.54 -3.36
N VAL D 297 -12.39 26.50 -4.09
CA VAL D 297 -13.01 26.21 -5.39
C VAL D 297 -12.16 27.00 -6.37
N ILE D 298 -11.64 26.31 -7.38
CA ILE D 298 -10.80 26.99 -8.36
C ILE D 298 -11.59 27.45 -9.55
N GLU D 299 -11.40 28.73 -9.90
CA GLU D 299 -12.09 29.33 -11.03
C GLU D 299 -11.09 29.56 -12.16
N LEU D 300 -11.02 28.61 -13.08
CA LEU D 300 -10.11 28.71 -14.21
C LEU D 300 -10.53 29.73 -15.25
N GLU D 301 -9.54 30.31 -15.93
CA GLU D 301 -9.83 31.25 -17.00
C GLU D 301 -10.24 30.40 -18.21
N LEU D 302 -11.38 30.70 -18.80
CA LEU D 302 -11.87 29.95 -19.95
C LEU D 302 -11.73 30.76 -21.25
N ASN D 303 -11.41 30.08 -22.35
CA ASN D 303 -11.31 30.76 -23.63
C ASN D 303 -12.72 30.76 -24.24
N GLU D 304 -12.87 31.29 -25.45
CA GLU D 304 -14.18 31.39 -26.08
C GLU D 304 -14.95 30.07 -26.24
N GLU D 305 -14.28 29.06 -26.77
CA GLU D 305 -14.91 27.76 -26.97
C GLU D 305 -15.29 27.15 -25.63
N GLU D 306 -14.39 27.23 -24.64
CA GLU D 306 -14.68 26.67 -23.32
C GLU D 306 -15.88 27.36 -22.68
N LYS D 307 -15.91 28.69 -22.73
CA LYS D 307 -17.04 29.42 -22.13
C LYS D 307 -18.33 28.97 -22.78
N LYS D 308 -18.27 28.80 -24.10
CA LYS D 308 -19.43 28.37 -24.86
C LYS D 308 -19.90 26.99 -24.42
N GLN D 309 -18.96 26.06 -24.31
CA GLN D 309 -19.31 24.71 -23.90
C GLN D 309 -19.77 24.73 -22.45
N PHE D 310 -19.14 25.55 -21.62
CA PHE D 310 -19.51 25.63 -20.21
C PHE D 310 -20.91 26.19 -20.00
N GLN D 311 -21.27 27.20 -20.79
CA GLN D 311 -22.60 27.79 -20.67
C GLN D 311 -23.67 26.71 -20.94
N LYS D 312 -23.40 25.84 -21.91
CA LYS D 312 -24.33 24.76 -22.21
C LYS D 312 -24.43 23.85 -21.00
N SER D 313 -23.31 23.65 -20.32
CA SER D 313 -23.29 22.81 -19.13
C SER D 313 -24.19 23.47 -18.10
N VAL D 314 -23.99 24.76 -17.89
CA VAL D 314 -24.78 25.51 -16.91
C VAL D 314 -26.28 25.43 -17.24
N ASP D 315 -26.61 25.67 -18.51
CA ASP D 315 -28.03 25.64 -18.90
C ASP D 315 -28.63 24.27 -18.65
N ASP D 316 -27.88 23.21 -18.93
CA ASP D 316 -28.36 21.85 -18.71
C ASP D 316 -28.81 21.68 -17.26
N VAL D 317 -27.93 22.02 -16.32
CA VAL D 317 -28.23 21.85 -14.90
C VAL D 317 -29.22 22.86 -14.34
N MET D 318 -29.27 24.07 -14.90
CA MET D 318 -30.23 25.05 -14.40
C MET D 318 -31.64 24.59 -14.76
N ALA D 319 -31.77 23.97 -15.94
CA ALA D 319 -33.08 23.46 -16.36
C ALA D 319 -33.49 22.32 -15.43
N LEU D 320 -32.52 21.49 -15.07
CA LEU D 320 -32.79 20.36 -14.18
C LEU D 320 -33.26 20.83 -12.81
N ASN D 321 -32.55 21.79 -12.24
CA ASN D 321 -32.93 22.30 -10.95
C ASN D 321 -34.32 22.95 -11.05
N LYS D 322 -34.63 23.49 -12.22
CA LYS D 322 -35.92 24.13 -12.43
C LYS D 322 -36.99 23.05 -12.42
N ALA D 323 -36.70 21.95 -13.11
CA ALA D 323 -37.62 20.83 -13.18
C ALA D 323 -37.91 20.24 -11.80
N VAL D 324 -36.90 20.22 -10.94
CA VAL D 324 -37.05 19.67 -9.60
C VAL D 324 -37.94 20.54 -8.74
N ALA D 325 -37.74 21.86 -8.77
CA ALA D 325 -38.57 22.72 -7.96
C ALA D 325 -40.04 22.53 -8.34
N ALA D 326 -40.29 22.22 -9.61
CA ALA D 326 -41.66 22.01 -10.09
C ALA D 326 -42.24 20.68 -9.59
N LEU D 327 -41.37 19.69 -9.38
CA LEU D 327 -41.80 18.37 -8.92
C LEU D 327 -42.03 18.28 -7.41
N GLN D 328 -41.21 18.96 -6.62
CA GLN D 328 -41.32 18.89 -5.17
C GLN D 328 -40.89 20.18 -4.48
C1 OXL E . 22.72 16.50 -2.41
C2 OXL E . 21.40 17.02 -2.12
O1 OXL E . 23.05 16.31 -3.60
O2 OXL E . 20.91 17.91 -2.86
O3 OXL E . 23.50 16.12 -1.37
O4 OXL E . 20.74 16.55 -1.18
PA A3D F . 27.46 7.75 2.89
O1A A3D F . 26.54 7.40 3.91
O2A A3D F . 28.74 8.40 3.29
O5B A3D F . 27.77 6.42 2.12
C5B A3D F . 28.59 6.36 0.93
C4B A3D F . 29.02 4.89 1.12
O4B A3D F . 29.83 4.39 -0.03
C3B A3D F . 29.92 4.56 2.38
O3B A3D F . 29.34 3.46 3.08
C2B A3D F . 31.30 4.26 1.77
O2B A3D F . 32.06 3.33 2.50
C1B A3D F . 30.93 3.68 0.43
N9A A3D F . 32.03 3.66 -0.51
C8A A3D F . 33.13 4.48 -0.71
N7A A3D F . 33.92 4.07 -1.69
C5A A3D F . 33.29 2.92 -2.14
C6A A3D F . 33.65 2.02 -3.18
N6A A3D F . 34.73 2.11 -3.98
N1A A3D F . 32.80 0.92 -3.41
C2A A3D F . 31.64 0.72 -2.63
N3A A3D F . 31.27 1.58 -1.61
C4A A3D F . 32.13 2.66 -1.41
O3 A3D F . 26.73 8.68 1.86
PN A3D F . 25.24 8.77 1.34
O1N A3D F . 24.43 9.63 2.19
O2N A3D F . 24.75 7.38 1.19
O5D A3D F . 25.47 9.52 -0.04
C5D A3D F . 26.07 8.76 -1.15
C4D A3D F . 26.33 9.67 -2.33
O4D A3D F . 25.10 10.23 -2.88
C3D A3D F . 27.26 10.92 -2.09
O3D A3D F . 28.22 11.05 -3.16
C2D A3D F . 26.25 12.05 -2.01
O2D A3D F . 26.81 13.33 -2.28
C1D A3D F . 25.32 11.66 -3.05
N1N A3D F . 23.97 12.27 -3.04
C2N A3D F . 23.36 12.65 -4.24
C3N A3D F . 22.11 13.23 -4.20
C7N A3D F . 21.43 13.65 -5.51
O7N A3D F . 20.34 14.16 -5.42
C8N A3D F . 22.10 13.44 -6.86
C4N A3D F . 21.41 13.45 -2.92
C5N A3D F . 22.08 13.06 -1.72
C6N A3D F . 23.36 12.46 -1.76
C1 OXL G . -19.06 -20.51 -2.97
C2 OXL G . -18.73 -19.85 -1.71
O1 OXL G . -18.46 -21.55 -3.29
O2 OXL G . -18.26 -20.51 -0.77
O3 OXL G . -19.96 -19.93 -3.78
O4 OXL G . -18.86 -18.62 -1.60
PA A3D H . -20.75 -15.16 -12.73
O1A A3D H . -20.86 -13.83 -12.31
O2A A3D H . -22.01 -15.89 -13.14
O5B A3D H . -19.73 -15.20 -13.92
C5B A3D H . -19.33 -16.45 -14.53
C4B A3D H . -18.96 -15.88 -15.92
O4B A3D H . -18.41 -16.94 -16.80
C3B A3D H . -20.13 -15.26 -16.78
O3B A3D H . -19.69 -14.00 -17.26
C2B A3D H . -20.36 -16.30 -17.88
O2B A3D H . -20.84 -15.76 -19.09
C1B A3D H . -18.99 -16.89 -18.08
N9A A3D H . -19.00 -18.15 -18.80
C8A A3D H . -19.93 -19.18 -18.88
N7A A3D H . -19.56 -20.17 -19.68
C5A A3D H . -18.32 -19.75 -20.14
C6A A3D H . -17.43 -20.39 -21.01
N6A A3D H . -17.63 -21.58 -21.61
N1A A3D H . -16.22 -19.74 -21.30
C2A A3D H . -15.92 -18.49 -20.74
N3A A3D H . -16.78 -17.84 -19.87
C4A A3D H . -17.97 -18.51 -19.60
O3 A3D H . -20.03 -16.01 -11.58
PN A3D H . -19.02 -15.64 -10.41
O1N A3D H . -19.74 -15.03 -9.28
O2N A3D H . -17.96 -14.84 -11.04
O5D A3D H . -18.50 -17.07 -9.95
C5D A3D H . -17.84 -17.90 -10.95
C4D A3D H . -17.68 -19.31 -10.45
O4D A3D H . -16.91 -19.38 -9.22
C3D A3D H . -18.98 -20.13 -10.15
O3D A3D H . -18.81 -21.47 -10.65
C2D A3D H . -19.06 -20.06 -8.63
O2D A3D H . -19.89 -21.02 -8.00
C1D A3D H . -17.65 -20.22 -8.29
N1N A3D H . -17.21 -19.80 -6.95
C2N A3D H . -16.25 -20.55 -6.24
C3N A3D H . -15.86 -20.12 -4.99
C7N A3D H . -14.82 -20.96 -4.21
O7N A3D H . -14.53 -20.56 -3.12
C8N A3D H . -14.22 -22.21 -4.80
C4N A3D H . -16.42 -18.90 -4.38
C5N A3D H . -17.40 -18.17 -5.13
C6N A3D H . -17.81 -18.60 -6.43
C1 OXL I . 18.76 -3.37 20.89
C2 OXL I . 18.44 -4.38 19.88
O1 OXL I . 18.08 -3.30 21.92
O2 OXL I . 17.99 -5.48 20.23
O3 OXL I . 19.76 -2.51 20.65
O4 OXL I . 18.58 -4.11 18.68
PA A3D J . 20.60 7.59 18.54
O1A A3D J . 20.68 7.60 17.11
O2A A3D J . 21.89 7.78 19.31
O5B A3D J . 19.56 8.73 18.97
C5B A3D J . 19.16 8.93 20.34
C4B A3D J . 18.77 10.42 20.17
O4B A3D J . 18.21 10.99 21.44
C3B A3D J . 19.94 11.42 19.82
O3B A3D J . 19.48 12.27 18.77
C2B A3D J . 20.20 12.15 21.14
O2B A3D J . 20.77 13.45 21.01
C1B A3D J . 18.79 12.23 21.71
N9A A3D J . 18.76 12.61 23.11
C8A A3D J . 19.66 12.45 24.15
N7A A3D J . 19.24 12.96 25.31
C5A A3D J . 17.99 13.48 24.99
C6A A3D J . 17.06 14.16 25.80
N6A A3D J . 17.19 14.45 27.11
N1A A3D J . 15.86 14.58 25.18
C2A A3D J . 15.62 14.33 23.82
N3A A3D J . 16.52 13.66 23.01
C4A A3D J . 17.70 13.26 23.63
O3 A3D J . 19.93 6.25 19.00
PN A3D J . 18.86 5.29 18.32
O1N A3D J . 19.52 4.39 17.38
O2N A3D J . 17.81 6.19 17.77
O5D A3D J . 18.37 4.46 19.57
C5D A3D J . 17.51 5.13 20.54
C4D A3D J . 17.34 4.27 21.78
O4D A3D J . 16.60 3.04 21.51
C3D A3D J . 18.64 3.80 22.51
O3D A3D J . 18.52 3.98 23.93
C2D A3D J . 18.75 2.33 22.10
O2D A3D J . 19.52 1.54 22.99
C1D A3D J . 17.33 1.93 22.10
N1N A3D J . 16.91 0.77 21.29
C2N A3D J . 15.97 -0.13 21.80
C3N A3D J . 15.59 -1.21 21.02
C7N A3D J . 14.56 -2.18 21.60
O7N A3D J . 14.25 -3.11 20.92
C8N A3D J . 13.97 -1.96 22.97
C4N A3D J . 16.16 -1.43 19.69
C5N A3D J . 17.14 -0.50 19.22
C6N A3D J . 17.53 0.62 20.00
C1 OXL K . -22.50 7.52 -15.42
C2 OXL K . -21.12 7.43 -15.88
O1 OXL K . -22.89 8.56 -14.85
O2 OXL K . -20.59 8.42 -16.39
O3 OXL K . -23.29 6.45 -15.57
O4 OXL K . -20.48 6.37 -15.75
PA A3D L . -27.44 -0.02 -8.55
O1A A3D L . -26.54 -1.09 -8.61
O2A A3D L . -28.77 -0.16 -9.23
O5B A3D L . -27.70 0.31 -7.02
C5B A3D L . -28.52 1.44 -6.63
C4B A3D L . -28.95 0.88 -5.25
O4B A3D L . -29.79 1.88 -4.49
C3B A3D L . -29.86 -0.41 -5.26
O3B A3D L . -29.34 -1.34 -4.31
C2B A3D L . -31.24 0.11 -4.92
O2B A3D L . -32.06 -0.85 -4.30
C1B A3D L . -30.90 1.24 -3.95
N9A A3D L . -32.04 2.13 -3.68
C8A A3D L . -33.11 2.55 -4.44
N7A A3D L . -33.94 3.35 -3.79
C5A A3D L . -33.37 3.46 -2.53
C6A A3D L . -33.79 4.17 -1.41
N6A A3D L . -34.90 4.94 -1.32
N1A A3D L . -33.00 4.10 -0.25
C2A A3D L . -31.82 3.33 -0.23
N3A A3D L . -31.39 2.60 -1.33
C4A A3D L . -32.19 2.70 -2.46
O3 A3D L . -26.73 1.25 -9.11
PN A3D L . -25.26 1.77 -9.03
O1N A3D L . -24.43 1.16 -10.07
O2N A3D L . -24.83 1.56 -7.61
O5D A3D L . -25.43 3.31 -9.36
C5D A3D L . -25.97 4.15 -8.28
C4D A3D L . -26.24 5.55 -8.79
O4D A3D L . -25.03 6.21 -9.22
C3D A3D L . -27.23 5.68 -9.99
O3D A3D L . -28.14 6.79 -9.78
C2D A3D L . -26.28 5.91 -11.16
O2D A3D L . -26.90 6.58 -12.24
C1D A3D L . -25.27 6.75 -10.53
N1N A3D L . -23.92 6.82 -11.12
C2N A3D L . -23.26 8.07 -11.17
C3N A3D L . -22.00 8.13 -11.72
C7N A3D L . -21.32 9.50 -11.77
O7N A3D L . -20.22 9.52 -12.26
C8N A3D L . -22.00 10.76 -11.25
C4N A3D L . -21.33 6.92 -12.23
C5N A3D L . -22.04 5.68 -12.16
C6N A3D L . -23.36 5.61 -11.60
#